data_9JCU
#
_entry.id   9JCU
#
_cell.length_a   147.114
_cell.length_b   144.409
_cell.length_c   134.523
_cell.angle_alpha   90.000
_cell.angle_beta   90.000
_cell.angle_gamma   90.000
#
_symmetry.space_group_name_H-M   'P 21 21 2'
#
_entity_poly.entity_id   1
_entity_poly.type   'polypeptide(L)'
_entity_poly.pdbx_seq_one_letter_code
;QRKLEALIRDPRSPINVESLLDGLNSLVLDLDFPALRKNKNIDNFLNRYEKIVKKIRGLQMKAEDYDVVKVIGRGAFGEV
QLVRHKASQKVYAMKLLSKFEMIKRSDSAFFWEERDIMAFANSPWVVQLFCAFQDDKYLYMVMEYMPGGDLVNLMSNYDV
PEKWAKFYTAEVVLALDAIHSMGLIHRDVKPDNMLLDKHGHLKLADFGTCMKMDETGMVHCDTAVGTPDYISPEVLKSQG
GDGYYGRECDWWSVGVFLFEMLVGDTPFYADSLVGTYSKIMDHKNSLCFPEDAEISKHAKNLICAFLTDREVRLGRNGVE
EIKQHPFFKNDQWNWDNIRETAAPVVPELSSDIDSSNFDDIEDDKGDVETFPIPKAFVGNQLPFIGFTYYR
;
_entity_poly.pdbx_strand_id   A,B,C,D
#
# COMPACT_ATOMS: atom_id res chain seq x y z
N GLN A 1 -16.28 11.52 -37.93
CA GLN A 1 -17.07 11.79 -36.73
C GLN A 1 -17.90 13.06 -36.90
N ARG A 2 -17.74 13.69 -38.07
CA ARG A 2 -18.09 15.09 -38.31
C ARG A 2 -19.30 15.61 -37.53
N LYS A 3 -20.51 15.38 -38.03
CA LYS A 3 -21.70 16.02 -37.48
C LYS A 3 -22.05 15.54 -36.07
N LEU A 4 -21.45 14.44 -35.59
CA LEU A 4 -21.89 13.84 -34.34
C LEU A 4 -21.66 14.78 -33.17
N GLU A 5 -20.41 15.21 -32.97
CA GLU A 5 -20.12 16.14 -31.87
C GLU A 5 -20.96 17.40 -31.97
N ALA A 6 -21.39 17.77 -33.16
CA ALA A 6 -22.23 18.95 -33.33
C ALA A 6 -23.62 18.73 -32.76
N LEU A 7 -24.22 17.57 -33.02
CA LEU A 7 -25.50 17.24 -32.41
C LEU A 7 -25.38 17.22 -30.89
N ILE A 8 -24.27 16.70 -30.37
CA ILE A 8 -24.07 16.67 -28.93
C ILE A 8 -23.81 18.06 -28.39
N ARG A 9 -23.21 18.95 -29.20
CA ARG A 9 -22.83 20.26 -28.70
C ARG A 9 -24.05 21.16 -28.54
N ASP A 10 -24.89 21.24 -29.58
CA ASP A 10 -26.06 22.11 -29.62
C ASP A 10 -26.88 21.98 -28.34
N PRO A 11 -26.96 23.04 -27.53
CA PRO A 11 -27.66 22.94 -26.25
C PRO A 11 -29.17 22.83 -26.39
N ARG A 12 -29.70 23.01 -27.59
CA ARG A 12 -31.12 22.77 -27.87
C ARG A 12 -31.38 21.36 -28.37
N SER A 13 -30.33 20.60 -28.65
CA SER A 13 -30.47 19.24 -29.16
C SER A 13 -30.94 18.29 -28.06
N PRO A 14 -31.69 17.25 -28.40
CA PRO A 14 -32.16 16.30 -27.38
C PRO A 14 -31.12 15.27 -26.97
N ILE A 15 -29.94 15.28 -27.57
CA ILE A 15 -28.89 14.34 -27.20
C ILE A 15 -27.61 15.10 -26.91
N ASN A 16 -27.73 16.27 -26.29
CA ASN A 16 -26.55 16.89 -25.71
C ASN A 16 -26.16 16.15 -24.43
N VAL A 17 -25.03 16.58 -23.85
CA VAL A 17 -24.46 15.81 -22.73
C VAL A 17 -25.45 15.72 -21.57
N GLU A 18 -26.04 16.85 -21.19
CA GLU A 18 -26.93 16.83 -20.03
C GLU A 18 -28.22 16.06 -20.29
N SER A 19 -28.56 15.83 -21.55
CA SER A 19 -29.65 14.89 -21.84
C SER A 19 -29.17 13.45 -21.74
N LEU A 20 -27.97 13.17 -22.25
CA LEU A 20 -27.38 11.84 -22.09
C LEU A 20 -27.22 11.49 -20.61
N LEU A 21 -26.83 12.47 -19.79
CA LEU A 21 -26.74 12.24 -18.35
C LEU A 21 -28.12 12.00 -17.76
N ASP A 22 -29.09 12.83 -18.13
CA ASP A 22 -30.47 12.61 -17.70
C ASP A 22 -30.94 11.21 -18.08
N GLY A 23 -30.68 10.80 -19.32
CA GLY A 23 -31.07 9.49 -19.80
C GLY A 23 -30.50 8.37 -18.96
N LEU A 24 -29.17 8.34 -18.83
CA LEU A 24 -28.53 7.31 -18.03
C LEU A 24 -28.98 7.39 -16.57
N ASN A 25 -29.15 8.61 -16.05
CA ASN A 25 -29.57 8.78 -14.66
C ASN A 25 -31.00 8.26 -14.46
N SER A 26 -31.88 8.51 -15.43
CA SER A 26 -33.24 8.01 -15.35
C SER A 26 -33.28 6.49 -15.42
N LEU A 27 -32.53 5.91 -16.37
CA LEU A 27 -32.53 4.46 -16.56
C LEU A 27 -32.14 3.73 -15.29
N VAL A 28 -31.19 4.30 -14.52
CA VAL A 28 -30.80 3.69 -13.26
C VAL A 28 -31.98 3.64 -12.30
N LEU A 29 -32.67 4.77 -12.13
CA LEU A 29 -33.76 4.83 -11.17
C LEU A 29 -34.87 3.85 -11.51
N ASP A 30 -35.15 3.65 -12.80
CA ASP A 30 -36.22 2.77 -13.22
C ASP A 30 -35.85 1.29 -13.13
N LEU A 31 -34.59 0.97 -12.82
CA LEU A 31 -34.15 -0.41 -12.70
C LEU A 31 -33.76 -0.81 -11.29
N ASP A 32 -33.56 0.14 -10.37
CA ASP A 32 -33.10 -0.18 -9.02
C ASP A 32 -34.31 -0.36 -8.11
N PHE A 33 -34.92 -1.54 -8.23
CA PHE A 33 -35.96 -2.02 -7.34
C PHE A 33 -35.67 -3.51 -7.20
N PRO A 34 -35.79 -4.07 -5.99
CA PRO A 34 -35.26 -5.43 -5.77
C PRO A 34 -36.02 -6.51 -6.54
N ALA A 35 -37.14 -6.18 -7.17
CA ALA A 35 -37.82 -7.14 -8.04
C ALA A 35 -37.11 -7.25 -9.38
N LEU A 36 -36.76 -6.10 -9.98
CA LEU A 36 -36.16 -6.10 -11.31
C LEU A 36 -34.75 -6.69 -11.30
N ARG A 37 -34.06 -6.63 -10.15
CA ARG A 37 -32.70 -7.13 -10.06
C ARG A 37 -32.59 -8.65 -10.13
N LYS A 38 -33.72 -9.36 -10.09
CA LYS A 38 -33.67 -10.81 -10.31
C LYS A 38 -33.15 -11.14 -11.69
N ASN A 39 -33.25 -10.20 -12.63
CA ASN A 39 -32.74 -10.38 -13.99
C ASN A 39 -31.23 -10.21 -14.00
N LYS A 40 -30.53 -11.19 -14.58
CA LYS A 40 -29.07 -11.19 -14.63
C LYS A 40 -28.51 -9.89 -15.17
N ASN A 41 -28.96 -9.48 -16.36
CA ASN A 41 -28.35 -8.34 -17.04
C ASN A 41 -28.60 -7.04 -16.30
N ILE A 42 -29.80 -6.87 -15.73
CA ILE A 42 -30.13 -5.63 -15.03
C ILE A 42 -29.24 -5.45 -13.80
N ASP A 43 -28.96 -6.55 -13.10
CA ASP A 43 -28.17 -6.44 -11.87
C ASP A 43 -26.73 -6.05 -12.17
N ASN A 44 -26.08 -6.75 -13.11
CA ASN A 44 -24.71 -6.42 -13.48
C ASN A 44 -24.59 -4.97 -13.89
N PHE A 45 -25.54 -4.47 -14.69
CA PHE A 45 -25.50 -3.08 -15.14
C PHE A 45 -25.45 -2.11 -13.97
N LEU A 46 -26.38 -2.28 -13.01
CA LEU A 46 -26.41 -1.39 -11.86
C LEU A 46 -25.11 -1.48 -11.05
N ASN A 47 -24.60 -2.70 -10.86
CA ASN A 47 -23.42 -2.87 -10.02
C ASN A 47 -22.22 -2.11 -10.57
N ARG A 48 -22.08 -2.00 -11.88
CA ARG A 48 -20.96 -1.25 -12.43
C ARG A 48 -21.21 0.25 -12.36
N TYR A 49 -22.34 0.71 -12.91
CA TYR A 49 -22.58 2.14 -13.05
C TYR A 49 -23.19 2.78 -11.81
N GLU A 50 -23.50 2.02 -10.76
CA GLU A 50 -24.10 2.62 -9.56
C GLU A 50 -23.15 3.62 -8.91
N LYS A 51 -21.92 3.18 -8.65
CA LYS A 51 -20.92 4.02 -7.98
C LYS A 51 -20.79 5.37 -8.67
N ILE A 52 -20.36 5.36 -9.94
CA ILE A 52 -20.08 6.59 -10.66
C ILE A 52 -21.33 7.44 -10.87
N VAL A 53 -22.53 6.83 -10.81
CA VAL A 53 -23.75 7.60 -11.04
C VAL A 53 -24.04 8.52 -9.85
N LYS A 54 -23.79 8.03 -8.63
CA LYS A 54 -24.02 8.90 -7.47
C LYS A 54 -22.96 9.99 -7.36
N LYS A 55 -21.74 9.73 -7.87
CA LYS A 55 -20.73 10.79 -7.93
C LYS A 55 -21.18 11.91 -8.88
N ILE A 56 -21.82 11.55 -10.00
CA ILE A 56 -22.36 12.55 -10.92
C ILE A 56 -23.43 13.37 -10.22
N ARG A 57 -24.48 12.71 -9.73
CA ARG A 57 -25.57 13.37 -9.03
C ARG A 57 -25.03 14.31 -7.96
N GLY A 58 -23.85 14.01 -7.43
CA GLY A 58 -23.24 14.90 -6.46
C GLY A 58 -22.73 16.20 -7.08
N LEU A 59 -22.14 16.11 -8.28
CA LEU A 59 -21.51 17.28 -8.90
C LEU A 59 -22.47 18.11 -9.75
N GLN A 60 -23.65 17.60 -10.08
CA GLN A 60 -24.46 18.19 -11.15
C GLN A 60 -25.13 19.49 -10.75
N MET A 61 -26.21 19.39 -9.99
CA MET A 61 -27.07 20.48 -9.58
C MET A 61 -28.15 19.87 -8.71
N LYS A 62 -28.34 20.39 -7.51
CA LYS A 62 -29.02 19.62 -6.48
C LYS A 62 -29.68 20.60 -5.51
N ALA A 63 -30.76 20.15 -4.87
CA ALA A 63 -31.44 20.99 -3.89
C ALA A 63 -30.50 21.41 -2.77
N GLU A 64 -29.50 20.59 -2.46
CA GLU A 64 -28.54 20.92 -1.40
C GLU A 64 -27.64 22.09 -1.78
N ASP A 65 -27.50 22.40 -3.07
CA ASP A 65 -26.74 23.58 -3.48
C ASP A 65 -27.38 24.87 -3.03
N TYR A 66 -28.64 24.84 -2.58
CA TYR A 66 -29.41 26.02 -2.24
C TYR A 66 -29.84 25.99 -0.78
N ASP A 67 -30.00 27.17 -0.21
CA ASP A 67 -30.55 27.33 1.14
C ASP A 67 -32.01 27.75 1.04
N VAL A 68 -32.89 27.04 1.73
CA VAL A 68 -34.29 27.43 1.78
C VAL A 68 -34.43 28.55 2.81
N VAL A 69 -34.67 29.76 2.33
CA VAL A 69 -34.84 30.92 3.22
C VAL A 69 -36.25 30.92 3.80
N LYS A 70 -37.25 31.05 2.94
CA LYS A 70 -38.64 31.08 3.36
C LYS A 70 -39.49 30.51 2.23
N VAL A 71 -40.64 29.95 2.60
CA VAL A 71 -41.58 29.42 1.62
C VAL A 71 -42.57 30.53 1.25
N ILE A 72 -42.56 30.93 -0.02
CA ILE A 72 -43.42 32.01 -0.48
C ILE A 72 -44.61 31.50 -1.28
N GLY A 73 -44.72 30.19 -1.53
CA GLY A 73 -45.85 29.70 -2.29
C GLY A 73 -46.04 28.20 -2.21
N ARG A 74 -47.26 27.80 -2.58
CA ARG A 74 -47.69 26.41 -2.77
C ARG A 74 -49.10 26.45 -3.35
N GLY A 75 -49.36 25.76 -4.45
CA GLY A 75 -48.39 24.95 -5.15
C GLY A 75 -49.04 23.75 -5.84
N ALA A 76 -49.70 22.93 -5.02
CA ALA A 76 -50.46 21.75 -5.47
C ALA A 76 -49.58 20.66 -6.06
N PHE A 77 -48.49 21.05 -6.73
CA PHE A 77 -47.45 20.13 -7.15
C PHE A 77 -46.19 20.25 -6.30
N GLY A 78 -46.07 21.29 -5.50
CA GLY A 78 -44.85 21.55 -4.78
C GLY A 78 -44.91 22.93 -4.16
N GLU A 79 -43.74 23.46 -3.84
CA GLU A 79 -43.66 24.74 -3.15
C GLU A 79 -43.00 25.80 -4.04
N VAL A 80 -43.15 27.04 -3.60
CA VAL A 80 -42.34 28.16 -4.07
C VAL A 80 -41.51 28.60 -2.88
N GLN A 81 -40.22 28.32 -2.91
CA GLN A 81 -39.33 28.67 -1.82
C GLN A 81 -38.30 29.69 -2.27
N LEU A 82 -38.05 30.67 -1.42
CA LEU A 82 -36.99 31.65 -1.65
C LEU A 82 -35.65 31.01 -1.29
N VAL A 83 -34.75 30.92 -2.27
CA VAL A 83 -33.52 30.15 -2.10
C VAL A 83 -32.31 31.06 -2.33
N ARG A 84 -31.18 30.63 -1.76
CA ARG A 84 -29.90 31.31 -1.93
C ARG A 84 -28.85 30.26 -2.29
N HIS A 85 -28.49 30.22 -3.57
CA HIS A 85 -27.45 29.32 -4.07
C HIS A 85 -26.16 29.56 -3.30
N LYS A 86 -25.83 28.64 -2.38
CA LYS A 86 -24.72 28.83 -1.45
C LYS A 86 -23.44 29.23 -2.17
N ALA A 87 -23.15 28.60 -3.30
CA ALA A 87 -21.91 28.87 -4.02
C ALA A 87 -21.86 30.32 -4.51
N SER A 88 -22.94 30.78 -5.13
CA SER A 88 -22.96 32.11 -5.74
C SER A 88 -23.47 33.20 -4.79
N GLN A 89 -23.97 32.84 -3.62
CA GLN A 89 -24.64 33.77 -2.69
C GLN A 89 -25.86 34.43 -3.31
N LYS A 90 -26.25 34.05 -4.52
CA LYS A 90 -27.32 34.70 -5.25
C LYS A 90 -28.68 34.21 -4.76
N VAL A 91 -29.69 35.06 -4.88
CA VAL A 91 -31.04 34.75 -4.44
C VAL A 91 -31.90 34.40 -5.65
N TYR A 92 -32.74 33.37 -5.49
CA TYR A 92 -33.63 32.93 -6.54
C TYR A 92 -34.96 32.51 -5.93
N ALA A 93 -35.94 32.30 -6.80
CA ALA A 93 -37.19 31.66 -6.44
C ALA A 93 -37.25 30.31 -7.12
N MET A 94 -37.52 29.26 -6.35
CA MET A 94 -37.48 27.89 -6.84
C MET A 94 -38.85 27.25 -6.73
N LYS A 95 -39.35 26.73 -7.84
CA LYS A 95 -40.60 25.98 -7.86
C LYS A 95 -40.27 24.50 -7.86
N LEU A 96 -40.77 23.78 -6.86
CA LEU A 96 -40.72 22.34 -6.84
C LEU A 96 -41.92 21.78 -7.59
N LEU A 97 -41.69 20.77 -8.41
CA LEU A 97 -42.75 20.12 -9.18
C LEU A 97 -42.64 18.62 -8.92
N SER A 98 -43.55 18.11 -8.11
CA SER A 98 -43.63 16.66 -7.93
C SER A 98 -43.83 16.00 -9.28
N LYS A 99 -42.96 15.06 -9.63
CA LYS A 99 -43.26 14.11 -10.69
C LYS A 99 -44.49 13.32 -10.24
N PHE A 100 -44.84 12.25 -10.95
CA PHE A 100 -46.01 11.47 -10.55
C PHE A 100 -47.26 12.34 -10.56
N GLU A 101 -47.32 13.33 -9.65
CA GLU A 101 -48.34 14.38 -9.75
C GLU A 101 -48.27 15.09 -11.08
N MET A 102 -47.08 15.19 -11.67
CA MET A 102 -46.91 15.78 -12.99
C MET A 102 -47.40 14.86 -14.10
N ILE A 103 -47.82 13.64 -13.79
CA ILE A 103 -48.52 12.80 -14.79
C ILE A 103 -50.00 13.17 -14.66
N LYS A 104 -50.31 14.35 -15.21
CA LYS A 104 -51.61 14.57 -15.81
C LYS A 104 -51.85 13.43 -16.80
N ARG A 105 -53.00 12.77 -16.67
CA ARG A 105 -53.06 11.34 -16.97
C ARG A 105 -52.84 11.03 -18.44
N SER A 106 -53.40 11.81 -19.36
CA SER A 106 -53.13 11.49 -20.75
C SER A 106 -52.12 12.47 -21.35
N ASP A 107 -52.03 12.46 -22.68
CA ASP A 107 -50.73 12.58 -23.37
C ASP A 107 -49.96 13.82 -22.98
N SER A 108 -48.63 13.70 -23.07
CA SER A 108 -47.70 14.54 -22.34
C SER A 108 -46.74 15.29 -23.25
N ALA A 109 -45.83 14.58 -23.95
CA ALA A 109 -44.59 15.12 -24.50
C ALA A 109 -43.69 15.34 -23.28
N PHE A 110 -42.55 16.06 -23.26
CA PHE A 110 -42.04 17.26 -23.97
C PHE A 110 -43.03 18.41 -24.27
N PHE A 111 -43.82 19.00 -23.34
CA PHE A 111 -43.86 19.05 -21.84
C PHE A 111 -43.20 20.36 -21.42
N TRP A 112 -41.88 20.34 -21.29
CA TRP A 112 -41.15 21.57 -21.54
C TRP A 112 -41.04 21.72 -23.04
N GLU A 113 -40.47 22.86 -23.48
CA GLU A 113 -40.36 23.36 -24.85
C GLU A 113 -40.96 24.75 -24.89
N GLU A 114 -42.20 24.85 -24.41
CA GLU A 114 -42.78 26.16 -24.11
C GLU A 114 -41.84 26.96 -23.22
N ARG A 115 -41.49 26.42 -22.06
CA ARG A 115 -40.57 27.12 -21.18
C ARG A 115 -39.18 27.22 -21.79
N ASP A 116 -38.81 26.28 -22.65
CA ASP A 116 -37.53 26.37 -23.37
C ASP A 116 -37.52 27.58 -24.29
N ILE A 117 -38.52 27.70 -25.16
CA ILE A 117 -38.53 28.78 -26.14
C ILE A 117 -38.76 30.14 -25.48
N MET A 118 -39.27 30.16 -24.25
CA MET A 118 -39.31 31.42 -23.50
C MET A 118 -37.92 31.81 -23.00
N ALA A 119 -37.25 30.87 -22.31
CA ALA A 119 -35.93 31.15 -21.75
C ALA A 119 -34.97 31.65 -22.82
N PHE A 120 -34.96 30.99 -23.97
CA PHE A 120 -34.09 31.37 -25.08
C PHE A 120 -34.55 32.63 -25.78
N ALA A 121 -35.59 33.29 -25.29
CA ALA A 121 -36.01 34.60 -25.80
C ALA A 121 -35.66 35.74 -24.86
N ASN A 122 -35.69 35.50 -23.54
CA ASN A 122 -35.19 36.44 -22.54
C ASN A 122 -35.92 37.80 -22.63
N SER A 123 -37.23 37.74 -22.72
CA SER A 123 -38.02 38.96 -22.69
C SER A 123 -38.01 39.53 -21.27
N PRO A 124 -37.87 40.85 -21.13
CA PRO A 124 -37.95 41.46 -19.79
C PRO A 124 -39.36 41.59 -19.26
N TRP A 125 -40.35 41.02 -19.94
CA TRP A 125 -41.72 40.96 -19.43
C TRP A 125 -42.08 39.57 -18.90
N VAL A 126 -41.16 38.62 -18.96
CA VAL A 126 -41.44 37.24 -18.55
C VAL A 126 -40.46 36.86 -17.46
N VAL A 127 -40.98 36.44 -16.30
CA VAL A 127 -40.16 35.91 -15.23
C VAL A 127 -39.21 34.88 -15.82
N GLN A 128 -37.93 34.97 -15.45
CA GLN A 128 -36.85 34.37 -16.21
C GLN A 128 -36.35 33.10 -15.55
N LEU A 129 -36.19 32.06 -16.35
CA LEU A 129 -35.60 30.81 -15.90
C LEU A 129 -34.09 30.88 -16.04
N PHE A 130 -33.38 30.53 -14.97
CA PHE A 130 -31.92 30.46 -15.00
C PHE A 130 -31.44 29.01 -15.07
N CYS A 131 -31.75 28.23 -14.05
CA CYS A 131 -31.38 26.83 -13.99
C CYS A 131 -32.62 25.97 -13.81
N ALA A 132 -32.55 24.74 -14.30
CA ALA A 132 -33.65 23.79 -14.17
C ALA A 132 -33.07 22.39 -14.11
N PHE A 133 -33.33 21.68 -13.01
CA PHE A 133 -32.73 20.39 -12.75
C PHE A 133 -33.76 19.48 -12.08
N GLN A 134 -33.39 18.23 -11.86
CA GLN A 134 -34.31 17.23 -11.36
C GLN A 134 -33.58 16.22 -10.49
N ASP A 135 -34.35 15.53 -9.65
CA ASP A 135 -33.87 14.32 -9.00
C ASP A 135 -34.91 13.21 -9.16
N ASP A 136 -34.95 12.27 -8.22
CA ASP A 136 -35.88 11.16 -8.37
C ASP A 136 -37.33 11.57 -8.13
N LYS A 137 -37.56 12.56 -7.27
CA LYS A 137 -38.92 12.88 -6.84
C LYS A 137 -39.45 14.22 -7.37
N TYR A 138 -38.58 15.15 -7.76
CA TYR A 138 -39.05 16.47 -8.16
C TYR A 138 -38.36 16.96 -9.42
N LEU A 139 -39.07 17.81 -10.14
CA LEU A 139 -38.48 18.78 -11.06
C LEU A 139 -38.25 20.07 -10.30
N TYR A 140 -37.13 20.74 -10.58
CA TYR A 140 -36.79 21.99 -9.93
C TYR A 140 -36.63 23.08 -10.98
N MET A 141 -37.20 24.26 -10.70
CA MET A 141 -37.17 25.39 -11.62
C MET A 141 -36.70 26.61 -10.85
N VAL A 142 -35.52 27.12 -11.21
CA VAL A 142 -34.86 28.22 -10.51
C VAL A 142 -35.10 29.48 -11.31
N MET A 143 -35.95 30.37 -10.80
CA MET A 143 -36.37 31.58 -11.48
C MET A 143 -35.82 32.81 -10.78
N GLU A 144 -35.86 33.94 -11.49
CA GLU A 144 -35.54 35.20 -10.85
C GLU A 144 -36.61 35.55 -9.83
N TYR A 145 -36.17 36.03 -8.68
CA TYR A 145 -37.08 36.36 -7.59
C TYR A 145 -37.74 37.71 -7.86
N MET A 146 -39.03 37.80 -7.55
CA MET A 146 -39.85 38.98 -7.81
C MET A 146 -40.34 39.53 -6.47
N PRO A 147 -39.51 40.33 -5.78
CA PRO A 147 -39.80 40.67 -4.38
C PRO A 147 -40.95 41.64 -4.17
N GLY A 148 -41.60 42.11 -5.23
CA GLY A 148 -42.76 42.95 -5.08
C GLY A 148 -44.07 42.20 -4.90
N GLY A 149 -44.03 40.88 -4.93
CA GLY A 149 -45.23 40.07 -4.81
C GLY A 149 -46.04 40.07 -6.10
N ASP A 150 -47.21 39.45 -6.00
CA ASP A 150 -48.15 39.43 -7.12
C ASP A 150 -49.21 40.52 -6.96
N LEU A 151 -50.03 40.67 -7.99
CA LEU A 151 -51.02 41.74 -7.96
C LEU A 151 -52.26 41.37 -7.17
N VAL A 152 -52.44 40.09 -6.80
CA VAL A 152 -53.46 39.76 -5.81
C VAL A 152 -53.18 40.49 -4.51
N ASN A 153 -51.95 40.38 -4.02
CA ASN A 153 -51.55 41.04 -2.78
C ASN A 153 -51.60 42.56 -2.93
N LEU A 154 -51.30 43.08 -4.12
CA LEU A 154 -51.36 44.53 -4.32
C LEU A 154 -52.78 45.05 -4.19
N MET A 155 -53.72 44.41 -4.90
CA MET A 155 -55.11 44.88 -4.88
C MET A 155 -55.72 44.71 -3.50
N SER A 156 -55.31 43.68 -2.76
CA SER A 156 -55.80 43.53 -1.40
C SER A 156 -55.18 44.52 -0.43
N ASN A 157 -54.18 45.29 -0.87
CA ASN A 157 -53.48 46.24 0.00
C ASN A 157 -53.68 47.69 -0.43
N TYR A 158 -54.32 47.94 -1.57
CA TYR A 158 -54.52 49.31 -2.01
C TYR A 158 -55.87 49.45 -2.72
N ASP A 159 -56.41 50.66 -2.67
CA ASP A 159 -57.52 51.06 -3.52
C ASP A 159 -56.91 51.55 -4.84
N VAL A 160 -56.86 50.67 -5.83
CA VAL A 160 -56.16 51.00 -7.07
C VAL A 160 -56.93 52.07 -7.85
N PRO A 161 -56.34 53.24 -8.06
CA PRO A 161 -56.98 54.25 -8.91
C PRO A 161 -56.72 53.97 -10.38
N GLU A 162 -57.43 54.72 -11.22
CA GLU A 162 -57.31 54.50 -12.67
C GLU A 162 -55.92 54.88 -13.17
N LYS A 163 -55.25 55.83 -12.52
CA LYS A 163 -53.89 56.16 -12.93
C LYS A 163 -52.97 54.96 -12.82
N TRP A 164 -53.12 54.17 -11.75
CA TRP A 164 -52.35 52.94 -11.61
C TRP A 164 -52.85 51.87 -12.56
N ALA A 165 -54.17 51.78 -12.75
CA ALA A 165 -54.73 50.73 -13.57
C ALA A 165 -54.24 50.82 -15.01
N LYS A 166 -54.15 52.04 -15.55
CA LYS A 166 -53.54 52.23 -16.87
C LYS A 166 -52.17 51.56 -16.92
N PHE A 167 -51.33 51.85 -15.94
CA PHE A 167 -49.95 51.38 -15.92
C PHE A 167 -49.90 49.85 -15.92
N TYR A 168 -50.52 49.24 -14.91
CA TYR A 168 -50.43 47.79 -14.77
C TYR A 168 -51.09 47.08 -15.94
N THR A 169 -52.19 47.62 -16.46
CA THR A 169 -52.81 47.04 -17.65
C THR A 169 -51.87 47.15 -18.85
N ALA A 170 -51.24 48.31 -19.03
CA ALA A 170 -50.37 48.51 -20.17
C ALA A 170 -49.20 47.53 -20.14
N GLU A 171 -48.59 47.34 -18.98
CA GLU A 171 -47.45 46.43 -18.89
C GLU A 171 -47.87 44.98 -19.10
N VAL A 172 -49.10 44.62 -18.74
CA VAL A 172 -49.61 43.30 -19.07
C VAL A 172 -49.78 43.16 -20.57
N VAL A 173 -50.35 44.20 -21.21
CA VAL A 173 -50.53 44.18 -22.66
C VAL A 173 -49.20 44.04 -23.37
N LEU A 174 -48.18 44.76 -22.90
CA LEU A 174 -46.85 44.66 -23.50
C LEU A 174 -46.22 43.29 -23.22
N ALA A 175 -46.59 42.66 -22.11
CA ALA A 175 -46.07 41.33 -21.82
C ALA A 175 -46.75 40.28 -22.69
N LEU A 176 -48.05 40.42 -22.90
CA LEU A 176 -48.77 39.45 -23.74
C LEU A 176 -48.31 39.56 -25.19
N ASP A 177 -48.07 40.78 -25.68
CA ASP A 177 -47.55 40.92 -27.03
C ASP A 177 -46.18 40.29 -27.16
N ALA A 178 -45.37 40.37 -26.10
CA ALA A 178 -44.08 39.71 -26.11
C ALA A 178 -44.23 38.20 -26.22
N ILE A 179 -45.10 37.62 -25.40
CA ILE A 179 -45.30 36.17 -25.42
C ILE A 179 -45.91 35.73 -26.75
N HIS A 180 -46.83 36.53 -27.28
CA HIS A 180 -47.45 36.18 -28.56
C HIS A 180 -46.44 36.23 -29.68
N SER A 181 -45.47 37.15 -29.62
CA SER A 181 -44.46 37.24 -30.67
C SER A 181 -43.47 36.08 -30.62
N MET A 182 -43.36 35.39 -29.47
CA MET A 182 -42.60 34.16 -29.40
C MET A 182 -43.31 32.97 -30.02
N GLY A 183 -44.57 33.15 -30.43
CA GLY A 183 -45.37 32.05 -30.94
C GLY A 183 -46.17 31.33 -29.89
N LEU A 184 -46.37 31.92 -28.72
CA LEU A 184 -47.05 31.29 -27.61
C LEU A 184 -48.27 32.09 -27.19
N ILE A 185 -49.21 31.39 -26.55
CA ILE A 185 -50.33 32.06 -25.88
C ILE A 185 -50.42 31.51 -24.47
N HIS A 186 -50.78 32.39 -23.54
CA HIS A 186 -50.60 32.13 -22.10
C HIS A 186 -51.71 31.26 -21.55
N ARG A 187 -52.98 31.62 -21.80
CA ARG A 187 -54.18 30.89 -21.40
C ARG A 187 -54.42 30.91 -19.90
N ASP A 188 -53.65 31.68 -19.13
CA ASP A 188 -53.81 31.68 -17.68
C ASP A 188 -53.46 33.03 -17.07
N VAL A 189 -53.71 34.12 -17.81
CA VAL A 189 -53.40 35.46 -17.30
C VAL A 189 -54.35 35.78 -16.15
N LYS A 190 -53.80 35.91 -14.95
CA LYS A 190 -54.51 36.27 -13.75
C LYS A 190 -53.54 36.99 -12.83
N PRO A 191 -54.03 37.70 -11.80
CA PRO A 191 -53.10 38.47 -10.95
C PRO A 191 -52.09 37.60 -10.21
N ASP A 192 -52.35 36.30 -10.08
CA ASP A 192 -51.37 35.40 -9.48
C ASP A 192 -50.08 35.39 -10.29
N ASN A 193 -50.19 35.47 -11.62
CA ASN A 193 -49.05 35.40 -12.52
C ASN A 193 -48.42 36.75 -12.82
N MET A 194 -49.02 37.84 -12.35
CA MET A 194 -48.46 39.17 -12.55
C MET A 194 -47.60 39.51 -11.34
N LEU A 195 -46.27 39.55 -11.54
CA LEU A 195 -45.33 39.70 -10.45
C LEU A 195 -44.50 40.96 -10.65
N LEU A 196 -44.18 41.62 -9.54
CA LEU A 196 -43.46 42.89 -9.55
C LEU A 196 -42.02 42.69 -9.12
N ASP A 197 -41.11 43.46 -9.70
CA ASP A 197 -39.69 43.32 -9.46
C ASP A 197 -39.21 44.32 -8.40
N LYS A 198 -37.89 44.49 -8.32
CA LYS A 198 -37.28 45.43 -7.38
C LYS A 198 -37.90 46.82 -7.46
N HIS A 199 -38.34 47.23 -8.64
CA HIS A 199 -38.75 48.60 -8.90
C HIS A 199 -40.26 48.78 -9.00
N GLY A 200 -41.04 47.72 -8.79
CA GLY A 200 -42.46 47.81 -8.94
C GLY A 200 -42.98 47.62 -10.34
N HIS A 201 -42.14 47.10 -11.25
CA HIS A 201 -42.54 46.85 -12.62
C HIS A 201 -42.91 45.37 -12.80
N LEU A 202 -43.85 45.14 -13.71
CA LEU A 202 -44.57 43.87 -13.81
C LEU A 202 -43.92 42.94 -14.82
N LYS A 203 -43.87 41.65 -14.47
CA LYS A 203 -43.53 40.58 -15.39
C LYS A 203 -44.60 39.51 -15.31
N LEU A 204 -44.78 38.77 -16.40
CA LEU A 204 -45.67 37.62 -16.42
C LEU A 204 -44.88 36.35 -16.17
N ALA A 205 -45.53 35.39 -15.51
CA ALA A 205 -44.92 34.11 -15.20
C ALA A 205 -45.79 33.00 -15.78
N ASP A 206 -45.15 31.96 -16.29
CA ASP A 206 -45.84 30.79 -16.80
C ASP A 206 -45.94 29.76 -15.69
N PHE A 207 -47.17 29.43 -15.28
CA PHE A 207 -47.40 28.33 -14.34
C PHE A 207 -47.67 27.03 -15.09
N GLY A 208 -47.01 26.83 -16.23
CA GLY A 208 -47.16 25.61 -17.00
C GLY A 208 -48.30 25.61 -18.00
N THR A 209 -48.86 26.77 -18.33
CA THR A 209 -50.02 26.83 -19.21
C THR A 209 -49.70 27.27 -20.63
N CYS A 210 -48.61 28.04 -20.82
CA CYS A 210 -48.28 28.56 -22.14
C CYS A 210 -48.19 27.44 -23.17
N MET A 211 -48.62 27.72 -24.39
CA MET A 211 -48.62 26.74 -25.45
C MET A 211 -48.26 27.39 -26.79
N LYS A 212 -47.51 26.65 -27.60
CA LYS A 212 -47.08 27.11 -28.92
C LYS A 212 -48.21 26.95 -29.94
N MET A 213 -48.30 27.91 -30.86
CA MET A 213 -49.45 28.01 -31.74
C MET A 213 -49.26 27.22 -33.04
N ASP A 214 -50.39 26.85 -33.62
CA ASP A 214 -50.55 26.41 -35.01
C ASP A 214 -49.82 27.30 -36.00
N GLU A 215 -49.89 26.95 -37.28
CA GLU A 215 -49.65 27.93 -38.32
C GLU A 215 -50.91 28.71 -38.66
N THR A 216 -52.08 28.27 -38.17
CA THR A 216 -53.26 29.14 -38.15
C THR A 216 -53.23 30.14 -37.01
N GLY A 217 -52.23 30.06 -36.12
CA GLY A 217 -52.23 30.88 -34.93
C GLY A 217 -53.12 30.35 -33.83
N MET A 218 -53.49 29.08 -33.89
CA MET A 218 -54.40 28.46 -32.94
C MET A 218 -53.63 27.50 -32.03
N VAL A 219 -54.24 27.16 -30.89
CA VAL A 219 -53.85 26.01 -30.07
C VAL A 219 -55.13 25.26 -29.74
N HIS A 220 -55.00 24.00 -29.33
CA HIS A 220 -56.14 23.10 -29.31
C HIS A 220 -56.03 22.08 -28.19
N CYS A 221 -55.42 22.47 -27.08
CA CYS A 221 -55.15 21.47 -26.07
C CYS A 221 -56.12 21.51 -24.90
N ASP A 222 -57.00 20.51 -24.89
CA ASP A 222 -57.03 19.55 -23.79
C ASP A 222 -56.85 20.12 -22.39
N THR A 223 -55.62 20.49 -22.06
CA THR A 223 -55.20 20.65 -20.68
C THR A 223 -55.69 21.96 -20.09
N ALA A 224 -56.01 21.91 -18.80
CA ALA A 224 -56.92 22.84 -18.18
C ALA A 224 -56.21 23.99 -17.47
N VAL A 225 -57.03 24.88 -16.94
CA VAL A 225 -56.79 25.54 -15.67
C VAL A 225 -58.07 25.31 -14.87
N GLY A 226 -57.93 25.17 -13.56
CA GLY A 226 -59.06 24.84 -12.71
C GLY A 226 -60.02 25.99 -12.48
N THR A 227 -59.55 27.06 -11.83
CA THR A 227 -60.54 28.06 -11.48
C THR A 227 -60.63 29.13 -12.56
N PRO A 228 -61.86 29.51 -12.92
CA PRO A 228 -62.10 30.12 -14.22
C PRO A 228 -62.40 31.61 -14.21
N ASP A 229 -62.29 32.26 -13.05
CA ASP A 229 -62.67 33.67 -12.94
C ASP A 229 -62.04 34.53 -14.03
N TYR A 230 -60.87 34.16 -14.53
CA TYR A 230 -60.16 34.94 -15.53
C TYR A 230 -60.17 34.30 -16.92
N ILE A 231 -60.87 33.21 -17.10
CA ILE A 231 -60.77 32.45 -18.34
C ILE A 231 -61.93 32.84 -19.25
N SER A 232 -61.64 32.90 -20.55
CA SER A 232 -62.55 33.34 -21.58
C SER A 232 -63.56 32.27 -21.94
N PRO A 233 -64.65 32.64 -22.63
CA PRO A 233 -65.61 31.62 -23.06
C PRO A 233 -65.05 30.60 -24.03
N GLU A 234 -64.20 31.02 -24.97
CA GLU A 234 -63.74 30.07 -25.98
C GLU A 234 -62.88 28.97 -25.37
N VAL A 235 -62.16 29.27 -24.29
CA VAL A 235 -61.37 28.24 -23.62
C VAL A 235 -62.27 27.30 -22.85
N LEU A 236 -63.27 27.84 -22.14
CA LEU A 236 -64.22 27.01 -21.41
C LEU A 236 -64.98 26.07 -22.35
N LYS A 237 -65.43 26.60 -23.50
CA LYS A 237 -66.14 25.77 -24.46
C LYS A 237 -65.31 24.58 -24.91
N SER A 238 -63.99 24.76 -24.97
CA SER A 238 -63.11 23.82 -25.65
C SER A 238 -62.54 22.73 -24.74
N GLN A 239 -62.73 22.83 -23.42
CA GLN A 239 -62.23 21.78 -22.53
C GLN A 239 -62.92 20.46 -22.81
N GLY A 240 -64.14 20.49 -23.32
CA GLY A 240 -64.80 19.26 -23.71
C GLY A 240 -64.25 18.70 -25.01
N GLY A 241 -63.88 19.58 -25.95
CA GLY A 241 -63.62 19.18 -27.33
C GLY A 241 -62.18 19.24 -27.81
N ASP A 242 -61.60 20.43 -27.88
CA ASP A 242 -60.16 20.56 -28.10
C ASP A 242 -59.62 21.96 -27.75
N GLY A 243 -60.10 23.04 -28.37
CA GLY A 243 -61.09 23.12 -29.44
C GLY A 243 -60.74 24.36 -30.23
N TYR A 244 -59.44 24.60 -30.40
CA TYR A 244 -58.95 25.69 -31.23
C TYR A 244 -59.47 27.05 -30.81
N TYR A 245 -58.72 27.72 -29.93
CA TYR A 245 -58.88 29.14 -29.69
C TYR A 245 -57.56 29.83 -30.05
N GLY A 246 -57.65 31.12 -30.35
CA GLY A 246 -56.50 31.89 -30.77
C GLY A 246 -55.86 32.64 -29.62
N ARG A 247 -54.99 33.59 -29.99
CA ARG A 247 -54.33 34.41 -28.99
C ARG A 247 -55.30 35.33 -28.26
N GLU A 248 -56.47 35.58 -28.85
CA GLU A 248 -57.38 36.55 -28.27
C GLU A 248 -58.03 36.07 -26.98
N CYS A 249 -57.78 34.82 -26.57
CA CYS A 249 -58.21 34.38 -25.25
C CYS A 249 -57.48 35.14 -24.16
N ASP A 250 -56.25 35.57 -24.42
CA ASP A 250 -55.49 36.32 -23.42
C ASP A 250 -56.05 37.72 -23.22
N TRP A 251 -56.61 38.34 -24.26
CA TRP A 251 -57.12 39.70 -24.11
C TRP A 251 -58.40 39.74 -23.29
N TRP A 252 -59.19 38.65 -23.32
CA TRP A 252 -60.30 38.54 -22.39
C TRP A 252 -59.80 38.65 -20.95
N SER A 253 -58.66 38.01 -20.65
CA SER A 253 -58.14 38.03 -19.29
C SER A 253 -57.77 39.44 -18.86
N VAL A 254 -57.21 40.25 -19.77
CA VAL A 254 -56.86 41.62 -19.43
C VAL A 254 -58.11 42.40 -19.02
N GLY A 255 -59.24 42.14 -19.68
CA GLY A 255 -60.47 42.80 -19.30
C GLY A 255 -60.93 42.42 -17.90
N VAL A 256 -60.86 41.13 -17.58
CA VAL A 256 -61.18 40.68 -16.23
C VAL A 256 -60.26 41.35 -15.21
N PHE A 257 -58.96 41.42 -15.55
CA PHE A 257 -57.99 42.07 -14.68
C PHE A 257 -58.36 43.53 -14.43
N LEU A 258 -58.74 44.25 -15.49
CA LEU A 258 -59.06 45.66 -15.32
C LEU A 258 -60.36 45.84 -14.55
N PHE A 259 -61.33 44.93 -14.71
CA PHE A 259 -62.53 45.01 -13.90
C PHE A 259 -62.21 44.84 -12.42
N GLU A 260 -61.46 43.80 -12.07
CA GLU A 260 -61.20 43.53 -10.66
C GLU A 260 -60.39 44.66 -10.03
N MET A 261 -59.48 45.26 -10.81
CA MET A 261 -58.61 46.29 -10.27
C MET A 261 -59.38 47.57 -9.95
N LEU A 262 -60.43 47.87 -10.72
CA LEU A 262 -61.21 49.08 -10.53
C LEU A 262 -62.47 48.89 -9.70
N VAL A 263 -63.02 47.68 -9.67
CA VAL A 263 -64.29 47.42 -9.02
C VAL A 263 -64.10 46.84 -7.62
N GLY A 264 -63.17 45.91 -7.45
CA GLY A 264 -62.94 45.24 -6.18
C GLY A 264 -63.23 43.75 -6.22
N ASP A 265 -64.11 43.32 -7.13
CA ASP A 265 -64.41 41.91 -7.33
C ASP A 265 -64.24 41.58 -8.80
N THR A 266 -64.08 40.29 -9.08
CA THR A 266 -64.06 39.82 -10.45
C THR A 266 -65.45 39.98 -11.07
N PRO A 267 -65.54 40.09 -12.41
CA PRO A 267 -66.85 40.39 -13.00
C PRO A 267 -67.85 39.28 -12.84
N PHE A 268 -67.40 38.02 -12.92
CA PHE A 268 -68.29 36.88 -12.91
C PHE A 268 -68.13 36.07 -11.63
N TYR A 269 -67.85 36.74 -10.53
CA TYR A 269 -67.70 36.07 -9.25
C TYR A 269 -68.98 35.32 -8.87
N ALA A 270 -68.79 34.16 -8.25
CA ALA A 270 -69.89 33.37 -7.71
C ALA A 270 -69.32 32.44 -6.66
N ASP A 271 -70.13 32.13 -5.65
CA ASP A 271 -69.71 31.17 -4.62
C ASP A 271 -69.23 29.87 -5.26
N SER A 272 -70.05 29.30 -6.12
CA SER A 272 -69.78 28.00 -6.72
C SER A 272 -68.90 28.12 -7.95
N LEU A 273 -68.10 27.07 -8.18
CA LEU A 273 -67.40 26.95 -9.45
C LEU A 273 -68.38 26.90 -10.61
N VAL A 274 -69.50 26.19 -10.44
CA VAL A 274 -70.56 26.18 -11.45
C VAL A 274 -70.99 27.60 -11.78
N GLY A 275 -71.48 28.31 -10.77
CA GLY A 275 -72.05 29.64 -10.99
C GLY A 275 -71.14 30.58 -11.76
N THR A 276 -69.83 30.48 -11.53
CA THR A 276 -68.89 31.33 -12.26
C THR A 276 -68.82 30.91 -13.73
N TYR A 277 -68.72 29.60 -13.98
CA TYR A 277 -68.69 29.11 -15.36
C TYR A 277 -69.93 29.55 -16.12
N SER A 278 -71.12 29.29 -15.55
CA SER A 278 -72.36 29.70 -16.20
C SER A 278 -72.44 31.21 -16.37
N LYS A 279 -71.89 31.97 -15.42
CA LYS A 279 -71.91 33.43 -15.55
C LYS A 279 -70.97 33.89 -16.65
N ILE A 280 -69.80 33.24 -16.79
CA ILE A 280 -68.89 33.57 -17.87
C ILE A 280 -69.50 33.23 -19.22
N MET A 281 -70.10 32.04 -19.33
CA MET A 281 -70.78 31.65 -20.56
C MET A 281 -71.86 32.66 -20.94
N ASP A 282 -72.57 33.19 -19.94
CA ASP A 282 -73.66 34.13 -20.13
C ASP A 282 -73.19 35.57 -19.98
N HIS A 283 -72.03 35.90 -20.57
CA HIS A 283 -71.39 37.18 -20.28
C HIS A 283 -72.08 38.36 -20.95
N LYS A 284 -72.70 38.14 -22.12
CA LYS A 284 -73.45 39.21 -22.77
C LYS A 284 -74.54 39.75 -21.85
N ASN A 285 -75.02 38.93 -20.92
CA ASN A 285 -76.14 39.26 -20.05
C ASN A 285 -75.74 39.45 -18.59
N SER A 286 -74.66 38.81 -18.14
CA SER A 286 -74.31 38.85 -16.72
C SER A 286 -73.38 39.98 -16.35
N LEU A 287 -72.59 40.51 -17.28
CA LEU A 287 -71.62 41.55 -16.96
C LEU A 287 -72.31 42.85 -16.58
N CYS A 288 -71.94 43.41 -15.44
CA CYS A 288 -72.46 44.71 -15.04
C CYS A 288 -71.55 45.30 -13.97
N PHE A 289 -71.64 46.62 -13.82
CA PHE A 289 -70.83 47.38 -12.90
C PHE A 289 -71.67 47.83 -11.72
N PRO A 290 -71.18 47.68 -10.49
CA PRO A 290 -72.00 48.04 -9.31
C PRO A 290 -72.47 49.48 -9.34
N GLU A 291 -73.61 49.71 -8.70
CA GLU A 291 -74.25 51.03 -8.69
C GLU A 291 -73.29 52.11 -8.25
N ASP A 292 -72.57 51.89 -7.15
CA ASP A 292 -71.66 52.89 -6.62
C ASP A 292 -70.40 53.02 -7.47
N ALA A 293 -69.42 52.14 -7.22
CA ALA A 293 -68.06 52.18 -7.76
C ALA A 293 -67.92 53.01 -9.03
N GLU A 294 -67.49 54.26 -8.88
CA GLU A 294 -67.43 55.17 -10.01
C GLU A 294 -66.26 54.81 -10.91
N ILE A 295 -66.53 54.68 -12.20
CA ILE A 295 -65.55 54.26 -13.20
C ILE A 295 -65.70 55.14 -14.43
N SER A 296 -64.58 55.66 -14.93
CA SER A 296 -64.62 56.52 -16.11
C SER A 296 -65.24 55.80 -17.29
N LYS A 297 -65.84 56.58 -18.19
CA LYS A 297 -66.44 55.98 -19.38
C LYS A 297 -65.37 55.28 -20.22
N HIS A 298 -64.17 55.87 -20.30
CA HIS A 298 -63.10 55.25 -21.07
C HIS A 298 -62.73 53.89 -20.50
N ALA A 299 -62.60 53.80 -19.17
CA ALA A 299 -62.24 52.52 -18.55
C ALA A 299 -63.37 51.51 -18.70
N LYS A 300 -64.60 51.93 -18.42
CA LYS A 300 -65.75 51.05 -18.62
C LYS A 300 -65.85 50.60 -20.08
N ASN A 301 -65.45 51.46 -21.02
CA ASN A 301 -65.51 51.09 -22.43
C ASN A 301 -64.46 50.05 -22.77
N LEU A 302 -63.25 50.19 -22.23
CA LEU A 302 -62.18 49.23 -22.52
C LEU A 302 -62.53 47.85 -21.99
N ILE A 303 -63.01 47.78 -20.74
CA ILE A 303 -63.39 46.50 -20.14
C ILE A 303 -64.38 45.77 -21.02
N CYS A 304 -65.42 46.49 -21.47
CA CYS A 304 -66.44 45.87 -22.30
C CYS A 304 -65.90 45.53 -23.69
N ALA A 305 -64.88 46.24 -24.15
CA ALA A 305 -64.28 45.90 -25.44
C ALA A 305 -63.53 44.58 -25.36
N PHE A 306 -63.02 44.23 -24.18
CA PHE A 306 -62.34 42.96 -23.97
C PHE A 306 -63.28 41.84 -23.60
N LEU A 307 -64.38 42.14 -22.92
CA LEU A 307 -65.32 41.12 -22.45
C LEU A 307 -66.52 41.00 -23.39
N THR A 308 -66.25 40.63 -24.64
CA THR A 308 -67.28 40.31 -25.61
C THR A 308 -66.90 39.03 -26.34
N ASP A 309 -67.75 38.62 -27.27
CA ASP A 309 -67.46 37.47 -28.10
C ASP A 309 -66.13 37.66 -28.81
N ARG A 310 -65.38 36.56 -28.97
CA ARG A 310 -64.06 36.67 -29.57
C ARG A 310 -64.11 37.10 -31.03
N GLU A 311 -65.30 37.12 -31.63
CA GLU A 311 -65.47 37.66 -32.98
C GLU A 311 -65.12 39.14 -33.03
N VAL A 312 -65.62 39.92 -32.07
CA VAL A 312 -65.51 41.37 -32.10
C VAL A 312 -64.69 41.93 -30.95
N ARG A 313 -63.92 41.07 -30.26
CA ARG A 313 -63.20 41.47 -29.05
C ARG A 313 -62.04 42.40 -29.39
N LEU A 314 -61.74 43.32 -28.49
CA LEU A 314 -60.64 44.25 -28.74
C LEU A 314 -59.32 43.49 -28.85
N GLY A 315 -58.56 43.79 -29.90
CA GLY A 315 -57.23 43.26 -30.05
C GLY A 315 -57.08 42.01 -30.92
N ARG A 316 -58.10 41.62 -31.68
CA ARG A 316 -57.90 40.56 -32.66
C ARG A 316 -57.56 41.11 -34.04
N ASN A 317 -57.29 42.40 -34.14
CA ASN A 317 -56.65 42.98 -35.31
C ASN A 317 -55.17 43.24 -35.09
N GLY A 318 -54.63 42.81 -33.96
CA GLY A 318 -53.31 43.18 -33.52
C GLY A 318 -53.38 44.05 -32.27
N VAL A 319 -52.21 44.20 -31.64
CA VAL A 319 -52.14 44.93 -30.38
C VAL A 319 -52.23 46.43 -30.57
N GLU A 320 -52.01 46.93 -31.79
CA GLU A 320 -51.98 48.38 -32.01
C GLU A 320 -53.30 49.03 -31.59
N GLU A 321 -54.43 48.38 -31.87
CA GLU A 321 -55.70 48.98 -31.49
C GLU A 321 -55.96 48.93 -30.00
N ILE A 322 -55.23 48.10 -29.25
CA ILE A 322 -55.28 48.20 -27.80
C ILE A 322 -54.57 49.46 -27.32
N LYS A 323 -53.39 49.73 -27.89
CA LYS A 323 -52.63 50.92 -27.48
C LYS A 323 -53.38 52.21 -27.82
N GLN A 324 -54.15 52.23 -28.90
CA GLN A 324 -54.87 53.44 -29.29
C GLN A 324 -56.02 53.78 -28.35
N HIS A 325 -56.42 52.87 -27.46
CA HIS A 325 -57.65 53.07 -26.72
C HIS A 325 -57.54 54.31 -25.83
N PRO A 326 -58.52 55.22 -25.86
CA PRO A 326 -58.39 56.48 -25.11
C PRO A 326 -58.03 56.32 -23.64
N PHE A 327 -58.42 55.20 -23.02
CA PHE A 327 -58.10 54.96 -21.62
C PHE A 327 -56.61 55.03 -21.32
N PHE A 328 -55.75 54.84 -22.33
CA PHE A 328 -54.31 54.77 -22.13
C PHE A 328 -53.61 56.11 -22.33
N LYS A 329 -54.35 57.21 -22.47
CA LYS A 329 -53.72 58.52 -22.46
C LYS A 329 -53.27 58.87 -21.05
N ASN A 330 -52.08 59.44 -20.93
CA ASN A 330 -51.52 59.79 -19.63
C ASN A 330 -50.34 60.71 -19.83
N ASP A 331 -49.99 61.44 -18.76
CA ASP A 331 -48.89 62.38 -18.78
C ASP A 331 -47.56 61.77 -18.34
N GLN A 332 -47.53 60.47 -18.04
CA GLN A 332 -46.38 59.89 -17.37
C GLN A 332 -45.56 58.92 -18.22
N TRP A 333 -46.18 58.19 -19.14
CA TRP A 333 -45.42 57.17 -19.86
C TRP A 333 -45.90 57.05 -21.29
N ASN A 334 -44.99 56.60 -22.15
CA ASN A 334 -45.31 56.12 -23.49
C ASN A 334 -45.20 54.60 -23.51
N TRP A 335 -46.03 53.96 -24.33
CA TRP A 335 -45.82 52.54 -24.62
C TRP A 335 -44.38 52.29 -25.04
N ASP A 336 -43.78 53.30 -25.67
CA ASP A 336 -42.40 53.22 -26.13
C ASP A 336 -41.41 52.98 -24.99
N ASN A 337 -41.72 53.47 -23.77
CA ASN A 337 -40.70 53.52 -22.73
C ASN A 337 -41.22 53.22 -21.33
N ILE A 338 -42.32 52.48 -21.19
CA ILE A 338 -43.00 52.44 -19.90
C ILE A 338 -42.17 51.71 -18.84
N ARG A 339 -41.32 50.77 -19.24
CA ARG A 339 -40.61 49.98 -18.24
C ARG A 339 -39.44 50.73 -17.62
N GLU A 340 -39.18 51.96 -18.03
CA GLU A 340 -38.20 52.80 -17.37
C GLU A 340 -38.80 54.09 -16.82
N THR A 341 -40.12 54.18 -16.74
CA THR A 341 -40.77 55.21 -15.95
C THR A 341 -40.89 54.73 -14.50
N ALA A 342 -41.41 55.61 -13.65
CA ALA A 342 -41.63 55.26 -12.26
C ALA A 342 -42.91 54.43 -12.12
N ALA A 343 -42.81 53.34 -11.38
CA ALA A 343 -43.99 52.52 -11.11
C ALA A 343 -44.88 53.22 -10.08
N PRO A 344 -46.17 52.87 -10.05
CA PRO A 344 -47.03 53.44 -8.99
C PRO A 344 -46.64 52.98 -7.60
N VAL A 345 -46.35 51.70 -7.42
CA VAL A 345 -46.00 51.14 -6.12
C VAL A 345 -44.58 50.59 -6.22
N VAL A 346 -43.63 51.26 -5.60
CA VAL A 346 -42.27 50.76 -5.47
C VAL A 346 -42.16 50.04 -4.13
N PRO A 347 -41.74 48.79 -4.09
CA PRO A 347 -41.65 48.07 -2.82
C PRO A 347 -40.54 48.63 -1.94
N GLU A 348 -40.74 48.50 -0.63
CA GLU A 348 -39.84 49.08 0.38
C GLU A 348 -38.79 48.08 0.83
N LEU A 349 -38.16 47.41 -0.11
CA LEU A 349 -37.35 46.23 0.19
C LEU A 349 -36.10 46.61 0.98
N SER A 350 -35.98 46.04 2.19
CA SER A 350 -34.90 46.37 3.12
C SER A 350 -33.68 45.48 2.96
N SER A 351 -33.87 44.25 2.49
CA SER A 351 -32.76 43.33 2.23
C SER A 351 -33.05 42.59 0.93
N ASP A 352 -32.14 41.70 0.55
CA ASP A 352 -32.30 40.93 -0.67
C ASP A 352 -33.08 39.64 -0.46
N ILE A 353 -33.56 39.39 0.77
CA ILE A 353 -34.40 38.23 1.04
C ILE A 353 -35.67 38.70 1.74
N ASP A 354 -35.94 39.99 1.67
CA ASP A 354 -37.21 40.54 2.14
C ASP A 354 -38.35 39.86 1.38
N SER A 355 -39.26 39.22 2.12
CA SER A 355 -40.41 38.55 1.52
C SER A 355 -41.72 39.04 2.11
N SER A 356 -41.72 40.24 2.70
CA SER A 356 -42.93 40.78 3.32
C SER A 356 -44.07 40.97 2.33
N ASN A 357 -43.79 40.90 1.03
CA ASN A 357 -44.83 40.95 0.01
C ASN A 357 -45.32 39.57 -0.38
N PHE A 358 -45.15 38.58 0.50
CA PHE A 358 -45.67 37.23 0.29
C PHE A 358 -46.32 36.76 1.58
N ASP A 359 -47.53 36.23 1.48
CA ASP A 359 -48.23 35.71 2.64
C ASP A 359 -47.50 34.48 3.20
N ASP A 360 -47.58 34.31 4.52
CA ASP A 360 -46.98 33.16 5.15
C ASP A 360 -47.76 31.89 4.82
N ILE A 361 -47.10 30.74 4.96
CA ILE A 361 -47.65 29.47 4.51
C ILE A 361 -47.31 28.37 5.51
N GLU A 362 -48.32 27.59 5.90
CA GLU A 362 -48.17 26.52 6.86
C GLU A 362 -47.48 25.32 6.23
N ASP A 363 -47.13 24.34 7.07
CA ASP A 363 -46.25 23.25 6.69
C ASP A 363 -46.99 22.01 6.20
N ASP A 364 -48.28 22.12 5.89
CA ASP A 364 -49.07 21.01 5.34
C ASP A 364 -48.98 19.75 6.19
N ASP A 367 -44.99 13.70 4.04
CA ASP A 367 -46.38 13.79 3.60
C ASP A 367 -46.50 13.97 2.09
N VAL A 368 -45.59 13.42 1.29
CA VAL A 368 -45.74 13.48 -0.17
C VAL A 368 -45.45 12.12 -0.79
N GLU A 369 -46.53 11.35 -0.99
CA GLU A 369 -46.91 10.81 -2.28
C GLU A 369 -45.85 10.88 -3.39
N THR A 370 -45.78 9.80 -4.18
CA THR A 370 -44.74 9.58 -5.17
C THR A 370 -45.18 8.38 -6.01
N PHE A 371 -44.26 7.85 -6.82
CA PHE A 371 -44.59 6.69 -7.63
C PHE A 371 -44.77 5.45 -6.76
N PRO A 372 -45.67 4.55 -7.14
CA PRO A 372 -45.62 3.20 -6.58
C PRO A 372 -44.32 2.50 -6.97
N ILE A 373 -43.83 1.65 -6.07
CA ILE A 373 -42.71 0.77 -6.37
C ILE A 373 -43.18 -0.22 -7.43
N PRO A 374 -42.51 -0.30 -8.57
CA PRO A 374 -42.98 -1.19 -9.63
C PRO A 374 -42.59 -2.64 -9.38
N LYS A 375 -43.18 -3.52 -10.17
CA LYS A 375 -42.81 -4.93 -10.20
C LYS A 375 -42.01 -5.27 -11.46
N ALA A 376 -42.59 -5.02 -12.63
CA ALA A 376 -41.85 -5.07 -13.89
C ALA A 376 -41.51 -3.65 -14.32
N PHE A 377 -40.64 -3.55 -15.32
CA PHE A 377 -40.20 -2.25 -15.79
C PHE A 377 -41.37 -1.43 -16.33
N VAL A 378 -41.65 -0.32 -15.67
CA VAL A 378 -42.64 0.63 -16.17
C VAL A 378 -41.99 1.88 -16.74
N GLY A 379 -40.79 2.25 -16.32
CA GLY A 379 -40.05 3.37 -16.87
C GLY A 379 -40.69 4.72 -16.59
N ASN A 380 -40.89 5.04 -15.31
CA ASN A 380 -41.54 6.30 -14.95
C ASN A 380 -40.67 7.51 -15.29
N GLN A 381 -39.35 7.35 -15.31
CA GLN A 381 -38.44 8.48 -15.38
C GLN A 381 -38.13 8.92 -16.81
N LEU A 382 -38.41 8.08 -17.80
CA LEU A 382 -38.11 8.43 -19.19
C LEU A 382 -38.74 9.75 -19.67
N PRO A 383 -39.93 10.16 -19.19
CA PRO A 383 -40.49 11.45 -19.67
C PRO A 383 -39.68 12.68 -19.29
N PHE A 384 -38.68 12.57 -18.43
CA PHE A 384 -37.92 13.73 -17.98
C PHE A 384 -36.50 13.75 -18.53
N ILE A 385 -36.18 12.81 -19.40
CA ILE A 385 -34.90 12.81 -20.12
C ILE A 385 -34.87 14.03 -21.02
N GLY A 386 -33.98 14.96 -20.74
CA GLY A 386 -33.87 16.21 -21.47
C GLY A 386 -34.39 17.42 -20.72
N PHE A 387 -34.97 17.22 -19.53
CA PHE A 387 -35.54 18.34 -18.80
C PHE A 387 -34.48 19.21 -18.15
N THR A 388 -33.38 18.62 -17.68
CA THR A 388 -32.34 19.39 -17.02
C THR A 388 -31.83 20.47 -17.97
N TYR A 389 -31.64 21.68 -17.43
CA TYR A 389 -31.31 22.83 -18.23
C TYR A 389 -30.49 23.81 -17.39
N TYR A 390 -29.44 24.36 -18.02
CA TYR A 390 -28.41 25.14 -17.36
C TYR A 390 -28.21 26.40 -18.20
N ARG A 391 -28.26 27.56 -17.55
CA ARG A 391 -28.22 28.86 -18.24
C ARG A 391 -27.21 28.93 -19.38
N GLN B 1 -19.69 21.97 -11.12
CA GLN B 1 -19.67 21.72 -12.55
C GLN B 1 -18.23 21.75 -13.05
N ARG B 2 -17.29 21.31 -12.22
CA ARG B 2 -15.89 21.40 -12.59
C ARG B 2 -15.44 20.09 -13.20
N LYS B 3 -15.07 19.12 -12.37
CA LYS B 3 -14.59 17.83 -12.87
C LYS B 3 -15.73 16.88 -13.24
N LEU B 4 -16.95 17.40 -13.46
CA LEU B 4 -17.95 16.61 -14.16
C LEU B 4 -17.58 16.47 -15.63
N GLU B 5 -17.28 17.61 -16.28
CA GLU B 5 -16.78 17.56 -17.66
C GLU B 5 -15.44 16.85 -17.76
N ALA B 6 -14.65 16.83 -16.68
CA ALA B 6 -13.46 15.99 -16.67
C ALA B 6 -13.83 14.52 -16.82
N LEU B 7 -14.87 14.07 -16.11
CA LEU B 7 -15.27 12.67 -16.16
C LEU B 7 -15.71 12.28 -17.57
N ILE B 8 -16.52 13.11 -18.22
CA ILE B 8 -17.00 12.77 -19.56
C ILE B 8 -15.84 12.82 -20.56
N ARG B 9 -14.91 13.75 -20.36
CA ARG B 9 -13.84 13.96 -21.34
C ARG B 9 -12.86 12.79 -21.36
N ASP B 10 -12.36 12.40 -20.20
CA ASP B 10 -11.39 11.32 -20.07
C ASP B 10 -11.92 10.03 -20.68
N PRO B 11 -11.22 9.44 -21.66
CA PRO B 11 -11.65 8.16 -22.22
C PRO B 11 -11.30 6.96 -21.35
N ARG B 12 -10.63 7.17 -20.22
CA ARG B 12 -10.50 6.11 -19.22
C ARG B 12 -11.78 5.96 -18.41
N SER B 13 -12.55 7.04 -18.30
CA SER B 13 -13.73 7.05 -17.45
C SER B 13 -14.78 6.06 -17.96
N PRO B 14 -15.59 5.49 -17.06
CA PRO B 14 -16.63 4.56 -17.49
C PRO B 14 -17.86 5.23 -18.06
N ILE B 15 -17.93 6.56 -18.01
CA ILE B 15 -19.09 7.29 -18.53
C ILE B 15 -18.60 8.47 -19.36
N ASN B 16 -17.85 8.20 -20.42
CA ASN B 16 -17.56 9.21 -21.42
C ASN B 16 -18.76 9.31 -22.35
N VAL B 17 -18.59 9.99 -23.49
CA VAL B 17 -19.71 10.15 -24.41
C VAL B 17 -20.07 8.82 -25.06
N GLU B 18 -19.06 7.98 -25.34
CA GLU B 18 -19.34 6.68 -25.94
C GLU B 18 -20.21 5.82 -25.04
N SER B 19 -19.88 5.78 -23.74
CA SER B 19 -20.69 5.02 -22.80
C SER B 19 -22.10 5.60 -22.66
N LEU B 20 -22.23 6.93 -22.75
CA LEU B 20 -23.56 7.54 -22.68
C LEU B 20 -24.36 7.25 -23.95
N LEU B 21 -23.70 7.25 -25.11
CA LEU B 21 -24.40 6.93 -26.35
C LEU B 21 -24.68 5.44 -26.44
N ASP B 22 -23.74 4.60 -26.00
CA ASP B 22 -24.04 3.18 -25.79
C ASP B 22 -25.25 3.04 -24.88
N GLY B 23 -25.25 3.75 -23.76
CA GLY B 23 -26.36 3.69 -22.83
C GLY B 23 -27.69 3.99 -23.46
N LEU B 24 -27.78 5.11 -24.18
CA LEU B 24 -29.03 5.48 -24.83
C LEU B 24 -29.41 4.47 -25.91
N ASN B 25 -28.44 4.07 -26.72
CA ASN B 25 -28.75 3.19 -27.86
C ASN B 25 -29.24 1.83 -27.39
N SER B 26 -28.69 1.32 -26.29
CA SER B 26 -29.19 0.07 -25.72
C SER B 26 -30.59 0.25 -25.14
N LEU B 27 -30.82 1.38 -24.46
CA LEU B 27 -32.13 1.68 -23.90
C LEU B 27 -33.22 1.62 -24.97
N VAL B 28 -32.91 2.11 -26.18
CA VAL B 28 -33.88 2.09 -27.27
C VAL B 28 -34.04 0.67 -27.83
N LEU B 29 -32.92 -0.05 -28.03
CA LEU B 29 -32.99 -1.39 -28.59
C LEU B 29 -33.82 -2.32 -27.71
N ASP B 30 -33.65 -2.22 -26.39
CA ASP B 30 -34.36 -3.10 -25.47
C ASP B 30 -35.82 -2.69 -25.28
N LEU B 31 -36.17 -1.44 -25.59
CA LEU B 31 -37.53 -0.96 -25.37
C LEU B 31 -38.40 -1.02 -26.62
N ASP B 32 -37.84 -0.87 -27.82
CA ASP B 32 -38.64 -0.88 -29.03
C ASP B 32 -39.04 -2.32 -29.34
N PHE B 33 -40.16 -2.74 -28.77
CA PHE B 33 -40.85 -3.95 -29.14
C PHE B 33 -42.34 -3.65 -29.00
N PRO B 34 -43.16 -4.12 -29.94
CA PRO B 34 -44.60 -3.83 -29.87
C PRO B 34 -45.23 -4.17 -28.53
N ALA B 35 -44.69 -5.15 -27.80
CA ALA B 35 -45.24 -5.54 -26.52
C ALA B 35 -45.06 -4.45 -25.48
N LEU B 36 -43.82 -4.04 -25.24
CA LEU B 36 -43.53 -3.03 -24.22
C LEU B 36 -44.12 -1.66 -24.56
N ARG B 37 -44.45 -1.41 -25.82
CA ARG B 37 -44.91 -0.09 -26.23
C ARG B 37 -46.39 0.16 -25.93
N LYS B 38 -47.11 -0.82 -25.38
CA LYS B 38 -48.41 -0.50 -24.81
C LYS B 38 -48.26 0.46 -23.62
N ASN B 39 -47.09 0.47 -23.00
CA ASN B 39 -46.76 1.47 -21.99
C ASN B 39 -46.67 2.85 -22.64
N LYS B 40 -47.31 3.84 -22.00
CA LYS B 40 -47.30 5.18 -22.59
C LYS B 40 -45.95 5.86 -22.42
N ASN B 41 -45.35 5.75 -21.24
CA ASN B 41 -44.05 6.37 -21.01
C ASN B 41 -43.01 5.84 -21.99
N ILE B 42 -42.96 4.52 -22.18
CA ILE B 42 -41.96 3.93 -23.07
C ILE B 42 -42.21 4.36 -24.50
N ASP B 43 -43.47 4.34 -24.94
CA ASP B 43 -43.79 4.77 -26.30
C ASP B 43 -43.46 6.25 -26.49
N ASN B 44 -43.86 7.09 -25.54
CA ASN B 44 -43.54 8.51 -25.61
C ASN B 44 -42.04 8.73 -25.76
N PHE B 45 -41.25 8.08 -24.90
CA PHE B 45 -39.81 8.22 -24.98
C PHE B 45 -39.28 7.80 -26.35
N LEU B 46 -39.71 6.64 -26.84
CA LEU B 46 -39.22 6.15 -28.11
C LEU B 46 -39.54 7.12 -29.24
N ASN B 47 -40.79 7.59 -29.31
CA ASN B 47 -41.18 8.54 -30.34
C ASN B 47 -40.26 9.76 -30.37
N ARG B 48 -39.64 10.10 -29.23
CA ARG B 48 -38.80 11.28 -29.18
C ARG B 48 -37.38 11.00 -29.66
N TYR B 49 -36.84 9.81 -29.38
CA TYR B 49 -35.44 9.55 -29.64
C TYR B 49 -35.18 8.57 -30.77
N GLU B 50 -36.13 7.65 -31.03
CA GLU B 50 -36.13 6.74 -32.18
C GLU B 50 -35.39 7.29 -33.40
N LYS B 51 -35.86 8.44 -33.91
CA LYS B 51 -35.29 9.01 -35.12
C LYS B 51 -33.83 9.42 -34.92
N ILE B 52 -33.60 10.37 -34.00
CA ILE B 52 -32.26 10.88 -33.77
C ILE B 52 -31.29 9.79 -33.34
N VAL B 53 -31.80 8.65 -32.88
CA VAL B 53 -30.93 7.52 -32.51
C VAL B 53 -30.39 6.86 -33.78
N LYS B 54 -31.27 6.51 -34.72
CA LYS B 54 -30.82 5.92 -35.98
C LYS B 54 -29.83 6.83 -36.69
N LYS B 55 -29.94 8.15 -36.50
CA LYS B 55 -28.98 9.08 -37.07
C LYS B 55 -27.59 8.85 -36.51
N ILE B 56 -27.47 8.83 -35.18
CA ILE B 56 -26.18 8.58 -34.53
C ILE B 56 -25.60 7.25 -35.00
N ARG B 57 -26.38 6.19 -34.84
CA ARG B 57 -25.98 4.86 -35.31
C ARG B 57 -25.43 4.92 -36.73
N GLY B 58 -25.99 5.80 -37.57
CA GLY B 58 -25.42 5.99 -38.89
C GLY B 58 -24.09 6.73 -38.85
N LEU B 59 -24.01 7.80 -38.05
CA LEU B 59 -22.77 8.56 -37.96
C LEU B 59 -21.65 7.73 -37.33
N GLN B 60 -21.97 6.94 -36.30
CA GLN B 60 -20.97 6.20 -35.57
C GLN B 60 -20.27 5.17 -36.47
N MET B 61 -19.05 4.80 -36.07
CA MET B 61 -18.35 3.74 -36.77
C MET B 61 -19.18 2.48 -36.77
N LYS B 62 -19.19 1.78 -37.90
CA LYS B 62 -20.20 0.78 -38.16
C LYS B 62 -19.67 -0.20 -39.20
N ALA B 63 -20.18 -1.44 -39.15
CA ALA B 63 -19.63 -2.53 -39.94
C ALA B 63 -19.62 -2.24 -41.45
N GLU B 64 -20.35 -1.22 -41.90
CA GLU B 64 -20.40 -0.92 -43.33
C GLU B 64 -19.18 -0.14 -43.79
N ASP B 65 -18.57 0.64 -42.89
CA ASP B 65 -17.34 1.37 -43.23
C ASP B 65 -16.24 0.44 -43.70
N TYR B 66 -16.34 -0.86 -43.41
CA TYR B 66 -15.31 -1.84 -43.72
C TYR B 66 -15.77 -2.75 -44.86
N ASP B 67 -14.94 -2.84 -45.89
CA ASP B 67 -15.05 -3.89 -46.89
C ASP B 67 -14.51 -5.19 -46.31
N VAL B 68 -15.07 -6.32 -46.74
CA VAL B 68 -14.67 -7.63 -46.24
C VAL B 68 -13.85 -8.31 -47.34
N VAL B 69 -12.54 -8.43 -47.11
CA VAL B 69 -11.67 -9.04 -48.12
C VAL B 69 -11.80 -10.55 -48.11
N LYS B 70 -11.69 -11.18 -46.93
CA LYS B 70 -11.71 -12.63 -46.83
C LYS B 70 -11.82 -13.02 -45.37
N VAL B 71 -12.47 -14.16 -45.12
CA VAL B 71 -12.55 -14.74 -43.79
C VAL B 71 -11.32 -15.60 -43.54
N ILE B 72 -10.59 -15.30 -42.46
CA ILE B 72 -9.36 -16.00 -42.13
C ILE B 72 -9.47 -16.84 -40.87
N GLY B 73 -10.57 -16.74 -40.12
CA GLY B 73 -10.69 -17.49 -38.89
C GLY B 73 -12.14 -17.69 -38.49
N ARG B 74 -12.29 -18.48 -37.42
CA ARG B 74 -13.57 -18.85 -36.81
C ARG B 74 -13.28 -19.92 -35.77
N GLY B 75 -13.75 -19.74 -34.54
CA GLY B 75 -14.60 -18.62 -34.18
C GLY B 75 -15.97 -19.10 -33.76
N ALA B 76 -16.05 -19.77 -32.61
CA ALA B 76 -17.32 -20.27 -32.11
C ALA B 76 -18.28 -19.14 -31.74
N PHE B 77 -17.78 -17.92 -31.60
CA PHE B 77 -18.62 -16.74 -31.37
C PHE B 77 -18.80 -15.90 -32.62
N GLY B 78 -18.06 -16.16 -33.68
CA GLY B 78 -18.11 -15.39 -34.90
C GLY B 78 -16.79 -15.47 -35.64
N GLU B 79 -16.84 -15.13 -36.91
CA GLU B 79 -15.66 -15.29 -37.75
C GLU B 79 -14.69 -14.13 -37.56
N VAL B 80 -13.44 -14.37 -37.99
CA VAL B 80 -12.42 -13.34 -38.08
C VAL B 80 -12.22 -13.06 -39.57
N GLN B 81 -12.39 -11.80 -39.96
CA GLN B 81 -12.31 -11.45 -41.37
C GLN B 81 -11.25 -10.39 -41.61
N LEU B 82 -10.52 -10.56 -42.72
CA LEU B 82 -9.61 -9.54 -43.22
C LEU B 82 -10.45 -8.44 -43.88
N VAL B 83 -10.35 -7.22 -43.37
CA VAL B 83 -11.20 -6.13 -43.81
C VAL B 83 -10.33 -4.99 -44.33
N ARG B 84 -11.00 -4.04 -44.99
CA ARG B 84 -10.35 -2.82 -45.49
C ARG B 84 -11.28 -1.65 -45.23
N HIS B 85 -10.86 -0.73 -44.36
CA HIS B 85 -11.64 0.48 -44.12
C HIS B 85 -11.72 1.28 -45.40
N LYS B 86 -12.93 1.73 -45.76
CA LYS B 86 -13.13 2.35 -47.07
C LYS B 86 -12.59 3.77 -47.13
N ALA B 87 -12.80 4.56 -46.08
CA ALA B 87 -12.32 5.94 -46.10
C ALA B 87 -10.80 6.01 -45.93
N SER B 88 -10.25 5.22 -45.00
CA SER B 88 -8.81 5.23 -44.76
C SER B 88 -8.05 4.26 -45.66
N GLN B 89 -8.74 3.37 -46.37
CA GLN B 89 -8.14 2.40 -47.28
C GLN B 89 -7.17 1.44 -46.58
N LYS B 90 -7.25 1.34 -45.26
CA LYS B 90 -6.31 0.54 -44.49
C LYS B 90 -6.87 -0.84 -44.21
N VAL B 91 -5.98 -1.78 -43.87
CA VAL B 91 -6.31 -3.19 -43.72
C VAL B 91 -6.18 -3.58 -42.27
N TYR B 92 -7.25 -4.17 -41.72
CA TYR B 92 -7.25 -4.71 -40.37
C TYR B 92 -7.86 -6.10 -40.38
N ALA B 93 -7.77 -6.78 -39.25
CA ALA B 93 -8.49 -8.01 -39.01
C ALA B 93 -9.59 -7.74 -38.00
N MET B 94 -10.78 -8.28 -38.26
CA MET B 94 -11.96 -7.96 -37.48
C MET B 94 -12.55 -9.23 -36.91
N LYS B 95 -12.64 -9.30 -35.59
CA LYS B 95 -13.37 -10.37 -34.92
C LYS B 95 -14.82 -9.94 -34.74
N LEU B 96 -15.74 -10.85 -35.05
CA LEU B 96 -17.14 -10.68 -34.71
C LEU B 96 -17.44 -11.53 -33.49
N LEU B 97 -18.18 -10.95 -32.54
CA LEU B 97 -18.59 -11.65 -31.33
C LEU B 97 -20.11 -11.57 -31.24
N SER B 98 -20.77 -12.69 -31.53
CA SER B 98 -22.21 -12.78 -31.40
C SER B 98 -22.65 -12.40 -29.99
N LYS B 99 -23.50 -11.38 -29.89
CA LYS B 99 -23.97 -10.94 -28.58
C LYS B 99 -24.76 -12.04 -27.89
N PHE B 100 -25.58 -12.77 -28.65
CA PHE B 100 -26.36 -13.86 -28.08
C PHE B 100 -25.46 -14.86 -27.36
N GLU B 101 -24.39 -15.29 -28.03
CA GLU B 101 -23.48 -16.28 -27.48
C GLU B 101 -22.51 -15.70 -26.46
N MET B 102 -22.52 -14.39 -26.21
CA MET B 102 -21.61 -13.81 -25.25
C MET B 102 -22.16 -13.81 -23.83
N ILE B 103 -23.47 -13.61 -23.66
CA ILE B 103 -24.06 -13.60 -22.32
C ILE B 103 -24.03 -15.00 -21.74
N LYS B 104 -24.50 -16.00 -22.49
CA LYS B 104 -24.30 -17.39 -22.14
C LYS B 104 -22.87 -17.79 -22.48
N ARG B 105 -22.11 -18.22 -21.47
CA ARG B 105 -20.66 -18.27 -21.50
C ARG B 105 -20.09 -16.85 -21.64
N SER B 106 -20.07 -16.06 -20.56
CA SER B 106 -20.50 -16.45 -19.23
C SER B 106 -20.81 -15.20 -18.41
N ASP B 107 -20.59 -15.26 -17.10
CA ASP B 107 -20.69 -14.11 -16.22
C ASP B 107 -19.32 -13.54 -15.93
N SER B 108 -19.21 -12.21 -15.93
CA SER B 108 -20.27 -11.34 -16.43
C SER B 108 -19.74 -10.42 -17.56
N ALA B 109 -18.74 -9.53 -17.36
CA ALA B 109 -18.28 -9.05 -16.06
C ALA B 109 -18.86 -7.65 -15.80
N PHE B 110 -18.45 -6.50 -16.37
CA PHE B 110 -17.48 -6.13 -17.44
C PHE B 110 -17.18 -6.99 -18.67
N PHE B 111 -16.18 -7.88 -18.57
CA PHE B 111 -15.25 -8.24 -19.65
C PHE B 111 -14.80 -6.95 -20.33
N TRP B 112 -14.27 -7.03 -21.55
CA TRP B 112 -13.60 -5.91 -22.23
C TRP B 112 -12.83 -4.97 -21.29
N GLU B 113 -12.25 -5.48 -20.21
CA GLU B 113 -11.52 -4.62 -19.28
C GLU B 113 -10.03 -4.80 -19.52
N GLU B 114 -9.56 -5.98 -19.17
CA GLU B 114 -8.49 -6.70 -19.85
C GLU B 114 -8.05 -6.03 -21.16
N ARG B 115 -8.97 -5.89 -22.11
CA ARG B 115 -8.59 -5.34 -23.41
C ARG B 115 -8.37 -3.83 -23.35
N ASP B 116 -9.12 -3.11 -22.52
CA ASP B 116 -8.80 -1.70 -22.28
C ASP B 116 -7.42 -1.56 -21.65
N ILE B 117 -7.14 -2.37 -20.63
CA ILE B 117 -5.81 -2.41 -20.04
C ILE B 117 -4.77 -2.70 -21.12
N MET B 118 -5.08 -3.65 -22.01
CA MET B 118 -4.12 -3.99 -23.06
C MET B 118 -4.02 -2.90 -24.11
N ALA B 119 -5.17 -2.34 -24.52
CA ALA B 119 -5.15 -1.31 -25.56
C ALA B 119 -4.40 -0.07 -25.09
N PHE B 120 -4.77 0.46 -23.92
CA PHE B 120 -4.17 1.71 -23.46
C PHE B 120 -2.73 1.54 -22.99
N ALA B 121 -2.22 0.31 -22.92
CA ALA B 121 -0.82 0.07 -22.59
C ALA B 121 0.04 -0.12 -23.84
N ASN B 122 -0.51 -0.73 -24.88
CA ASN B 122 0.08 -0.70 -26.23
C ASN B 122 1.48 -1.32 -26.26
N SER B 123 1.55 -2.60 -25.90
CA SER B 123 2.83 -3.27 -26.00
C SER B 123 3.06 -3.75 -27.43
N PRO B 124 4.26 -3.54 -27.98
CA PRO B 124 4.57 -4.10 -29.30
C PRO B 124 4.56 -5.63 -29.35
N TRP B 125 4.40 -6.30 -28.22
CA TRP B 125 4.32 -7.75 -28.16
C TRP B 125 2.88 -8.27 -28.17
N VAL B 126 1.90 -7.37 -28.19
CA VAL B 126 0.49 -7.76 -28.09
C VAL B 126 -0.26 -7.16 -29.26
N VAL B 127 -1.04 -7.99 -29.96
CA VAL B 127 -1.84 -7.54 -31.10
C VAL B 127 -2.64 -6.31 -30.69
N GLN B 128 -2.56 -5.26 -31.50
CA GLN B 128 -3.06 -3.95 -31.12
C GLN B 128 -4.51 -3.79 -31.53
N LEU B 129 -5.37 -3.51 -30.55
CA LEU B 129 -6.74 -3.11 -30.85
C LEU B 129 -6.74 -1.66 -31.34
N PHE B 130 -7.56 -1.39 -32.36
CA PHE B 130 -7.67 -0.05 -32.93
C PHE B 130 -9.04 0.55 -32.67
N CYS B 131 -10.10 -0.08 -33.16
CA CYS B 131 -11.46 0.37 -32.94
C CYS B 131 -12.28 -0.80 -32.41
N ALA B 132 -13.36 -0.47 -31.71
CA ALA B 132 -14.27 -1.49 -31.20
C ALA B 132 -15.66 -0.89 -31.11
N PHE B 133 -16.66 -1.59 -31.66
CA PHE B 133 -18.01 -1.06 -31.76
C PHE B 133 -18.99 -2.23 -31.78
N GLN B 134 -20.27 -1.89 -31.91
CA GLN B 134 -21.32 -2.90 -31.81
C GLN B 134 -22.54 -2.45 -32.62
N ASP B 135 -23.34 -3.44 -33.01
CA ASP B 135 -24.70 -3.19 -33.46
C ASP B 135 -25.64 -4.03 -32.60
N ASP B 136 -26.81 -4.38 -33.13
CA ASP B 136 -27.78 -5.12 -32.32
C ASP B 136 -27.40 -6.59 -32.18
N LYS B 137 -26.79 -7.19 -33.20
CA LYS B 137 -26.46 -8.61 -33.18
C LYS B 137 -25.04 -8.91 -32.70
N TYR B 138 -24.06 -8.12 -33.13
CA TYR B 138 -22.65 -8.48 -32.99
C TYR B 138 -21.86 -7.44 -32.21
N LEU B 139 -20.76 -7.91 -31.65
CA LEU B 139 -19.65 -7.07 -31.22
C LEU B 139 -18.57 -7.08 -32.30
N TYR B 140 -17.77 -6.02 -32.33
CA TYR B 140 -16.74 -5.89 -33.36
C TYR B 140 -15.45 -5.38 -32.76
N MET B 141 -14.34 -6.05 -33.08
CA MET B 141 -13.02 -5.63 -32.64
C MET B 141 -12.10 -5.54 -33.85
N VAL B 142 -11.63 -4.34 -34.15
CA VAL B 142 -10.74 -4.07 -35.27
C VAL B 142 -9.32 -4.04 -34.72
N MET B 143 -8.50 -5.00 -35.15
CA MET B 143 -7.12 -5.12 -34.69
C MET B 143 -6.17 -5.09 -35.88
N GLU B 144 -4.88 -5.02 -35.59
CA GLU B 144 -3.88 -5.04 -36.65
C GLU B 144 -3.82 -6.41 -37.30
N TYR B 145 -3.77 -6.42 -38.62
CA TYR B 145 -3.62 -7.67 -39.35
C TYR B 145 -2.20 -8.21 -39.16
N MET B 146 -2.10 -9.50 -38.83
CA MET B 146 -0.81 -10.17 -38.67
C MET B 146 -0.60 -11.10 -39.86
N PRO B 147 0.00 -10.61 -40.94
CA PRO B 147 -0.06 -11.35 -42.21
C PRO B 147 0.79 -12.61 -42.26
N GLY B 148 1.62 -12.88 -41.27
CA GLY B 148 2.47 -14.05 -41.28
C GLY B 148 1.84 -15.32 -40.75
N GLY B 149 0.57 -15.29 -40.39
CA GLY B 149 -0.10 -16.47 -39.85
C GLY B 149 0.34 -16.78 -38.44
N ASP B 150 -0.24 -17.87 -37.90
CA ASP B 150 0.12 -18.32 -36.57
C ASP B 150 1.27 -19.32 -36.62
N LEU B 151 1.67 -19.81 -35.45
CA LEU B 151 2.76 -20.77 -35.37
C LEU B 151 2.32 -22.21 -35.54
N VAL B 152 1.02 -22.49 -35.45
CA VAL B 152 0.52 -23.79 -35.88
C VAL B 152 0.89 -24.02 -37.34
N ASN B 153 0.62 -23.02 -38.18
CA ASN B 153 0.95 -23.11 -39.60
C ASN B 153 2.45 -23.25 -39.81
N LEU B 154 3.25 -22.45 -39.09
CA LEU B 154 4.69 -22.51 -39.27
C LEU B 154 5.25 -23.87 -38.91
N MET B 155 4.93 -24.38 -37.72
CA MET B 155 5.44 -25.67 -37.29
C MET B 155 5.01 -26.79 -38.22
N SER B 156 3.84 -26.66 -38.84
CA SER B 156 3.37 -27.67 -39.78
C SER B 156 4.02 -27.55 -41.16
N ASN B 157 4.77 -26.49 -41.42
CA ASN B 157 5.44 -26.31 -42.70
C ASN B 157 6.95 -26.48 -42.62
N TYR B 158 7.55 -26.33 -41.45
CA TYR B 158 8.99 -26.43 -41.28
C TYR B 158 9.33 -27.37 -40.15
N ASP B 159 10.33 -28.21 -40.38
CA ASP B 159 11.06 -28.82 -39.27
C ASP B 159 11.84 -27.72 -38.58
N VAL B 160 11.42 -27.36 -37.38
CA VAL B 160 12.01 -26.21 -36.69
C VAL B 160 13.29 -26.64 -35.98
N PRO B 161 14.45 -26.15 -36.41
CA PRO B 161 15.69 -26.43 -35.67
C PRO B 161 15.76 -25.57 -34.42
N GLU B 162 16.73 -25.91 -33.57
CA GLU B 162 16.82 -25.25 -32.26
C GLU B 162 17.12 -23.77 -32.40
N LYS B 163 17.88 -23.37 -33.41
CA LYS B 163 18.22 -21.95 -33.54
C LYS B 163 17.00 -21.11 -33.87
N TRP B 164 16.00 -21.70 -34.55
CA TRP B 164 14.73 -21.02 -34.72
C TRP B 164 13.95 -20.98 -33.41
N ALA B 165 13.89 -22.11 -32.71
CA ALA B 165 13.08 -22.21 -31.51
C ALA B 165 13.56 -21.27 -30.41
N LYS B 166 14.88 -21.05 -30.32
CA LYS B 166 15.40 -20.04 -29.41
C LYS B 166 14.75 -18.68 -29.66
N PHE B 167 14.61 -18.31 -30.94
CA PHE B 167 14.01 -17.02 -31.30
C PHE B 167 12.55 -16.95 -30.84
N TYR B 168 11.73 -17.89 -31.32
CA TYR B 168 10.29 -17.81 -31.07
C TYR B 168 9.99 -17.92 -29.57
N THR B 169 10.65 -18.83 -28.87
CA THR B 169 10.46 -18.92 -27.43
C THR B 169 10.82 -17.61 -26.75
N ALA B 170 11.93 -17.00 -27.15
CA ALA B 170 12.38 -15.76 -26.54
C ALA B 170 11.33 -14.67 -26.69
N GLU B 171 10.67 -14.59 -27.84
CA GLU B 171 9.68 -13.54 -28.05
C GLU B 171 8.40 -13.84 -27.27
N VAL B 172 8.03 -15.11 -27.15
CA VAL B 172 6.91 -15.47 -26.29
C VAL B 172 7.22 -15.08 -24.85
N VAL B 173 8.48 -15.27 -24.42
CA VAL B 173 8.87 -14.94 -23.05
C VAL B 173 8.74 -13.43 -22.81
N LEU B 174 9.31 -12.63 -23.71
CA LEU B 174 9.23 -11.18 -23.57
C LEU B 174 7.79 -10.69 -23.67
N ALA B 175 6.95 -11.39 -24.43
CA ALA B 175 5.56 -10.98 -24.58
C ALA B 175 4.78 -11.23 -23.31
N LEU B 176 4.92 -12.43 -22.74
CA LEU B 176 4.23 -12.75 -21.49
C LEU B 176 4.69 -11.84 -20.37
N ASP B 177 5.98 -11.47 -20.36
CA ASP B 177 6.46 -10.53 -19.36
C ASP B 177 5.76 -9.18 -19.49
N ALA B 178 5.53 -8.74 -20.72
CA ALA B 178 4.75 -7.52 -20.93
C ALA B 178 3.35 -7.66 -20.36
N ILE B 179 2.64 -8.74 -20.73
CA ILE B 179 1.28 -8.94 -20.26
C ILE B 179 1.26 -9.06 -18.73
N HIS B 180 2.23 -9.78 -18.16
CA HIS B 180 2.28 -9.92 -16.71
C HIS B 180 2.51 -8.56 -16.04
N SER B 181 3.42 -7.76 -16.58
CA SER B 181 3.69 -6.44 -16.01
C SER B 181 2.43 -5.59 -15.94
N MET B 182 1.50 -5.79 -16.87
CA MET B 182 0.26 -5.05 -16.90
C MET B 182 -0.78 -5.55 -15.91
N GLY B 183 -0.42 -6.51 -15.05
CA GLY B 183 -1.38 -7.07 -14.12
C GLY B 183 -2.29 -8.10 -14.71
N LEU B 184 -1.91 -8.72 -15.81
CA LEU B 184 -2.73 -9.71 -16.49
C LEU B 184 -1.99 -11.04 -16.59
N ILE B 185 -2.75 -12.13 -16.52
CA ILE B 185 -2.26 -13.45 -16.88
C ILE B 185 -3.07 -13.94 -18.08
N HIS B 186 -2.38 -14.59 -19.01
CA HIS B 186 -2.97 -14.92 -20.30
C HIS B 186 -3.92 -16.11 -20.21
N ARG B 187 -3.50 -17.17 -19.52
CA ARG B 187 -4.25 -18.40 -19.29
C ARG B 187 -4.48 -19.21 -20.56
N ASP B 188 -3.96 -18.76 -21.72
CA ASP B 188 -4.28 -19.41 -22.99
C ASP B 188 -3.11 -19.40 -23.96
N VAL B 189 -1.88 -19.43 -23.44
CA VAL B 189 -0.72 -19.37 -24.32
C VAL B 189 -0.61 -20.67 -25.11
N LYS B 190 -0.68 -20.56 -26.43
CA LYS B 190 -0.66 -21.69 -27.34
C LYS B 190 -0.31 -21.17 -28.72
N PRO B 191 0.20 -22.01 -29.63
CA PRO B 191 0.65 -21.49 -30.93
C PRO B 191 -0.44 -20.80 -31.71
N ASP B 192 -1.70 -21.14 -31.46
CA ASP B 192 -2.80 -20.45 -32.13
C ASP B 192 -2.78 -18.95 -31.87
N ASN B 193 -2.44 -18.56 -30.64
CA ASN B 193 -2.47 -17.15 -30.24
C ASN B 193 -1.18 -16.42 -30.56
N MET B 194 -0.19 -17.09 -31.13
CA MET B 194 1.09 -16.47 -31.47
C MET B 194 1.08 -16.18 -32.97
N LEU B 195 1.00 -14.90 -33.32
CA LEU B 195 0.88 -14.47 -34.70
C LEU B 195 2.14 -13.74 -35.14
N LEU B 196 2.42 -13.81 -36.44
CA LEU B 196 3.63 -13.24 -37.02
C LEU B 196 3.26 -12.06 -37.90
N ASP B 197 4.00 -10.96 -37.76
CA ASP B 197 3.71 -9.75 -38.52
C ASP B 197 4.40 -9.81 -39.89
N LYS B 198 4.38 -8.68 -40.61
CA LYS B 198 5.00 -8.63 -41.93
C LYS B 198 6.46 -9.09 -41.90
N HIS B 199 7.15 -8.83 -40.79
CA HIS B 199 8.59 -9.06 -40.71
C HIS B 199 8.96 -10.42 -40.13
N GLY B 200 7.98 -11.23 -39.74
CA GLY B 200 8.26 -12.53 -39.15
C GLY B 200 8.43 -12.51 -37.65
N HIS B 201 8.20 -11.38 -36.99
CA HIS B 201 8.25 -11.30 -35.54
C HIS B 201 6.87 -11.58 -34.96
N LEU B 202 6.85 -11.88 -33.66
CA LEU B 202 5.75 -12.57 -33.01
C LEU B 202 5.03 -11.66 -32.02
N LYS B 203 3.71 -11.80 -31.95
CA LYS B 203 2.89 -11.13 -30.94
C LYS B 203 1.92 -12.13 -30.35
N LEU B 204 1.53 -11.89 -29.10
CA LEU B 204 0.45 -12.65 -28.49
C LEU B 204 -0.89 -11.95 -28.75
N ALA B 205 -1.94 -12.76 -28.86
CA ALA B 205 -3.29 -12.26 -29.03
C ALA B 205 -4.17 -12.80 -27.92
N ASP B 206 -5.01 -11.94 -27.36
CA ASP B 206 -6.01 -12.39 -26.42
C ASP B 206 -7.22 -12.91 -27.19
N PHE B 207 -7.66 -14.11 -26.84
CA PHE B 207 -8.91 -14.65 -27.36
C PHE B 207 -9.97 -14.63 -26.27
N GLY B 208 -10.00 -13.54 -25.52
CA GLY B 208 -10.92 -13.39 -24.41
C GLY B 208 -10.57 -14.24 -23.20
N THR B 209 -9.29 -14.44 -22.94
CA THR B 209 -8.86 -15.23 -21.79
C THR B 209 -8.10 -14.45 -20.73
N CYS B 210 -7.38 -13.40 -21.12
CA CYS B 210 -6.60 -12.62 -20.16
C CYS B 210 -7.47 -12.15 -19.01
N MET B 211 -6.91 -12.24 -17.79
CA MET B 211 -7.66 -11.90 -16.59
C MET B 211 -6.82 -11.02 -15.68
N LYS B 212 -7.47 -10.07 -15.03
CA LYS B 212 -6.82 -9.09 -14.16
C LYS B 212 -6.57 -9.69 -12.78
N MET B 213 -5.45 -9.29 -12.16
CA MET B 213 -4.79 -10.11 -11.16
C MET B 213 -5.18 -9.74 -9.73
N ASP B 214 -4.38 -10.20 -8.77
CA ASP B 214 -4.58 -10.06 -7.33
C ASP B 214 -4.00 -8.73 -6.87
N GLU B 215 -3.84 -8.56 -5.56
CA GLU B 215 -2.96 -7.52 -5.06
C GLU B 215 -1.50 -7.96 -5.08
N THR B 216 -1.25 -9.27 -5.06
CA THR B 216 0.09 -9.82 -5.26
C THR B 216 0.40 -10.06 -6.72
N GLY B 217 -0.55 -10.62 -7.46
CA GLY B 217 -0.35 -10.99 -8.85
C GLY B 217 -0.76 -12.40 -9.15
N MET B 218 -1.91 -12.84 -8.59
CA MET B 218 -2.31 -14.28 -8.62
C MET B 218 -3.80 -14.32 -8.25
N VAL B 219 -4.68 -14.52 -9.24
CA VAL B 219 -6.09 -14.68 -8.92
C VAL B 219 -6.74 -15.91 -9.55
N HIS B 220 -7.90 -16.26 -8.97
CA HIS B 220 -8.61 -17.51 -9.16
C HIS B 220 -9.90 -17.30 -9.95
N CYS B 221 -10.55 -18.43 -10.25
CA CYS B 221 -11.95 -18.53 -10.66
C CYS B 221 -12.24 -19.88 -11.31
N ASP B 222 -12.04 -19.92 -12.63
CA ASP B 222 -12.70 -20.84 -13.54
C ASP B 222 -14.20 -20.91 -13.23
N THR B 223 -15.08 -20.41 -14.12
CA THR B 223 -14.91 -20.33 -15.58
C THR B 223 -14.50 -21.80 -15.85
N ALA B 224 -13.43 -22.22 -16.55
CA ALA B 224 -12.81 -21.76 -17.79
C ALA B 224 -12.30 -23.03 -18.40
N VAL B 225 -11.91 -22.96 -19.67
CA VAL B 225 -10.84 -23.79 -20.17
C VAL B 225 -9.63 -22.88 -20.34
N GLY B 226 -8.49 -23.49 -20.64
CA GLY B 226 -7.47 -22.89 -21.46
C GLY B 226 -7.55 -23.49 -22.85
N THR B 227 -6.89 -24.63 -23.03
CA THR B 227 -6.96 -25.49 -24.20
C THR B 227 -6.23 -26.77 -23.80
N PRO B 228 -6.77 -27.95 -24.12
CA PRO B 228 -6.39 -29.16 -23.36
C PRO B 228 -4.89 -29.44 -23.32
N ASP B 229 -4.19 -29.39 -24.46
CA ASP B 229 -2.79 -29.78 -24.49
C ASP B 229 -1.90 -28.83 -23.69
N TYR B 230 -2.32 -27.57 -23.54
CA TYR B 230 -1.44 -26.55 -22.98
C TYR B 230 -1.79 -26.13 -21.55
N ILE B 231 -2.83 -26.72 -20.95
CA ILE B 231 -3.24 -26.31 -19.62
C ILE B 231 -2.24 -26.81 -18.59
N SER B 232 -1.94 -25.97 -17.60
CA SER B 232 -1.10 -26.34 -16.47
C SER B 232 -1.88 -27.21 -15.49
N PRO B 233 -1.19 -27.99 -14.67
CA PRO B 233 -1.91 -28.83 -13.70
C PRO B 233 -2.65 -28.02 -12.66
N GLU B 234 -2.22 -26.79 -12.34
CA GLU B 234 -2.92 -26.02 -11.32
C GLU B 234 -4.25 -25.46 -11.85
N VAL B 235 -4.25 -24.98 -13.09
CA VAL B 235 -5.49 -24.51 -13.70
C VAL B 235 -6.47 -25.67 -13.86
N LEU B 236 -5.96 -26.88 -14.11
CA LEU B 236 -6.82 -28.02 -14.36
C LEU B 236 -7.54 -28.46 -13.09
N LYS B 237 -6.81 -28.59 -11.98
CA LYS B 237 -7.46 -28.93 -10.71
C LYS B 237 -8.39 -27.83 -10.25
N SER B 238 -8.08 -26.58 -10.60
CA SER B 238 -8.85 -25.42 -10.15
C SER B 238 -10.24 -25.36 -10.76
N GLN B 239 -11.20 -26.03 -10.13
CA GLN B 239 -12.61 -25.79 -10.37
C GLN B 239 -13.32 -25.84 -9.00
N GLY B 240 -12.89 -24.95 -8.09
CA GLY B 240 -13.42 -24.81 -6.74
C GLY B 240 -12.36 -24.83 -5.66
N GLY B 241 -12.73 -25.28 -4.46
CA GLY B 241 -11.83 -25.77 -3.43
C GLY B 241 -10.72 -24.82 -3.03
N ASP B 242 -9.51 -25.39 -2.91
CA ASP B 242 -8.29 -24.59 -2.85
C ASP B 242 -7.73 -24.41 -4.26
N GLY B 243 -8.48 -23.62 -5.03
CA GLY B 243 -8.18 -23.37 -6.43
C GLY B 243 -7.96 -21.90 -6.71
N TYR B 244 -6.74 -21.57 -7.15
CA TYR B 244 -6.20 -20.23 -7.03
C TYR B 244 -4.86 -20.24 -7.76
N TYR B 245 -4.66 -19.38 -8.76
CA TYR B 245 -3.44 -19.48 -9.54
C TYR B 245 -3.00 -18.12 -10.06
N GLY B 246 -1.69 -18.02 -10.30
CA GLY B 246 -1.12 -16.79 -10.79
C GLY B 246 -0.39 -16.92 -12.11
N ARG B 247 0.59 -16.04 -12.33
CA ARG B 247 1.25 -15.95 -13.63
C ARG B 247 1.96 -17.24 -14.01
N GLU B 248 2.30 -18.09 -13.04
CA GLU B 248 3.12 -19.26 -13.32
C GLU B 248 2.40 -20.29 -14.20
N CYS B 249 1.10 -20.14 -14.45
CA CYS B 249 0.44 -21.04 -15.37
C CYS B 249 0.84 -20.76 -16.82
N ASP B 250 1.15 -19.50 -17.13
CA ASP B 250 1.62 -19.18 -18.49
C ASP B 250 2.99 -19.79 -18.77
N TRP B 251 3.85 -19.88 -17.76
CA TRP B 251 5.19 -20.40 -18.00
C TRP B 251 5.18 -21.91 -18.24
N TRP B 252 4.18 -22.63 -17.69
CA TRP B 252 3.98 -24.01 -18.10
C TRP B 252 3.72 -24.10 -19.59
N SER B 253 2.91 -23.20 -20.12
CA SER B 253 2.54 -23.25 -21.53
C SER B 253 3.74 -22.98 -22.44
N VAL B 254 4.68 -22.14 -21.99
CA VAL B 254 5.90 -21.92 -22.77
C VAL B 254 6.65 -23.24 -22.96
N GLY B 255 6.76 -24.03 -21.89
CA GLY B 255 7.44 -25.30 -21.99
C GLY B 255 6.75 -26.28 -22.92
N VAL B 256 5.41 -26.32 -22.86
CA VAL B 256 4.66 -27.16 -23.78
C VAL B 256 4.93 -26.73 -25.22
N PHE B 257 4.95 -25.43 -25.45
CA PHE B 257 5.26 -24.88 -26.77
C PHE B 257 6.63 -25.34 -27.25
N LEU B 258 7.64 -25.31 -26.36
CA LEU B 258 8.98 -25.67 -26.78
C LEU B 258 9.12 -27.16 -27.03
N PHE B 259 8.38 -28.00 -26.30
CA PHE B 259 8.36 -29.43 -26.61
C PHE B 259 7.81 -29.67 -28.00
N GLU B 260 6.64 -29.10 -28.29
CA GLU B 260 6.02 -29.33 -29.61
C GLU B 260 6.89 -28.78 -30.72
N MET B 261 7.51 -27.62 -30.51
CA MET B 261 8.29 -26.99 -31.57
C MET B 261 9.56 -27.79 -31.88
N LEU B 262 10.06 -28.55 -30.91
CA LEU B 262 11.29 -29.31 -31.12
C LEU B 262 11.07 -30.81 -31.27
N VAL B 263 9.93 -31.34 -30.83
CA VAL B 263 9.64 -32.75 -30.94
C VAL B 263 8.65 -33.05 -32.07
N GLY B 264 7.71 -32.14 -32.31
CA GLY B 264 6.70 -32.34 -33.35
C GLY B 264 5.36 -32.82 -32.83
N ASP B 265 5.26 -33.10 -31.53
CA ASP B 265 4.00 -33.47 -30.89
C ASP B 265 3.96 -32.84 -29.51
N THR B 266 2.76 -32.70 -28.97
CA THR B 266 2.68 -32.09 -27.64
C THR B 266 3.06 -33.12 -26.57
N PRO B 267 3.67 -32.67 -25.47
CA PRO B 267 4.19 -33.63 -24.47
C PRO B 267 3.14 -34.51 -23.84
N PHE B 268 1.87 -34.11 -23.84
CA PHE B 268 0.81 -34.88 -23.19
C PHE B 268 -0.32 -35.21 -24.17
N TYR B 269 0.03 -35.43 -25.43
CA TYR B 269 -0.98 -35.77 -26.43
C TYR B 269 -1.69 -37.07 -26.07
N ALA B 270 -2.96 -37.17 -26.47
CA ALA B 270 -3.75 -38.37 -26.28
C ALA B 270 -4.95 -38.33 -27.22
N ASP B 271 -5.45 -39.51 -27.56
CA ASP B 271 -6.65 -39.61 -28.39
C ASP B 271 -7.81 -38.85 -27.75
N SER B 272 -8.17 -39.23 -26.53
CA SER B 272 -9.25 -38.58 -25.81
C SER B 272 -8.76 -37.29 -25.16
N LEU B 273 -9.73 -36.47 -24.73
CA LEU B 273 -9.39 -35.31 -23.90
C LEU B 273 -8.98 -35.76 -22.51
N VAL B 274 -9.77 -36.67 -21.90
CA VAL B 274 -9.46 -37.15 -20.56
C VAL B 274 -8.13 -37.87 -20.52
N GLY B 275 -7.65 -38.36 -21.68
CA GLY B 275 -6.29 -38.89 -21.72
C GLY B 275 -5.26 -37.81 -21.51
N THR B 276 -5.45 -36.64 -22.13
CA THR B 276 -4.51 -35.54 -21.93
C THR B 276 -4.58 -35.00 -20.52
N TYR B 277 -5.78 -34.87 -19.95
CA TYR B 277 -5.90 -34.39 -18.58
C TYR B 277 -5.21 -35.34 -17.61
N SER B 278 -5.37 -36.64 -17.82
CA SER B 278 -4.75 -37.61 -16.92
C SER B 278 -3.24 -37.62 -17.07
N LYS B 279 -2.73 -37.38 -18.28
CA LYS B 279 -1.29 -37.25 -18.45
C LYS B 279 -0.77 -36.00 -17.76
N ILE B 280 -1.53 -34.91 -17.79
CA ILE B 280 -1.06 -33.66 -17.21
C ILE B 280 -1.04 -33.75 -15.68
N MET B 281 -2.10 -34.29 -15.09
CA MET B 281 -2.09 -34.55 -13.66
C MET B 281 -0.96 -35.51 -13.27
N ASP B 282 -0.50 -36.32 -14.21
CA ASP B 282 0.56 -37.30 -14.00
C ASP B 282 1.84 -36.88 -14.72
N HIS B 283 2.18 -35.58 -14.64
CA HIS B 283 3.27 -35.06 -15.45
C HIS B 283 4.64 -35.44 -14.91
N LYS B 284 4.77 -35.62 -13.60
CA LYS B 284 6.01 -36.16 -13.05
C LYS B 284 6.36 -37.51 -13.65
N ASN B 285 5.36 -38.23 -14.17
CA ASN B 285 5.54 -39.59 -14.68
C ASN B 285 5.39 -39.70 -16.19
N SER B 286 4.54 -38.89 -16.81
CA SER B 286 4.19 -39.09 -18.21
C SER B 286 5.08 -38.33 -19.18
N LEU B 287 5.74 -37.26 -18.73
CA LEU B 287 6.62 -36.51 -19.62
C LEU B 287 7.87 -37.33 -19.94
N CYS B 288 8.13 -37.53 -21.23
CA CYS B 288 9.34 -38.19 -21.67
C CYS B 288 9.56 -37.87 -23.15
N PHE B 289 10.82 -37.71 -23.53
CA PHE B 289 11.16 -37.37 -24.90
C PHE B 289 11.46 -38.65 -25.68
N PRO B 290 10.89 -38.81 -26.89
CA PRO B 290 11.36 -39.87 -27.80
C PRO B 290 12.87 -39.91 -27.86
N GLU B 291 13.45 -41.11 -27.67
CA GLU B 291 14.91 -41.20 -27.53
C GLU B 291 15.62 -40.67 -28.77
N ASP B 292 15.05 -40.90 -29.96
CA ASP B 292 15.68 -40.45 -31.18
C ASP B 292 15.64 -38.92 -31.29
N ALA B 293 14.44 -38.35 -31.40
CA ALA B 293 14.21 -36.93 -31.65
C ALA B 293 15.21 -36.06 -30.91
N GLU B 294 16.25 -35.63 -31.62
CA GLU B 294 17.43 -35.07 -30.97
C GLU B 294 17.11 -33.71 -30.34
N ILE B 295 17.38 -33.60 -29.05
CA ILE B 295 17.15 -32.39 -28.29
C ILE B 295 18.42 -32.11 -27.50
N SER B 296 19.01 -30.94 -27.73
CA SER B 296 20.17 -30.52 -26.93
C SER B 296 19.84 -30.63 -25.45
N LYS B 297 20.85 -30.99 -24.65
CA LYS B 297 20.64 -31.16 -23.22
C LYS B 297 20.15 -29.87 -22.57
N HIS B 298 20.25 -28.75 -23.27
CA HIS B 298 19.74 -27.47 -22.77
C HIS B 298 18.25 -27.30 -23.08
N ALA B 299 17.82 -27.68 -24.27
CA ALA B 299 16.41 -27.59 -24.59
C ALA B 299 15.59 -28.56 -23.74
N LYS B 300 16.12 -29.75 -23.49
CA LYS B 300 15.50 -30.67 -22.53
C LYS B 300 15.43 -30.01 -21.15
N ASN B 301 16.48 -29.31 -20.75
CA ASN B 301 16.53 -28.73 -19.41
C ASN B 301 15.48 -27.63 -19.24
N LEU B 302 15.43 -26.69 -20.18
CA LEU B 302 14.47 -25.59 -20.11
C LEU B 302 13.04 -26.11 -20.09
N ILE B 303 12.72 -27.04 -21.00
CA ILE B 303 11.40 -27.66 -21.04
C ILE B 303 11.04 -28.22 -19.66
N CYS B 304 11.93 -29.03 -19.10
CA CYS B 304 11.67 -29.66 -17.81
C CYS B 304 11.62 -28.65 -16.68
N ALA B 305 12.28 -27.50 -16.83
CA ALA B 305 12.19 -26.47 -15.79
C ALA B 305 10.84 -25.79 -15.82
N PHE B 306 10.20 -25.73 -17.00
CA PHE B 306 8.86 -25.18 -17.11
C PHE B 306 7.79 -26.21 -16.74
N LEU B 307 8.03 -27.48 -17.06
CA LEU B 307 7.03 -28.53 -16.89
C LEU B 307 7.23 -29.26 -15.55
N THR B 308 7.04 -28.51 -14.47
CA THR B 308 7.06 -29.09 -13.13
C THR B 308 5.98 -28.42 -12.29
N ASP B 309 5.85 -28.85 -11.05
CA ASP B 309 4.89 -28.25 -10.14
C ASP B 309 5.19 -26.77 -9.99
N ARG B 310 4.13 -25.99 -9.74
CA ARG B 310 4.20 -24.54 -9.83
C ARG B 310 5.23 -23.94 -8.88
N GLU B 311 5.51 -24.61 -7.76
CA GLU B 311 6.39 -24.06 -6.74
C GLU B 311 7.87 -24.33 -6.98
N VAL B 312 8.22 -24.97 -8.10
CA VAL B 312 9.63 -25.14 -8.49
C VAL B 312 9.76 -24.76 -9.96
N ARG B 313 8.70 -24.18 -10.53
CA ARG B 313 8.68 -23.88 -11.95
C ARG B 313 9.41 -22.58 -12.24
N LEU B 314 10.23 -22.61 -13.29
CA LEU B 314 10.92 -21.43 -13.77
C LEU B 314 9.94 -20.28 -13.98
N GLY B 315 10.31 -19.08 -13.52
CA GLY B 315 9.45 -17.92 -13.61
C GLY B 315 8.70 -17.60 -12.35
N ARG B 316 8.95 -18.31 -11.25
CA ARG B 316 8.35 -17.93 -9.97
C ARG B 316 9.16 -16.82 -9.30
N ASN B 317 10.46 -16.75 -9.57
CA ASN B 317 11.32 -15.65 -9.13
C ASN B 317 11.51 -14.63 -10.24
N GLY B 318 10.47 -14.35 -11.01
CA GLY B 318 10.55 -13.37 -12.08
C GLY B 318 11.18 -13.92 -13.35
N VAL B 319 11.11 -13.09 -14.39
CA VAL B 319 11.54 -13.51 -15.72
C VAL B 319 13.06 -13.47 -15.88
N GLU B 320 13.76 -12.71 -15.03
CA GLU B 320 15.20 -12.51 -15.22
C GLU B 320 15.97 -13.83 -15.26
N GLU B 321 15.49 -14.85 -14.55
CA GLU B 321 16.17 -16.13 -14.55
C GLU B 321 15.83 -16.98 -15.77
N ILE B 322 14.70 -16.71 -16.41
CA ILE B 322 14.42 -17.36 -17.70
C ILE B 322 15.42 -16.87 -18.74
N LYS B 323 15.84 -15.62 -18.66
CA LYS B 323 16.68 -15.04 -19.71
C LYS B 323 18.10 -15.58 -19.68
N GLN B 324 18.63 -15.93 -18.51
CA GLN B 324 19.99 -16.46 -18.43
C GLN B 324 20.00 -17.98 -18.37
N HIS B 325 19.19 -18.62 -19.19
CA HIS B 325 19.25 -20.08 -19.35
C HIS B 325 20.23 -20.43 -20.48
N PRO B 326 21.02 -21.50 -20.29
CA PRO B 326 21.96 -21.92 -21.33
C PRO B 326 21.36 -22.12 -22.72
N PHE B 327 20.04 -22.32 -22.80
CA PHE B 327 19.40 -22.53 -24.10
C PHE B 327 19.40 -21.27 -24.94
N PHE B 328 19.25 -20.10 -24.32
CA PHE B 328 19.09 -18.85 -25.03
C PHE B 328 20.42 -18.23 -25.47
N LYS B 329 21.51 -19.00 -25.49
CA LYS B 329 22.75 -18.51 -26.07
C LYS B 329 22.65 -18.53 -27.59
N ASN B 330 23.19 -17.48 -28.21
CA ASN B 330 23.23 -17.35 -29.66
C ASN B 330 24.03 -16.09 -29.97
N ASP B 331 24.36 -15.92 -31.26
CA ASP B 331 25.05 -14.73 -31.73
C ASP B 331 24.15 -13.78 -32.50
N GLN B 332 22.87 -14.13 -32.68
CA GLN B 332 21.99 -13.32 -33.51
C GLN B 332 21.38 -12.16 -32.73
N TRP B 333 20.93 -12.40 -31.50
CA TRP B 333 20.07 -11.44 -30.82
C TRP B 333 20.38 -11.36 -29.34
N ASN B 334 20.35 -10.15 -28.80
CA ASN B 334 20.27 -9.91 -27.37
C ASN B 334 18.80 -9.89 -26.94
N TRP B 335 18.56 -9.76 -25.64
CA TRP B 335 17.18 -9.67 -25.17
C TRP B 335 16.61 -8.27 -25.28
N ASP B 336 17.47 -7.24 -25.34
CA ASP B 336 17.00 -5.87 -25.52
C ASP B 336 16.81 -5.51 -26.99
N ASN B 337 17.32 -6.31 -27.93
CA ASN B 337 17.27 -5.95 -29.34
C ASN B 337 16.57 -6.98 -30.22
N ILE B 338 16.02 -8.06 -29.66
CA ILE B 338 15.64 -9.20 -30.49
C ILE B 338 14.59 -8.80 -31.52
N ARG B 339 13.68 -7.90 -31.16
CA ARG B 339 12.60 -7.57 -32.08
C ARG B 339 13.03 -6.65 -33.20
N GLU B 340 14.32 -6.30 -33.28
CA GLU B 340 14.87 -5.59 -34.43
C GLU B 340 16.01 -6.38 -35.06
N THR B 341 15.98 -7.71 -34.91
CA THR B 341 16.92 -8.60 -35.59
C THR B 341 16.18 -9.43 -36.62
N ALA B 342 16.96 -10.16 -37.42
CA ALA B 342 16.39 -10.98 -38.49
C ALA B 342 15.61 -12.15 -37.89
N ALA B 343 14.31 -12.20 -38.19
CA ALA B 343 13.52 -13.36 -37.80
C ALA B 343 13.88 -14.56 -38.68
N PRO B 344 13.68 -15.79 -38.18
CA PRO B 344 14.05 -16.96 -38.98
C PRO B 344 13.15 -17.21 -40.17
N VAL B 345 11.89 -16.74 -40.14
CA VAL B 345 10.97 -16.89 -41.27
C VAL B 345 10.31 -15.53 -41.49
N VAL B 346 10.69 -14.86 -42.58
CA VAL B 346 10.00 -13.67 -43.06
C VAL B 346 9.10 -14.09 -44.21
N PRO B 347 7.78 -13.90 -44.11
CA PRO B 347 6.90 -14.28 -45.23
C PRO B 347 6.97 -13.24 -46.35
N GLU B 348 7.38 -13.68 -47.53
CA GLU B 348 7.28 -12.83 -48.70
C GLU B 348 5.81 -12.57 -48.98
N LEU B 349 5.42 -11.30 -49.01
CA LEU B 349 4.02 -10.92 -49.12
C LEU B 349 3.84 -10.01 -50.33
N SER B 350 2.97 -10.42 -51.24
CA SER B 350 2.87 -9.78 -52.55
C SER B 350 2.06 -8.49 -52.49
N SER B 351 1.01 -8.46 -51.67
CA SER B 351 0.17 -7.27 -51.53
C SER B 351 -0.09 -7.07 -50.04
N ASP B 352 -0.96 -6.11 -49.73
CA ASP B 352 -1.34 -5.84 -48.35
C ASP B 352 -2.60 -6.57 -47.92
N ILE B 353 -3.20 -7.36 -48.83
CA ILE B 353 -4.31 -8.24 -48.50
C ILE B 353 -3.96 -9.69 -48.73
N ASP B 354 -2.68 -9.99 -48.94
CA ASP B 354 -2.23 -11.37 -49.01
C ASP B 354 -2.62 -12.11 -47.72
N SER B 355 -3.27 -13.26 -47.89
CA SER B 355 -3.71 -14.06 -46.76
C SER B 355 -3.33 -15.53 -46.95
N SER B 356 -2.21 -15.78 -47.60
CA SER B 356 -1.80 -17.15 -47.90
C SER B 356 -1.34 -17.92 -46.67
N ASN B 357 -1.07 -17.25 -45.55
CA ASN B 357 -0.72 -17.90 -44.31
C ASN B 357 -1.94 -18.19 -43.44
N PHE B 358 -3.14 -18.16 -44.01
CA PHE B 358 -4.38 -18.52 -43.33
C PHE B 358 -5.16 -19.47 -44.21
N ASP B 359 -5.64 -20.57 -43.63
CA ASP B 359 -6.38 -21.56 -44.40
C ASP B 359 -7.75 -21.02 -44.81
N ASP B 360 -8.34 -21.68 -45.81
CA ASP B 360 -9.68 -21.33 -46.27
C ASP B 360 -10.73 -21.79 -45.26
N ILE B 361 -11.92 -21.18 -45.35
CA ILE B 361 -12.99 -21.37 -44.37
C ILE B 361 -14.33 -21.15 -45.08
N GLU B 362 -15.37 -21.88 -44.64
CA GLU B 362 -16.77 -21.56 -44.97
C GLU B 362 -17.70 -22.54 -44.24
N ASP B 363 -18.96 -22.11 -44.10
CA ASP B 363 -20.15 -22.89 -43.73
C ASP B 363 -21.21 -22.03 -43.05
N ASP B 364 -21.58 -20.91 -43.67
CA ASP B 364 -22.71 -20.07 -43.25
C ASP B 364 -22.64 -19.57 -41.79
N ASP B 367 -25.66 -20.33 -40.55
CA ASP B 367 -25.68 -19.82 -39.18
C ASP B 367 -26.48 -18.52 -39.08
N VAL B 368 -26.03 -17.65 -38.16
CA VAL B 368 -26.69 -16.47 -37.59
C VAL B 368 -27.78 -16.93 -36.62
N GLU B 369 -27.95 -16.17 -35.52
CA GLU B 369 -28.80 -16.55 -34.40
C GLU B 369 -28.75 -15.49 -33.28
N THR B 370 -29.91 -14.95 -32.88
CA THR B 370 -29.92 -13.88 -31.88
C THR B 370 -31.17 -13.96 -31.00
N PHE B 371 -31.17 -13.11 -29.96
CA PHE B 371 -32.07 -12.99 -28.82
C PHE B 371 -33.54 -13.29 -29.11
N PRO B 372 -34.20 -14.06 -28.26
CA PRO B 372 -35.67 -14.18 -28.33
C PRO B 372 -36.33 -12.85 -28.04
N ILE B 373 -37.43 -12.58 -28.75
CA ILE B 373 -38.12 -11.30 -28.62
C ILE B 373 -38.69 -11.18 -27.21
N PRO B 374 -38.40 -10.10 -26.48
CA PRO B 374 -38.94 -9.97 -25.13
C PRO B 374 -40.45 -9.75 -25.13
N LYS B 375 -41.07 -10.15 -24.02
CA LYS B 375 -42.47 -9.87 -23.74
C LYS B 375 -42.63 -8.74 -22.73
N ALA B 376 -41.67 -8.58 -21.83
CA ALA B 376 -41.50 -7.41 -20.99
C ALA B 376 -40.03 -6.98 -21.10
N PHE B 377 -39.65 -5.94 -20.37
CA PHE B 377 -38.28 -5.47 -20.45
C PHE B 377 -37.34 -6.49 -19.81
N VAL B 378 -36.29 -6.86 -20.55
CA VAL B 378 -35.24 -7.73 -20.01
C VAL B 378 -33.86 -7.13 -20.15
N GLY B 379 -33.67 -6.11 -20.98
CA GLY B 379 -32.39 -5.43 -21.08
C GLY B 379 -31.26 -6.29 -21.61
N ASN B 380 -31.49 -6.94 -22.75
CA ASN B 380 -30.47 -7.81 -23.34
C ASN B 380 -29.29 -7.03 -23.90
N GLN B 381 -29.37 -5.70 -23.99
CA GLN B 381 -28.29 -4.89 -24.49
C GLN B 381 -27.54 -4.14 -23.39
N LEU B 382 -28.01 -4.24 -22.15
CA LEU B 382 -27.32 -3.56 -21.05
C LEU B 382 -25.88 -3.99 -20.84
N PRO B 383 -25.49 -5.27 -20.93
CA PRO B 383 -24.11 -5.65 -20.56
C PRO B 383 -23.06 -5.05 -21.46
N PHE B 384 -23.43 -4.59 -22.65
CA PHE B 384 -22.48 -4.08 -23.62
C PHE B 384 -22.36 -2.56 -23.59
N ILE B 385 -23.07 -1.88 -22.69
CA ILE B 385 -22.89 -0.45 -22.51
C ILE B 385 -21.46 -0.19 -22.07
N GLY B 386 -20.81 0.76 -22.74
CA GLY B 386 -19.43 1.08 -22.47
C GLY B 386 -18.42 0.33 -23.31
N PHE B 387 -18.87 -0.59 -24.17
CA PHE B 387 -17.97 -1.42 -24.96
C PHE B 387 -17.30 -0.68 -26.10
N THR B 388 -17.85 0.44 -26.54
CA THR B 388 -17.34 1.10 -27.73
C THR B 388 -16.03 1.81 -27.44
N TYR B 389 -15.03 1.59 -28.30
CA TYR B 389 -13.68 2.08 -28.10
C TYR B 389 -13.15 2.69 -29.40
N TYR B 390 -12.47 3.83 -29.28
CA TYR B 390 -11.74 4.43 -30.38
C TYR B 390 -10.35 4.81 -29.94
N ARG B 391 -9.38 4.66 -30.84
CA ARG B 391 -8.15 5.44 -30.78
C ARG B 391 -8.35 6.64 -31.68
N GLN C 1 19.32 -8.55 38.80
CA GLN C 1 19.14 -7.88 37.50
C GLN C 1 19.62 -6.44 37.54
N ARG C 2 20.35 -6.07 38.60
CA ARG C 2 20.71 -4.68 38.86
C ARG C 2 22.12 -4.34 38.37
N LYS C 3 23.13 -5.01 38.90
CA LYS C 3 24.49 -4.72 38.45
C LYS C 3 24.75 -5.19 37.03
N LEU C 4 23.81 -5.93 36.43
CA LEU C 4 23.94 -6.33 35.04
C LEU C 4 23.95 -5.10 34.13
N GLU C 5 23.00 -4.18 34.33
CA GLU C 5 22.97 -2.97 33.53
C GLU C 5 24.24 -2.15 33.73
N ALA C 6 24.77 -2.14 34.95
CA ALA C 6 26.03 -1.45 35.21
C ALA C 6 27.18 -2.11 34.45
N LEU C 7 27.18 -3.44 34.37
CA LEU C 7 28.23 -4.14 33.61
C LEU C 7 28.21 -3.74 32.14
N ILE C 8 27.02 -3.56 31.57
CA ILE C 8 26.92 -3.15 30.18
C ILE C 8 27.27 -1.68 30.03
N ARG C 9 26.99 -0.88 31.06
CA ARG C 9 27.23 0.56 31.02
C ARG C 9 28.67 0.93 31.32
N ASP C 10 29.41 0.05 32.02
CA ASP C 10 30.81 0.33 32.37
C ASP C 10 31.67 0.37 31.11
N PRO C 11 32.45 1.45 30.91
CA PRO C 11 33.34 1.50 29.74
C PRO C 11 34.51 0.52 29.82
N ARG C 12 34.89 0.06 31.01
CA ARG C 12 36.03 -0.85 31.12
C ARG C 12 35.64 -2.30 30.89
N SER C 13 34.39 -2.67 31.17
CA SER C 13 33.99 -4.06 31.15
C SER C 13 34.05 -4.63 29.73
N PRO C 14 34.43 -5.90 29.58
CA PRO C 14 34.49 -6.50 28.24
C PRO C 14 33.15 -6.86 27.65
N ILE C 15 32.04 -6.61 28.37
CA ILE C 15 30.73 -6.84 27.80
C ILE C 15 29.93 -5.54 27.82
N ASN C 16 30.53 -4.46 27.31
CA ASN C 16 29.76 -3.25 27.07
C ASN C 16 29.22 -3.28 25.64
N VAL C 17 28.49 -2.23 25.27
CA VAL C 17 27.75 -2.25 24.01
C VAL C 17 28.69 -2.29 22.81
N GLU C 18 29.85 -1.62 22.89
CA GLU C 18 30.82 -1.70 21.80
C GLU C 18 31.35 -3.13 21.64
N SER C 19 31.68 -3.78 22.75
CA SER C 19 32.19 -5.14 22.69
C SER C 19 31.13 -6.10 22.16
N LEU C 20 29.88 -5.95 22.61
CA LEU C 20 28.82 -6.81 22.11
C LEU C 20 28.60 -6.61 20.61
N LEU C 21 28.64 -5.36 20.15
CA LEU C 21 28.56 -5.11 18.71
C LEU C 21 29.80 -5.64 18.00
N ASP C 22 30.97 -5.48 18.61
CA ASP C 22 32.17 -6.10 18.07
C ASP C 22 32.01 -7.62 17.97
N GLY C 23 31.42 -8.24 18.99
CA GLY C 23 31.24 -9.68 18.96
C GLY C 23 30.31 -10.12 17.85
N LEU C 24 29.15 -9.47 17.75
CA LEU C 24 28.24 -9.76 16.64
C LEU C 24 28.91 -9.50 15.31
N ASN C 25 29.69 -8.42 15.22
CA ASN C 25 30.34 -8.07 13.96
C ASN C 25 31.46 -9.04 13.60
N SER C 26 32.13 -9.60 14.60
CA SER C 26 33.20 -10.57 14.34
C SER C 26 32.62 -11.92 13.93
N LEU C 27 31.58 -12.37 14.62
CA LEU C 27 30.96 -13.64 14.27
C LEU C 27 30.45 -13.63 12.83
N VAL C 28 29.88 -12.51 12.40
CA VAL C 28 29.34 -12.43 11.04
C VAL C 28 30.46 -12.50 10.00
N LEU C 29 31.54 -11.75 10.22
CA LEU C 29 32.65 -11.77 9.28
C LEU C 29 33.34 -13.13 9.24
N ASP C 30 33.42 -13.83 10.36
CA ASP C 30 34.07 -15.14 10.41
C ASP C 30 33.18 -16.25 9.87
N LEU C 31 31.89 -16.01 9.66
CA LEU C 31 30.99 -17.02 9.12
C LEU C 31 30.67 -16.80 7.64
N ASP C 32 30.78 -15.57 7.14
CA ASP C 32 30.31 -15.24 5.80
C ASP C 32 31.37 -15.65 4.77
N PHE C 33 31.41 -16.95 4.49
CA PHE C 33 32.24 -17.52 3.45
C PHE C 33 31.46 -18.70 2.87
N PRO C 34 31.50 -18.91 1.56
CA PRO C 34 30.56 -19.85 0.94
C PRO C 34 30.67 -21.26 1.49
N ALA C 35 31.86 -21.68 1.91
CA ALA C 35 32.05 -23.05 2.36
C ALA C 35 31.33 -23.31 3.67
N LEU C 36 31.45 -22.40 4.63
CA LEU C 36 30.79 -22.58 5.93
C LEU C 36 29.28 -22.48 5.80
N ARG C 37 28.78 -21.66 4.88
CA ARG C 37 27.35 -21.48 4.70
C ARG C 37 26.65 -22.74 4.19
N LYS C 38 27.39 -23.80 3.86
CA LYS C 38 26.76 -25.10 3.62
C LYS C 38 26.01 -25.58 4.84
N ASN C 39 26.46 -25.17 6.03
CA ASN C 39 25.72 -25.39 7.26
C ASN C 39 24.51 -24.46 7.29
N LYS C 40 23.33 -25.05 7.53
CA LYS C 40 22.12 -24.23 7.50
C LYS C 40 21.84 -23.50 8.81
N ASN C 41 22.48 -23.91 9.91
CA ASN C 41 22.47 -23.05 11.10
C ASN C 41 23.19 -21.75 10.80
N ILE C 42 24.32 -21.82 10.09
CA ILE C 42 25.13 -20.65 9.82
C ILE C 42 24.48 -19.79 8.75
N ASP C 43 23.96 -20.42 7.70
CA ASP C 43 23.29 -19.67 6.64
C ASP C 43 22.07 -18.93 7.17
N ASN C 44 21.26 -19.59 8.00
CA ASN C 44 20.07 -18.97 8.55
C ASN C 44 20.43 -17.81 9.48
N PHE C 45 21.43 -18.01 10.35
CA PHE C 45 21.87 -16.92 11.22
C PHE C 45 22.26 -15.70 10.41
N LEU C 46 23.09 -15.90 9.37
CA LEU C 46 23.52 -14.79 8.55
C LEU C 46 22.36 -14.12 7.83
N ASN C 47 21.30 -14.87 7.53
CA ASN C 47 20.18 -14.27 6.81
C ASN C 47 19.40 -13.31 7.72
N ARG C 48 19.17 -13.71 8.97
CA ARG C 48 18.53 -12.79 9.91
C ARG C 48 19.34 -11.53 10.08
N TYR C 49 20.66 -11.67 10.23
CA TYR C 49 21.49 -10.60 10.77
C TYR C 49 22.36 -9.89 9.74
N GLU C 50 22.41 -10.34 8.48
CA GLU C 50 23.27 -9.66 7.52
C GLU C 50 22.77 -8.26 7.21
N LYS C 51 21.46 -8.10 7.01
CA LYS C 51 20.91 -6.78 6.69
C LYS C 51 21.17 -5.80 7.82
N ILE C 52 20.82 -6.18 9.05
CA ILE C 52 20.97 -5.27 10.19
C ILE C 52 22.44 -5.00 10.49
N VAL C 53 23.33 -5.96 10.21
CA VAL C 53 24.75 -5.75 10.50
C VAL C 53 25.36 -4.73 9.54
N LYS C 54 24.88 -4.68 8.29
CA LYS C 54 25.30 -3.61 7.39
C LYS C 54 24.88 -2.24 7.94
N LYS C 55 23.61 -2.12 8.33
CA LYS C 55 23.08 -0.86 8.86
C LYS C 55 23.92 -0.37 10.03
N ILE C 56 24.13 -1.24 11.03
CA ILE C 56 25.01 -0.92 12.15
C ILE C 56 26.35 -0.39 11.64
N ARG C 57 27.05 -1.24 10.87
CA ARG C 57 28.41 -0.95 10.42
C ARG C 57 28.55 0.43 9.79
N GLY C 58 27.44 1.03 9.36
CA GLY C 58 27.46 2.37 8.82
C GLY C 58 27.22 3.46 9.86
N LEU C 59 26.26 3.22 10.76
CA LEU C 59 26.05 4.18 11.86
C LEU C 59 27.26 4.23 12.78
N GLN C 60 27.93 3.09 12.98
CA GLN C 60 29.21 3.01 13.67
C GLN C 60 30.20 4.02 13.10
N MET C 61 31.21 4.39 13.87
CA MET C 61 32.30 5.17 13.30
C MET C 61 33.01 4.33 12.23
N LYS C 62 33.30 4.96 11.10
CA LYS C 62 33.86 4.27 9.95
C LYS C 62 35.13 4.99 9.53
N ALA C 63 35.91 4.31 8.68
CA ALA C 63 37.03 4.97 8.02
C ALA C 63 36.56 6.09 7.11
N GLU C 64 35.38 5.93 6.49
CA GLU C 64 34.89 6.92 5.55
C GLU C 64 34.38 8.19 6.22
N ASP C 65 34.11 8.16 7.52
CA ASP C 65 33.73 9.38 8.22
C ASP C 65 34.84 10.42 8.22
N TYR C 66 36.07 10.03 7.84
CA TYR C 66 37.23 10.90 7.88
C TYR C 66 37.71 11.20 6.48
N ASP C 67 38.47 12.30 6.37
CA ASP C 67 39.02 12.78 5.11
C ASP C 67 40.54 12.74 5.22
N VAL C 68 41.17 11.94 4.37
CA VAL C 68 42.62 11.73 4.45
C VAL C 68 43.31 12.95 3.85
N VAL C 69 43.88 13.80 4.70
CA VAL C 69 44.52 15.02 4.23
C VAL C 69 45.87 14.73 3.59
N LYS C 70 46.75 14.03 4.30
CA LYS C 70 47.95 13.46 3.69
C LYS C 70 48.59 12.49 4.68
N VAL C 71 49.57 11.75 4.16
CA VAL C 71 50.26 10.71 4.94
C VAL C 71 51.47 11.35 5.61
N ILE C 72 51.44 11.42 6.94
CA ILE C 72 52.52 12.03 7.70
C ILE C 72 53.48 11.01 8.29
N GLY C 73 53.19 9.71 8.16
CA GLY C 73 54.05 8.67 8.67
C GLY C 73 53.67 7.31 8.11
N ARG C 74 54.64 6.40 8.03
CA ARG C 74 54.34 5.00 7.75
C ARG C 74 55.18 4.14 8.66
N GLY C 75 54.54 3.14 9.29
CA GLY C 75 55.23 2.14 10.08
C GLY C 75 54.60 0.78 9.82
N ALA C 76 54.50 0.42 8.55
CA ALA C 76 53.86 -0.80 8.07
C ALA C 76 54.23 -1.98 8.95
N PHE C 77 53.30 -2.55 9.74
CA PHE C 77 51.82 -2.45 9.79
C PHE C 77 50.91 -1.37 9.18
N GLY C 78 51.23 -0.09 9.28
CA GLY C 78 50.24 0.91 8.96
C GLY C 78 50.77 2.24 8.50
N GLU C 79 49.92 2.94 7.75
CA GLU C 79 50.10 4.35 7.48
C GLU C 79 49.72 5.17 8.71
N VAL C 80 50.39 6.31 8.87
CA VAL C 80 49.96 7.38 9.75
C VAL C 80 49.44 8.51 8.86
N GLN C 81 48.15 8.82 8.96
CA GLN C 81 47.57 9.83 8.09
C GLN C 81 46.92 10.94 8.91
N LEU C 82 47.22 12.18 8.51
CA LEU C 82 46.52 13.35 9.00
C LEU C 82 45.11 13.40 8.42
N VAL C 83 44.10 13.35 9.28
CA VAL C 83 42.71 13.24 8.83
C VAL C 83 41.92 14.44 9.34
N ARG C 84 40.78 14.68 8.69
CA ARG C 84 39.75 15.57 9.21
C ARG C 84 38.44 14.81 9.28
N HIS C 85 37.83 14.79 10.46
CA HIS C 85 36.48 14.26 10.60
C HIS C 85 35.52 15.12 9.80
N LYS C 86 34.69 14.48 8.97
CA LYS C 86 33.84 15.22 8.06
C LYS C 86 32.80 16.04 8.82
N ALA C 87 32.02 15.40 9.69
CA ALA C 87 30.95 16.09 10.40
C ALA C 87 31.50 17.20 11.29
N SER C 88 32.37 16.85 12.24
CA SER C 88 32.83 17.81 13.23
C SER C 88 33.80 18.84 12.66
N GLN C 89 34.42 18.55 11.52
CA GLN C 89 35.44 19.38 10.87
C GLN C 89 36.73 19.50 11.66
N LYS C 90 36.90 18.74 12.75
CA LYS C 90 38.14 18.83 13.50
C LYS C 90 39.14 17.79 12.98
N VAL C 91 40.40 17.98 13.36
CA VAL C 91 41.53 17.38 12.67
C VAL C 91 42.29 16.45 13.63
N TYR C 92 42.67 15.27 13.14
CA TYR C 92 43.33 14.26 13.95
C TYR C 92 44.46 13.64 13.15
N ALA C 93 45.18 12.72 13.80
CA ALA C 93 46.08 11.79 13.14
C ALA C 93 45.56 10.38 13.40
N MET C 94 45.56 9.56 12.35
CA MET C 94 44.98 8.23 12.42
C MET C 94 46.04 7.19 12.10
N LYS C 95 46.25 6.26 13.02
CA LYS C 95 47.15 5.14 12.79
C LYS C 95 46.34 3.98 12.24
N LEU C 96 46.67 3.55 11.02
CA LEU C 96 46.13 2.30 10.51
C LEU C 96 46.98 1.14 11.01
N LEU C 97 46.33 0.03 11.31
CA LEU C 97 47.02 -1.16 11.81
C LEU C 97 46.42 -2.38 11.14
N SER C 98 47.20 -3.04 10.28
CA SER C 98 46.76 -4.27 9.64
C SER C 98 46.41 -5.34 10.67
N LYS C 99 45.25 -5.97 10.49
CA LYS C 99 44.85 -7.05 11.38
C LYS C 99 45.69 -8.30 11.13
N PHE C 100 45.88 -8.65 9.86
CA PHE C 100 46.66 -9.84 9.52
C PHE C 100 48.06 -9.78 10.10
N GLU C 101 48.60 -8.57 10.26
CA GLU C 101 49.94 -8.42 10.82
C GLU C 101 49.92 -8.39 12.34
N MET C 102 48.92 -7.69 12.92
CA MET C 102 48.78 -7.68 14.37
C MET C 102 48.75 -9.11 14.92
N ILE C 103 47.93 -9.97 14.32
CA ILE C 103 47.92 -11.39 14.67
C ILE C 103 49.03 -12.07 13.89
N LYS C 104 50.25 -11.98 14.42
CA LYS C 104 51.46 -12.48 13.77
C LYS C 104 52.69 -11.93 14.47
N ARG C 105 52.69 -10.61 14.71
CA ARG C 105 53.90 -9.89 15.07
C ARG C 105 53.85 -9.36 16.50
N SER C 106 53.59 -8.05 16.66
CA SER C 106 53.42 -7.44 17.98
C SER C 106 52.17 -8.00 18.66
N ASP C 107 52.26 -9.25 19.14
CA ASP C 107 51.09 -10.11 19.16
C ASP C 107 51.05 -11.04 20.37
N SER C 108 49.82 -11.24 20.88
CA SER C 108 49.38 -12.40 21.67
C SER C 108 48.00 -12.17 22.29
N ALA C 109 47.51 -10.92 22.27
CA ALA C 109 46.13 -10.51 22.63
C ALA C 109 45.62 -11.03 23.98
N PHE C 110 45.09 -10.13 24.83
CA PHE C 110 44.66 -8.82 24.40
C PHE C 110 45.54 -7.64 24.83
N PHE C 111 46.60 -7.54 24.05
CA PHE C 111 46.98 -6.34 23.33
C PHE C 111 45.87 -5.29 23.37
N TRP C 112 46.22 -4.00 23.43
CA TRP C 112 45.36 -2.82 23.65
C TRP C 112 44.96 -2.65 25.12
N GLU C 113 45.41 -3.51 26.02
CA GLU C 113 45.15 -3.28 27.44
C GLU C 113 45.88 -2.03 27.93
N GLU C 114 47.17 -1.90 27.58
CA GLU C 114 47.93 -0.73 28.00
C GLU C 114 47.37 0.54 27.37
N ARG C 115 46.91 0.44 26.11
CA ARG C 115 46.21 1.54 25.47
C ARG C 115 45.07 2.07 26.35
N ASP C 116 44.28 1.16 26.93
CA ASP C 116 43.21 1.57 27.82
C ASP C 116 43.77 2.23 29.08
N ILE C 117 44.83 1.68 29.65
CA ILE C 117 45.41 2.22 30.87
C ILE C 117 45.78 3.69 30.67
N MET C 118 46.29 4.03 29.48
CA MET C 118 46.67 5.41 29.20
C MET C 118 45.47 6.28 28.88
N ALA C 119 44.54 5.76 28.07
CA ALA C 119 43.39 6.56 27.65
C ALA C 119 42.59 7.06 28.85
N PHE C 120 42.36 6.18 29.82
CA PHE C 120 41.58 6.58 30.99
C PHE C 120 42.42 7.33 32.00
N ALA C 121 43.74 7.14 32.00
CA ALA C 121 44.61 8.00 32.79
C ALA C 121 44.57 9.42 32.26
N ASN C 122 44.67 9.57 30.94
CA ASN C 122 44.55 10.86 30.25
C ASN C 122 45.61 11.85 30.76
N SER C 123 46.87 11.45 30.60
CA SER C 123 47.95 12.31 31.08
C SER C 123 48.22 13.43 30.07
N PRO C 124 48.46 14.65 30.55
CA PRO C 124 48.84 15.73 29.63
C PRO C 124 50.14 15.47 28.89
N TRP C 125 50.91 14.45 29.31
CA TRP C 125 52.22 14.17 28.76
C TRP C 125 52.20 13.04 27.74
N VAL C 126 51.07 12.39 27.52
CA VAL C 126 50.96 11.29 26.57
C VAL C 126 49.98 11.70 25.48
N VAL C 127 50.37 11.48 24.23
CA VAL C 127 49.48 11.72 23.09
C VAL C 127 48.16 11.00 23.34
N GLN C 128 47.06 11.70 23.11
CA GLN C 128 45.75 11.27 23.57
C GLN C 128 44.98 10.55 22.47
N LEU C 129 44.50 9.35 22.78
CA LEU C 129 43.60 8.61 21.89
C LEU C 129 42.17 9.13 22.06
N PHE C 130 41.52 9.44 20.95
CA PHE C 130 40.15 9.94 20.98
C PHE C 130 39.14 8.87 20.58
N CYS C 131 39.36 8.21 19.45
CA CYS C 131 38.47 7.17 18.96
C CYS C 131 39.32 6.01 18.45
N ALA C 132 38.72 4.83 18.43
CA ALA C 132 39.40 3.63 17.95
C ALA C 132 38.35 2.67 17.40
N PHE C 133 38.55 2.23 16.16
CA PHE C 133 37.56 1.40 15.48
C PHE C 133 38.26 0.49 14.49
N GLN C 134 37.46 -0.34 13.81
CA GLN C 134 37.99 -1.42 13.00
C GLN C 134 37.05 -1.73 11.85
N ASP C 135 37.63 -2.12 10.71
CA ASP C 135 36.90 -2.80 9.65
C ASP C 135 37.50 -4.20 9.50
N ASP C 136 37.09 -4.91 8.45
CA ASP C 136 37.51 -6.30 8.33
C ASP C 136 39.00 -6.46 8.06
N LYS C 137 39.70 -5.39 7.68
CA LYS C 137 41.13 -5.46 7.39
C LYS C 137 42.01 -4.70 8.37
N TYR C 138 41.52 -3.60 8.95
CA TYR C 138 42.37 -2.69 9.69
C TYR C 138 41.87 -2.41 11.09
N LEU C 139 42.81 -2.02 11.94
CA LEU C 139 42.53 -1.31 13.18
C LEU C 139 42.84 0.16 12.97
N TYR C 140 42.03 1.03 13.56
CA TYR C 140 42.17 2.47 13.40
C TYR C 140 42.32 3.13 14.77
N MET C 141 43.35 3.96 14.91
CA MET C 141 43.61 4.70 16.14
C MET C 141 43.55 6.19 15.81
N VAL C 142 42.45 6.84 16.20
CA VAL C 142 42.29 8.28 15.97
C VAL C 142 42.77 9.01 17.22
N MET C 143 43.91 9.69 17.11
CA MET C 143 44.54 10.36 18.23
C MET C 143 44.81 11.82 17.87
N GLU C 144 45.18 12.60 18.88
CA GLU C 144 45.35 14.04 18.68
C GLU C 144 46.55 14.33 17.80
N TYR C 145 46.39 15.31 16.91
CA TYR C 145 47.43 15.67 15.97
C TYR C 145 48.46 16.57 16.64
N MET C 146 49.74 16.25 16.45
CA MET C 146 50.84 16.96 17.07
C MET C 146 51.59 17.74 15.99
N PRO C 147 51.18 18.97 15.69
CA PRO C 147 51.66 19.64 14.47
C PRO C 147 53.11 20.11 14.51
N GLY C 148 53.81 19.99 15.64
CA GLY C 148 55.18 20.40 15.73
C GLY C 148 56.20 19.35 15.31
N GLY C 149 55.75 18.15 14.96
CA GLY C 149 56.66 17.10 14.54
C GLY C 149 57.36 16.42 15.69
N ASP C 150 58.19 15.44 15.36
CA ASP C 150 58.97 14.73 16.36
C ASP C 150 60.29 15.47 16.61
N LEU C 151 61.07 14.95 17.55
CA LEU C 151 62.33 15.61 17.90
C LEU C 151 63.50 15.14 17.06
N VAL C 152 63.33 14.08 16.26
CA VAL C 152 64.24 13.85 15.14
C VAL C 152 64.28 15.07 14.25
N ASN C 153 63.10 15.56 13.88
CA ASN C 153 62.97 16.70 12.97
C ASN C 153 63.56 17.96 13.59
N LEU C 154 63.25 18.21 14.87
CA LEU C 154 63.79 19.40 15.53
C LEU C 154 65.30 19.37 15.58
N MET C 155 65.88 18.24 16.01
CA MET C 155 67.32 18.15 16.15
C MET C 155 68.05 18.29 14.82
N SER C 156 67.38 18.00 13.70
CA SER C 156 68.01 18.17 12.40
C SER C 156 67.91 19.60 11.87
N ASN C 157 66.96 20.38 12.37
CA ASN C 157 66.76 21.75 11.90
C ASN C 157 67.36 22.80 12.84
N TYR C 158 67.91 22.38 13.98
CA TYR C 158 68.44 23.33 14.96
C TYR C 158 69.63 22.75 15.68
N ASP C 159 70.67 23.56 15.83
CA ASP C 159 71.69 23.30 16.85
C ASP C 159 71.10 23.69 18.19
N VAL C 160 70.93 22.70 19.07
CA VAL C 160 70.07 22.83 20.24
C VAL C 160 70.92 23.40 21.39
N PRO C 161 70.59 24.58 21.92
CA PRO C 161 71.26 25.06 23.13
C PRO C 161 70.78 24.31 24.36
N GLU C 162 71.53 24.49 25.46
CA GLU C 162 71.19 23.80 26.69
C GLU C 162 69.91 24.33 27.31
N LYS C 163 69.64 25.63 27.15
CA LYS C 163 68.35 26.20 27.53
C LYS C 163 67.22 25.32 27.01
N TRP C 164 67.29 24.94 25.74
CA TRP C 164 66.28 24.07 25.15
C TRP C 164 66.40 22.65 25.66
N ALA C 165 67.63 22.13 25.75
CA ALA C 165 67.82 20.75 26.17
C ALA C 165 67.28 20.52 27.59
N LYS C 166 67.55 21.47 28.50
CA LYS C 166 66.93 21.44 29.82
C LYS C 166 65.43 21.25 29.71
N PHE C 167 64.80 22.02 28.82
CA PHE C 167 63.34 22.02 28.71
C PHE C 167 62.81 20.67 28.25
N TYR C 168 63.30 20.17 27.12
CA TYR C 168 62.76 18.94 26.56
C TYR C 168 63.07 17.75 27.47
N THR C 169 64.30 17.65 27.96
CA THR C 169 64.64 16.57 28.87
C THR C 169 63.71 16.56 30.08
N ALA C 170 63.46 17.74 30.65
CA ALA C 170 62.55 17.82 31.80
C ALA C 170 61.15 17.34 31.44
N GLU C 171 60.66 17.73 30.26
CA GLU C 171 59.31 17.31 29.87
C GLU C 171 59.25 15.81 29.60
N VAL C 172 60.33 15.23 29.06
CA VAL C 172 60.38 13.78 28.89
C VAL C 172 60.34 13.09 30.24
N VAL C 173 61.03 13.66 31.24
CA VAL C 173 61.08 13.06 32.57
C VAL C 173 59.69 13.03 33.20
N LEU C 174 58.99 14.17 33.15
CA LEU C 174 57.64 14.21 33.71
C LEU C 174 56.70 13.25 32.98
N ALA C 175 56.92 13.05 31.68
CA ALA C 175 56.11 12.09 30.93
C ALA C 175 56.43 10.67 31.36
N LEU C 176 57.71 10.33 31.47
CA LEU C 176 58.09 8.99 31.89
C LEU C 176 57.67 8.71 33.33
N ASP C 177 57.68 9.74 34.18
CA ASP C 177 57.12 9.57 35.51
C ASP C 177 55.63 9.26 35.44
N ALA C 178 54.93 9.94 34.52
CA ALA C 178 53.49 9.70 34.38
C ALA C 178 53.21 8.30 33.87
N ILE C 179 53.93 7.86 32.83
CA ILE C 179 53.73 6.51 32.31
C ILE C 179 54.05 5.47 33.37
N HIS C 180 55.15 5.67 34.10
CA HIS C 180 55.50 4.75 35.17
C HIS C 180 54.43 4.74 36.27
N SER C 181 53.92 5.92 36.63
CA SER C 181 52.86 5.99 37.65
C SER C 181 51.62 5.22 37.21
N MET C 182 51.36 5.14 35.91
CA MET C 182 50.26 4.34 35.40
C MET C 182 50.55 2.85 35.46
N GLY C 183 51.72 2.45 35.93
CA GLY C 183 52.09 1.05 36.02
C GLY C 183 52.72 0.47 34.78
N LEU C 184 53.07 1.30 33.80
CA LEU C 184 53.64 0.83 32.54
C LEU C 184 55.09 1.30 32.42
N ILE C 185 55.85 0.61 31.58
CA ILE C 185 57.13 1.11 31.11
C ILE C 185 57.12 1.12 29.59
N HIS C 186 57.74 2.16 29.01
CA HIS C 186 57.57 2.46 27.60
C HIS C 186 58.35 1.51 26.70
N ARG C 187 59.60 1.21 27.06
CA ARG C 187 60.51 0.24 26.44
C ARG C 187 61.13 0.75 25.14
N ASP C 188 60.70 1.87 24.58
CA ASP C 188 61.22 2.32 23.30
C ASP C 188 61.17 3.85 23.23
N VAL C 189 61.83 4.51 24.19
CA VAL C 189 61.88 5.96 24.24
C VAL C 189 62.95 6.47 23.29
N LYS C 190 62.56 7.30 22.34
CA LYS C 190 63.49 7.85 21.34
C LYS C 190 62.83 9.08 20.73
N PRO C 191 63.61 9.91 20.01
CA PRO C 191 63.03 11.17 19.51
C PRO C 191 61.82 10.98 18.62
N ASP C 192 61.72 9.85 17.92
CA ASP C 192 60.54 9.60 17.10
C ASP C 192 59.26 9.58 17.95
N ASN C 193 59.36 9.06 19.17
CA ASN C 193 58.20 8.96 20.05
C ASN C 193 57.87 10.28 20.74
N MET C 194 58.77 11.26 20.72
CA MET C 194 58.56 12.54 21.37
C MET C 194 57.96 13.50 20.35
N LEU C 195 56.71 13.91 20.58
CA LEU C 195 55.99 14.76 19.64
C LEU C 195 55.66 16.11 20.26
N LEU C 196 55.57 17.12 19.40
CA LEU C 196 55.36 18.50 19.81
C LEU C 196 54.00 19.00 19.33
N ASP C 197 53.31 19.75 20.18
CA ASP C 197 51.94 20.14 19.93
C ASP C 197 51.87 21.55 19.32
N LYS C 198 50.67 22.12 19.34
CA LYS C 198 50.37 23.48 18.89
C LYS C 198 51.38 24.49 19.41
N HIS C 199 51.89 24.28 20.61
CA HIS C 199 52.66 25.29 21.33
C HIS C 199 54.13 24.96 21.46
N GLY C 200 54.56 23.79 21.01
CA GLY C 200 55.95 23.39 21.16
C GLY C 200 56.24 22.61 22.41
N HIS C 201 55.22 22.13 23.11
CA HIS C 201 55.40 21.29 24.29
C HIS C 201 55.32 19.82 23.91
N LEU C 202 55.94 18.98 24.73
CA LEU C 202 56.29 17.62 24.36
C LEU C 202 55.33 16.61 24.97
N LYS C 203 55.02 15.57 24.21
CA LYS C 203 54.31 14.40 24.71
C LYS C 203 55.00 13.15 24.19
N LEU C 204 54.87 12.07 24.95
CA LEU C 204 55.33 10.77 24.50
C LEU C 204 54.21 10.07 23.75
N ALA C 205 54.56 9.44 22.64
CA ALA C 205 53.63 8.59 21.91
C ALA C 205 54.01 7.13 22.15
N ASP C 206 52.99 6.27 22.09
CA ASP C 206 53.19 4.83 22.25
C ASP C 206 52.99 4.16 20.89
N PHE C 207 54.08 3.71 20.30
CA PHE C 207 54.02 2.99 19.03
C PHE C 207 53.88 1.49 19.25
N GLY C 208 53.04 1.09 20.20
CA GLY C 208 52.83 -0.31 20.48
C GLY C 208 53.95 -1.00 21.20
N THR C 209 54.61 -0.30 22.14
CA THR C 209 55.66 -0.91 22.96
C THR C 209 55.39 -0.83 24.44
N CYS C 210 54.54 0.10 24.90
CA CYS C 210 54.24 0.20 26.32
C CYS C 210 53.70 -1.13 26.84
N MET C 211 54.08 -1.47 28.07
CA MET C 211 53.82 -2.78 28.65
C MET C 211 53.69 -2.61 30.15
N LYS C 212 52.78 -3.36 30.76
CA LYS C 212 52.49 -3.19 32.17
C LYS C 212 53.27 -4.18 33.02
N MET C 213 53.63 -3.76 34.22
CA MET C 213 54.65 -4.41 35.03
C MET C 213 54.06 -5.48 35.94
N ASP C 214 54.97 -6.34 36.44
CA ASP C 214 54.64 -7.29 37.50
C ASP C 214 54.27 -6.58 38.79
N GLU C 215 54.01 -7.34 39.84
CA GLU C 215 54.05 -6.77 41.19
C GLU C 215 55.47 -6.31 41.52
N THR C 216 56.47 -7.05 41.05
CA THR C 216 57.86 -6.65 41.24
C THR C 216 58.18 -5.34 40.53
N GLY C 217 57.36 -4.92 39.58
CA GLY C 217 57.60 -3.70 38.85
C GLY C 217 58.38 -3.90 37.57
N MET C 218 58.31 -5.08 36.97
CA MET C 218 59.19 -5.43 35.86
C MET C 218 58.40 -6.13 34.77
N VAL C 219 58.98 -6.18 33.58
CA VAL C 219 58.34 -6.79 32.42
C VAL C 219 59.21 -7.95 31.97
N HIS C 220 58.83 -9.16 32.35
CA HIS C 220 59.51 -10.32 31.77
C HIS C 220 59.09 -10.46 30.32
N CYS C 221 59.87 -9.85 29.44
CA CYS C 221 59.67 -9.98 28.00
C CYS C 221 61.04 -10.07 27.34
N ASP C 222 61.17 -10.99 26.39
CA ASP C 222 62.44 -11.25 25.74
C ASP C 222 62.49 -10.77 24.30
N THR C 223 61.45 -10.07 23.84
CA THR C 223 61.23 -9.88 22.41
C THR C 223 61.99 -8.66 21.88
N ALA C 224 62.35 -8.74 20.60
CA ALA C 224 63.02 -7.65 19.90
C ALA C 224 62.08 -6.46 19.72
N VAL C 225 62.10 -5.54 20.69
CA VAL C 225 61.61 -4.18 20.48
C VAL C 225 62.69 -3.23 20.97
N GLY C 226 62.52 -1.96 20.63
CA GLY C 226 63.55 -0.98 20.91
C GLY C 226 64.47 -0.78 19.72
N THR C 227 64.74 0.47 19.38
CA THR C 227 65.69 0.77 18.31
C THR C 227 67.13 0.63 18.84
N PRO C 228 68.07 0.24 17.96
CA PRO C 228 69.42 -0.07 18.45
C PRO C 228 70.11 1.04 19.22
N ASP C 229 70.03 2.29 18.76
CA ASP C 229 70.78 3.36 19.40
C ASP C 229 70.30 3.62 20.82
N TYR C 230 68.98 3.62 21.05
CA TYR C 230 68.41 4.06 22.30
C TYR C 230 68.13 2.91 23.27
N ILE C 231 68.60 1.72 22.96
CA ILE C 231 68.31 0.57 23.78
C ILE C 231 69.32 0.51 24.91
N SER C 232 68.92 -0.12 26.02
CA SER C 232 69.72 -0.24 27.22
C SER C 232 70.44 -1.59 27.27
N PRO C 233 71.51 -1.69 28.05
CA PRO C 233 72.21 -2.99 28.13
C PRO C 233 71.35 -4.10 28.69
N GLU C 234 70.50 -3.81 29.68
CA GLU C 234 69.72 -4.87 30.32
C GLU C 234 68.62 -5.41 29.42
N VAL C 235 68.15 -4.61 28.45
CA VAL C 235 67.28 -5.17 27.43
C VAL C 235 68.08 -6.12 26.53
N LEU C 236 69.23 -5.67 26.06
CA LEU C 236 70.08 -6.50 25.22
C LEU C 236 70.46 -7.80 25.93
N LYS C 237 70.86 -7.70 27.19
CA LYS C 237 71.27 -8.89 27.92
C LYS C 237 70.10 -9.83 28.14
N SER C 238 68.89 -9.30 28.25
CA SER C 238 67.70 -10.12 28.42
C SER C 238 67.26 -10.80 27.14
N GLN C 239 67.60 -10.22 25.98
CA GLN C 239 67.22 -10.83 24.71
C GLN C 239 67.96 -12.15 24.47
N GLY C 240 69.17 -12.29 25.00
CA GLY C 240 69.93 -13.52 24.85
C GLY C 240 69.42 -14.63 25.76
N GLY C 241 68.10 -14.75 25.84
CA GLY C 241 67.47 -15.72 26.71
C GLY C 241 66.10 -15.25 27.20
N ASP C 242 65.89 -15.28 28.51
CA ASP C 242 64.62 -14.96 29.14
C ASP C 242 64.80 -13.71 29.99
N GLY C 243 63.87 -12.75 29.88
CA GLY C 243 64.21 -11.37 30.19
C GLY C 243 63.64 -10.61 31.38
N TYR C 244 64.45 -10.55 32.43
CA TYR C 244 64.22 -9.72 33.60
C TYR C 244 64.71 -8.30 33.30
N TYR C 245 63.80 -7.33 33.23
CA TYR C 245 64.23 -5.93 33.25
C TYR C 245 63.05 -5.03 33.65
N GLY C 246 63.39 -3.88 34.23
CA GLY C 246 62.39 -2.98 34.79
C GLY C 246 62.38 -1.59 34.18
N ARG C 247 61.82 -0.61 34.89
CA ARG C 247 61.62 0.73 34.33
C ARG C 247 62.94 1.48 34.12
N GLU C 248 64.07 0.93 34.58
CA GLU C 248 65.35 1.63 34.42
C GLU C 248 65.69 1.83 32.95
N CYS C 249 65.19 0.95 32.08
CA CYS C 249 65.52 1.07 30.65
C CYS C 249 65.04 2.39 30.08
N ASP C 250 63.92 2.92 30.58
CA ASP C 250 63.41 4.18 30.07
C ASP C 250 64.35 5.33 30.41
N TRP C 251 64.96 5.31 31.60
CA TRP C 251 65.85 6.41 31.97
C TRP C 251 67.17 6.32 31.24
N TRP C 252 67.64 5.11 30.91
CA TRP C 252 68.78 4.98 30.01
C TRP C 252 68.54 5.73 28.71
N SER C 253 67.29 5.73 28.23
CA SER C 253 66.98 6.39 26.97
C SER C 253 67.02 7.91 27.12
N VAL C 254 66.68 8.44 28.29
CA VAL C 254 66.77 9.89 28.50
C VAL C 254 68.22 10.34 28.39
N GLY C 255 69.15 9.54 28.91
CA GLY C 255 70.56 9.87 28.76
C GLY C 255 71.02 9.82 27.31
N VAL C 256 70.60 8.80 26.57
CA VAL C 256 70.94 8.71 25.15
C VAL C 256 70.33 9.90 24.41
N PHE C 257 69.11 10.28 24.78
CA PHE C 257 68.46 11.43 24.17
C PHE C 257 69.28 12.70 24.39
N LEU C 258 69.70 12.93 25.64
CA LEU C 258 70.43 14.17 25.95
C LEU C 258 71.76 14.24 25.23
N PHE C 259 72.47 13.12 25.15
CA PHE C 259 73.73 13.07 24.39
C PHE C 259 73.48 13.46 22.94
N GLU C 260 72.55 12.78 22.27
CA GLU C 260 72.29 13.06 20.86
C GLU C 260 71.86 14.50 20.65
N MET C 261 71.16 15.09 21.63
CA MET C 261 70.63 16.43 21.44
C MET C 261 71.70 17.51 21.59
N LEU C 262 72.74 17.25 22.40
CA LEU C 262 73.80 18.21 22.58
C LEU C 262 75.04 17.92 21.75
N VAL C 263 75.35 16.66 21.50
CA VAL C 263 76.51 16.30 20.69
C VAL C 263 76.17 16.28 19.20
N GLY C 264 74.97 15.84 18.84
CA GLY C 264 74.60 15.70 17.45
C GLY C 264 74.87 14.32 16.86
N ASP C 265 75.30 13.37 17.68
CA ASP C 265 75.48 11.98 17.28
C ASP C 265 75.06 11.10 18.44
N THR C 266 74.52 9.93 18.11
CA THR C 266 74.11 9.01 19.18
C THR C 266 75.36 8.48 19.89
N PRO C 267 75.29 8.28 21.21
CA PRO C 267 76.52 7.98 21.96
C PRO C 267 77.18 6.67 21.60
N PHE C 268 76.45 5.71 21.02
CA PHE C 268 77.01 4.40 20.69
C PHE C 268 76.78 4.10 19.21
N TYR C 269 76.89 5.12 18.37
CA TYR C 269 76.63 4.95 16.93
C TYR C 269 77.65 4.01 16.31
N ALA C 270 77.20 3.24 15.32
CA ALA C 270 78.08 2.33 14.61
C ALA C 270 77.48 2.05 13.24
N ASP C 271 78.36 1.76 12.28
CA ASP C 271 77.95 1.43 10.92
C ASP C 271 77.14 0.15 10.84
N SER C 272 77.13 -0.67 11.89
CA SER C 272 76.51 -1.99 11.83
C SER C 272 75.68 -2.24 13.08
N LEU C 273 74.74 -3.17 12.96
CA LEU C 273 73.98 -3.63 14.11
C LEU C 273 74.92 -4.20 15.18
N VAL C 274 75.74 -5.17 14.79
CA VAL C 274 76.65 -5.81 15.74
C VAL C 274 77.59 -4.79 16.37
N GLY C 275 77.98 -3.76 15.61
CA GLY C 275 78.87 -2.75 16.16
C GLY C 275 78.20 -1.90 17.21
N THR C 276 76.93 -1.54 16.99
CA THR C 276 76.20 -0.75 17.98
C THR C 276 75.95 -1.54 19.25
N TYR C 277 75.55 -2.81 19.11
CA TYR C 277 75.32 -3.64 20.28
C TYR C 277 76.58 -3.80 21.11
N SER C 278 77.70 -4.13 20.45
CA SER C 278 78.96 -4.29 21.17
C SER C 278 79.31 -3.04 21.97
N LYS C 279 79.08 -1.86 21.40
CA LYS C 279 79.39 -0.62 22.11
C LYS C 279 78.49 -0.44 23.34
N ILE C 280 77.24 -0.87 23.24
CA ILE C 280 76.31 -0.67 24.36
C ILE C 280 76.63 -1.64 25.49
N MET C 281 76.89 -2.91 25.15
CA MET C 281 77.33 -3.87 26.16
C MET C 281 78.57 -3.38 26.88
N ASP C 282 79.48 -2.73 26.14
CA ASP C 282 80.76 -2.25 26.64
C ASP C 282 80.70 -0.77 26.98
N HIS C 283 79.56 -0.29 27.50
CA HIS C 283 79.28 1.14 27.51
C HIS C 283 80.24 1.90 28.41
N LYS C 284 80.64 1.33 29.55
CA LYS C 284 81.60 2.01 30.42
C LYS C 284 82.89 2.32 29.68
N ASN C 285 83.23 1.49 28.70
CA ASN C 285 84.45 1.65 27.91
C ASN C 285 84.27 2.55 26.69
N SER C 286 83.06 2.62 26.13
CA SER C 286 82.85 3.21 24.82
C SER C 286 82.19 4.58 24.83
N LEU C 287 81.47 4.94 25.90
CA LEU C 287 80.91 6.27 26.01
C LEU C 287 82.05 7.29 26.07
N CYS C 288 82.23 8.07 25.01
CA CYS C 288 83.34 9.02 24.92
C CYS C 288 82.84 10.29 24.26
N PHE C 289 82.59 11.32 25.07
CA PHE C 289 82.24 12.63 24.54
C PHE C 289 83.34 13.12 23.60
N PRO C 290 83.00 13.66 22.43
CA PRO C 290 84.04 14.07 21.48
C PRO C 290 84.77 15.31 21.98
N GLU C 291 86.06 15.37 21.66
CA GLU C 291 86.94 16.38 22.24
C GLU C 291 86.43 17.80 21.98
N ASP C 292 86.11 18.11 20.72
CA ASP C 292 85.78 19.48 20.35
C ASP C 292 84.43 19.93 20.92
N ALA C 293 83.52 18.98 21.18
CA ALA C 293 82.15 19.32 21.53
C ALA C 293 82.08 20.18 22.78
N GLU C 294 81.10 21.07 22.80
CA GLU C 294 80.88 22.00 23.90
C GLU C 294 79.71 21.48 24.74
N ILE C 295 80.01 20.97 25.94
CA ILE C 295 78.97 20.47 26.84
C ILE C 295 79.28 20.95 28.25
N SER C 296 78.25 21.49 28.92
CA SER C 296 78.38 21.84 30.32
C SER C 296 78.80 20.63 31.15
N LYS C 297 79.55 20.90 32.21
CA LYS C 297 79.86 19.86 33.19
C LYS C 297 78.57 19.22 33.72
N HIS C 298 77.59 20.06 34.06
CA HIS C 298 76.34 19.55 34.61
C HIS C 298 75.60 18.68 33.61
N ALA C 299 75.58 19.08 32.33
CA ALA C 299 74.95 18.26 31.31
C ALA C 299 75.68 16.93 31.15
N LYS C 300 77.01 16.98 31.02
CA LYS C 300 77.82 15.79 30.97
C LYS C 300 77.56 14.89 32.18
N ASN C 301 77.34 15.51 33.35
CA ASN C 301 77.09 14.74 34.56
C ASN C 301 75.79 13.96 34.46
N LEU C 302 74.72 14.60 33.99
CA LEU C 302 73.43 13.93 33.90
C LEU C 302 73.46 12.79 32.89
N ILE C 303 74.10 13.01 31.74
CA ILE C 303 74.21 11.94 30.74
C ILE C 303 74.88 10.72 31.35
N CYS C 304 76.02 10.93 32.02
CA CYS C 304 76.75 9.81 32.61
C CYS C 304 75.99 9.18 33.77
N ALA C 305 75.14 9.96 34.45
CA ALA C 305 74.34 9.42 35.53
C ALA C 305 73.23 8.52 35.02
N PHE C 306 72.85 8.66 33.75
CA PHE C 306 71.88 7.77 33.11
C PHE C 306 72.56 6.59 32.42
N LEU C 307 73.70 6.83 31.79
CA LEU C 307 74.37 5.81 30.99
C LEU C 307 75.34 4.97 31.82
N THR C 308 74.88 4.47 32.97
CA THR C 308 75.63 3.50 33.76
C THR C 308 74.80 2.22 33.86
N ASP C 309 75.40 1.20 34.47
CA ASP C 309 74.68 -0.03 34.76
C ASP C 309 73.43 0.29 35.56
N ARG C 310 72.38 -0.51 35.35
CA ARG C 310 71.11 -0.24 36.01
C ARG C 310 71.28 -0.15 37.52
N GLU C 311 72.28 -0.83 38.06
CA GLU C 311 72.48 -0.87 39.50
C GLU C 311 72.69 0.53 40.07
N VAL C 312 73.54 1.33 39.45
CA VAL C 312 73.88 2.63 40.04
C VAL C 312 73.33 3.78 39.20
N ARG C 313 72.23 3.55 38.51
CA ARG C 313 71.71 4.51 37.55
C ARG C 313 70.76 5.51 38.19
N LEU C 314 70.78 6.73 37.67
CA LEU C 314 69.89 7.77 38.16
C LEU C 314 68.44 7.40 37.91
N GLY C 315 67.62 7.50 38.95
CA GLY C 315 66.23 7.08 38.90
C GLY C 315 65.95 5.82 39.67
N ARG C 316 66.98 5.02 39.96
CA ARG C 316 66.81 3.81 40.77
C ARG C 316 66.20 4.12 42.13
N ASN C 317 66.28 5.37 42.59
CA ASN C 317 65.69 5.79 43.85
C ASN C 317 64.30 6.39 43.68
N GLY C 318 63.95 6.82 42.47
CA GLY C 318 62.75 7.59 42.23
C GLY C 318 63.06 8.84 41.43
N VAL C 319 61.98 9.46 40.94
CA VAL C 319 62.14 10.58 40.03
C VAL C 319 62.64 11.83 40.73
N GLU C 320 62.52 11.90 42.06
CA GLU C 320 62.89 13.12 42.77
C GLU C 320 64.36 13.49 42.54
N GLU C 321 65.26 12.50 42.63
CA GLU C 321 66.68 12.81 42.47
C GLU C 321 67.03 13.20 41.03
N ILE C 322 66.17 12.90 40.06
CA ILE C 322 66.36 13.48 38.74
C ILE C 322 65.99 14.96 38.75
N LYS C 323 64.88 15.30 39.41
CA LYS C 323 64.40 16.67 39.41
C LYS C 323 65.43 17.63 39.99
N GLN C 324 66.08 17.25 41.09
CA GLN C 324 67.03 18.13 41.75
C GLN C 324 68.46 17.94 41.25
N HIS C 325 68.65 17.33 40.09
CA HIS C 325 69.95 17.38 39.46
C HIS C 325 70.25 18.82 39.05
N PRO C 326 71.48 19.30 39.27
CA PRO C 326 71.76 20.72 39.02
C PRO C 326 71.64 21.12 37.55
N PHE C 327 71.71 20.19 36.61
CA PHE C 327 71.54 20.52 35.20
C PHE C 327 70.18 21.16 34.96
N PHE C 328 69.18 20.84 35.78
CA PHE C 328 67.84 21.38 35.60
C PHE C 328 67.63 22.72 36.30
N LYS C 329 68.63 23.22 37.02
CA LYS C 329 68.51 24.54 37.64
C LYS C 329 68.35 25.60 36.57
N ASN C 330 67.27 26.38 36.67
CA ASN C 330 66.93 27.38 35.66
C ASN C 330 65.94 28.35 36.29
N ASP C 331 65.70 29.46 35.59
CA ASP C 331 64.73 30.44 36.06
C ASP C 331 63.71 30.82 34.98
N GLN C 332 63.35 29.87 34.11
CA GLN C 332 62.17 30.01 33.28
C GLN C 332 60.99 29.20 33.79
N TRP C 333 61.24 27.96 34.19
CA TRP C 333 60.16 27.04 34.53
C TRP C 333 60.48 26.31 35.82
N ASN C 334 59.45 26.06 36.62
CA ASN C 334 59.49 25.12 37.71
C ASN C 334 58.90 23.79 37.24
N TRP C 335 59.31 22.70 37.90
CA TRP C 335 58.65 21.42 37.63
C TRP C 335 57.15 21.50 37.89
N ASP C 336 56.72 22.45 38.73
CA ASP C 336 55.29 22.66 38.99
C ASP C 336 54.53 22.91 37.69
N ASN C 337 55.07 23.77 36.84
CA ASN C 337 54.30 24.35 35.74
C ASN C 337 54.81 23.93 34.37
N ILE C 338 56.07 24.24 34.03
CA ILE C 338 56.73 24.00 32.74
C ILE C 338 55.79 23.88 31.54
N ARG C 339 54.75 23.03 31.64
CA ARG C 339 53.76 22.90 30.57
C ARG C 339 53.06 24.21 30.24
N GLU C 340 53.05 25.17 31.16
CA GLU C 340 52.40 26.44 30.93
C GLU C 340 53.40 27.59 30.83
N THR C 341 54.65 27.29 30.46
CA THR C 341 55.66 28.30 30.19
C THR C 341 55.98 28.34 28.71
N ALA C 342 56.83 29.30 28.34
CA ALA C 342 57.19 29.50 26.95
C ALA C 342 58.08 28.36 26.48
N ALA C 343 57.55 27.55 25.55
CA ALA C 343 58.37 26.55 24.91
C ALA C 343 59.44 27.23 24.06
N PRO C 344 60.58 26.55 23.82
CA PRO C 344 61.68 27.23 23.13
C PRO C 344 61.51 27.31 21.62
N VAL C 345 60.79 26.35 21.03
CA VAL C 345 60.48 26.36 19.61
C VAL C 345 58.97 26.29 19.47
N VAL C 346 58.36 27.39 19.07
CA VAL C 346 56.93 27.46 18.79
C VAL C 346 56.73 27.30 17.29
N PRO C 347 56.07 26.24 16.82
CA PRO C 347 55.79 26.15 15.39
C PRO C 347 54.71 27.15 15.01
N GLU C 348 54.94 27.87 13.92
CA GLU C 348 53.95 28.78 13.37
C GLU C 348 53.19 28.03 12.28
N LEU C 349 51.89 27.89 12.47
CA LEU C 349 51.07 26.94 11.73
C LEU C 349 50.01 27.70 10.94
N SER C 350 50.21 27.79 9.63
CA SER C 350 49.37 28.62 8.77
C SER C 350 47.90 28.20 8.78
N SER C 351 47.61 26.95 9.13
CA SER C 351 46.23 26.46 9.13
C SER C 351 46.15 25.27 10.08
N ASP C 352 44.94 24.72 10.20
CA ASP C 352 44.72 23.57 11.07
C ASP C 352 45.14 22.25 10.43
N ILE C 353 45.67 22.27 9.20
CA ILE C 353 46.18 21.05 8.58
C ILE C 353 47.60 21.28 8.09
N ASP C 354 48.28 22.28 8.63
CA ASP C 354 49.68 22.51 8.31
C ASP C 354 50.50 21.32 8.79
N SER C 355 51.08 20.57 7.87
CA SER C 355 51.86 19.37 8.17
C SER C 355 53.32 19.53 7.75
N SER C 356 53.84 20.75 7.90
CA SER C 356 55.17 21.06 7.40
C SER C 356 56.30 20.53 8.29
N ASN C 357 55.99 20.10 9.51
CA ASN C 357 56.98 19.45 10.37
C ASN C 357 56.94 17.92 10.21
N PHE C 358 56.45 17.43 9.08
CA PHE C 358 56.51 16.03 8.70
C PHE C 358 56.89 15.98 7.22
N ASP C 359 57.84 15.11 6.86
CA ASP C 359 58.19 14.98 5.45
C ASP C 359 57.39 13.85 4.81
N ASP C 360 57.31 13.91 3.47
CA ASP C 360 56.31 13.18 2.72
C ASP C 360 56.75 11.76 2.37
N ILE C 361 55.79 10.98 1.88
CA ILE C 361 55.88 9.52 1.76
C ILE C 361 55.08 9.10 0.54
N GLU C 362 55.30 7.86 0.08
CA GLU C 362 54.57 7.34 -1.09
C GLU C 362 53.69 6.15 -0.78
N LYS C 365 55.32 1.96 -1.08
CA LYS C 365 54.52 0.82 -0.64
C LYS C 365 53.07 0.99 -1.10
N GLY C 366 52.43 -0.10 -1.54
CA GLY C 366 51.13 0.04 -2.16
C GLY C 366 50.31 -1.24 -2.36
N ASP C 367 50.46 -2.25 -1.50
CA ASP C 367 49.72 -3.51 -1.71
C ASP C 367 49.49 -4.25 -0.40
N VAL C 368 48.30 -4.06 0.18
CA VAL C 368 47.87 -4.65 1.45
C VAL C 368 47.73 -6.17 1.34
N GLU C 369 47.58 -6.86 2.48
CA GLU C 369 47.29 -8.29 2.53
C GLU C 369 46.42 -8.59 3.74
N THR C 370 45.73 -9.74 3.71
CA THR C 370 44.79 -10.11 4.78
C THR C 370 44.80 -11.62 4.98
N PHE C 371 43.89 -12.09 5.84
CA PHE C 371 43.75 -13.51 6.14
C PHE C 371 43.33 -14.29 4.89
N PRO C 372 43.81 -15.54 4.75
CA PRO C 372 43.34 -16.37 3.64
C PRO C 372 41.85 -16.67 3.76
N ILE C 373 41.24 -16.97 2.62
CA ILE C 373 39.84 -17.39 2.59
C ILE C 373 39.72 -18.69 3.36
N PRO C 374 39.01 -18.71 4.49
CA PRO C 374 39.02 -19.89 5.34
C PRO C 374 38.14 -21.00 4.78
N LYS C 375 38.66 -22.22 4.82
CA LYS C 375 37.92 -23.39 4.39
C LYS C 375 37.01 -23.93 5.49
N ALA C 376 37.36 -23.69 6.76
CA ALA C 376 36.52 -24.02 7.90
C ALA C 376 36.64 -22.88 8.90
N PHE C 377 35.77 -22.89 9.91
CA PHE C 377 35.76 -21.81 10.89
C PHE C 377 37.09 -21.75 11.63
N VAL C 378 37.68 -20.55 11.68
CA VAL C 378 38.96 -20.35 12.35
C VAL C 378 38.94 -19.09 13.19
N GLY C 379 37.90 -18.26 13.01
CA GLY C 379 37.71 -17.08 13.83
C GLY C 379 38.88 -16.10 13.81
N ASN C 380 39.25 -15.62 12.62
CA ASN C 380 40.34 -14.67 12.51
C ASN C 380 40.00 -13.30 13.07
N GLN C 381 38.73 -13.05 13.42
CA GLN C 381 38.29 -11.77 13.94
C GLN C 381 38.01 -11.78 15.44
N LEU C 382 37.98 -12.96 16.07
CA LEU C 382 37.76 -13.03 17.51
C LEU C 382 38.77 -12.25 18.34
N PRO C 383 40.07 -12.17 17.98
CA PRO C 383 41.00 -11.42 18.83
C PRO C 383 40.65 -9.96 19.00
N PHE C 384 39.91 -9.36 18.08
CA PHE C 384 39.67 -7.93 18.06
C PHE C 384 38.36 -7.51 18.71
N ILE C 385 37.61 -8.45 19.30
CA ILE C 385 36.37 -8.12 19.99
C ILE C 385 36.70 -7.32 21.25
N GLY C 386 36.14 -6.11 21.34
CA GLY C 386 36.44 -5.22 22.44
C GLY C 386 37.42 -4.11 22.11
N PHE C 387 37.96 -4.09 20.89
CA PHE C 387 38.93 -3.08 20.51
C PHE C 387 38.27 -1.71 20.30
N THR C 388 37.02 -1.69 19.88
CA THR C 388 36.36 -0.43 19.55
C THR C 388 36.23 0.45 20.77
N TYR C 389 36.68 1.71 20.65
CA TYR C 389 36.74 2.65 21.76
C TYR C 389 36.26 4.01 21.29
N TYR C 390 35.24 4.54 21.95
CA TYR C 390 34.79 5.91 21.76
C TYR C 390 34.98 6.65 23.08
N ARG C 391 35.69 7.76 23.04
CA ARG C 391 35.97 8.53 24.26
C ARG C 391 34.68 8.99 24.94
N GLN D 1 25.24 8.28 15.39
CA GLN D 1 25.26 7.86 16.79
C GLN D 1 24.06 8.42 17.53
N ARG D 2 22.87 8.20 17.00
CA ARG D 2 21.63 8.54 17.69
C ARG D 2 20.63 7.41 17.51
N LYS D 3 20.41 6.99 16.27
CA LYS D 3 19.54 5.85 16.01
C LYS D 3 20.22 4.51 16.29
N LEU D 4 21.56 4.49 16.29
CA LEU D 4 22.27 3.31 16.75
C LEU D 4 21.82 2.92 18.16
N GLU D 5 21.74 3.91 19.05
CA GLU D 5 21.24 3.65 20.40
C GLU D 5 19.75 3.33 20.38
N ALA D 6 19.00 4.00 19.50
CA ALA D 6 17.58 3.68 19.36
C ALA D 6 17.37 2.26 18.87
N LEU D 7 18.26 1.78 18.00
CA LEU D 7 18.18 0.40 17.53
C LEU D 7 18.41 -0.59 18.67
N ILE D 8 19.28 -0.24 19.62
CA ILE D 8 19.60 -1.17 20.70
C ILE D 8 18.53 -1.17 21.78
N ARG D 9 17.81 -0.05 21.96
CA ARG D 9 16.79 0.01 22.99
C ARG D 9 15.48 -0.61 22.53
N ASP D 10 15.13 -0.44 21.26
CA ASP D 10 13.84 -0.87 20.74
C ASP D 10 13.62 -2.36 21.03
N PRO D 11 12.49 -2.72 21.67
CA PRO D 11 12.32 -4.13 22.08
C PRO D 11 12.16 -5.11 20.92
N ARG D 12 11.67 -4.66 19.77
CA ARG D 12 11.52 -5.58 18.64
C ARG D 12 12.88 -5.94 18.05
N SER D 13 13.70 -4.92 17.78
CA SER D 13 15.00 -4.96 17.09
C SER D 13 15.80 -6.23 17.36
N PRO D 14 16.44 -6.79 16.33
CA PRO D 14 17.25 -8.00 16.52
C PRO D 14 18.61 -7.74 17.14
N ILE D 15 19.00 -6.48 17.31
CA ILE D 15 20.30 -6.16 17.88
C ILE D 15 20.12 -5.38 19.17
N ASN D 16 19.02 -5.64 19.88
CA ASN D 16 18.86 -5.10 21.22
C ASN D 16 19.79 -5.86 22.18
N VAL D 17 19.72 -5.49 23.46
CA VAL D 17 20.71 -5.98 24.42
C VAL D 17 20.51 -7.48 24.68
N GLU D 18 19.26 -7.93 24.83
CA GLU D 18 19.03 -9.35 25.09
C GLU D 18 19.58 -10.22 23.98
N SER D 19 19.54 -9.73 22.73
CA SER D 19 20.04 -10.50 21.60
C SER D 19 21.56 -10.45 21.52
N LEU D 20 22.16 -9.30 21.83
CA LEU D 20 23.61 -9.22 21.88
C LEU D 20 24.17 -10.14 22.94
N LEU D 21 23.49 -10.25 24.09
CA LEU D 21 23.92 -11.18 25.13
C LEU D 21 23.66 -12.62 24.73
N ASP D 22 22.52 -12.87 24.07
CA ASP D 22 22.29 -14.19 23.49
C ASP D 22 23.36 -14.55 22.47
N GLY D 23 23.72 -13.59 21.61
CA GLY D 23 24.72 -13.86 20.60
C GLY D 23 26.08 -14.20 21.20
N LEU D 24 26.53 -13.40 22.16
CA LEU D 24 27.79 -13.71 22.85
C LEU D 24 27.70 -15.04 23.59
N ASN D 25 26.54 -15.33 24.18
CA ASN D 25 26.39 -16.56 24.94
C ASN D 25 26.37 -17.78 24.03
N SER D 26 25.61 -17.71 22.94
CA SER D 26 25.61 -18.80 21.97
C SER D 26 27.02 -19.05 21.44
N LEU D 27 27.72 -17.98 21.08
CA LEU D 27 29.07 -18.10 20.54
C LEU D 27 30.00 -18.84 21.48
N VAL D 28 29.83 -18.64 22.79
CA VAL D 28 30.69 -19.31 23.76
C VAL D 28 30.37 -20.79 23.82
N LEU D 29 29.08 -21.14 23.93
CA LEU D 29 28.69 -22.54 23.95
C LEU D 29 29.10 -23.26 22.66
N ASP D 30 28.88 -22.61 21.51
CA ASP D 30 29.22 -23.21 20.23
C ASP D 30 30.72 -23.39 20.03
N LEU D 31 31.55 -22.65 20.77
CA LEU D 31 32.99 -22.70 20.61
C LEU D 31 33.70 -23.54 21.65
N ASP D 32 33.17 -23.62 22.87
CA ASP D 32 33.89 -24.23 23.99
C ASP D 32 33.80 -25.75 23.89
N PHE D 33 34.73 -26.33 23.15
CA PHE D 33 34.89 -27.78 23.04
C PHE D 33 36.37 -28.05 22.84
N PRO D 34 36.94 -29.04 23.54
CA PRO D 34 38.39 -29.28 23.45
C PRO D 34 38.93 -29.41 22.02
N ALA D 35 38.14 -29.92 21.08
CA ALA D 35 38.62 -30.02 19.71
C ALA D 35 38.73 -28.66 19.05
N LEU D 36 37.78 -27.76 19.34
CA LEU D 36 37.82 -26.42 18.78
C LEU D 36 38.89 -25.56 19.44
N ARG D 37 39.08 -25.73 20.76
CA ARG D 37 40.04 -24.93 21.50
C ARG D 37 41.50 -25.23 21.14
N LYS D 38 41.76 -26.20 20.26
CA LYS D 38 43.10 -26.30 19.68
C LYS D 38 43.40 -25.12 18.75
N ASN D 39 42.38 -24.35 18.38
CA ASN D 39 42.55 -23.13 17.63
C ASN D 39 43.06 -22.02 18.53
N LYS D 40 44.12 -21.35 18.10
CA LYS D 40 44.71 -20.25 18.88
C LYS D 40 43.67 -19.16 19.18
N ASN D 41 43.01 -18.65 18.15
CA ASN D 41 42.08 -17.54 18.33
C ASN D 41 40.90 -17.94 19.21
N ILE D 42 40.35 -19.12 18.98
CA ILE D 42 39.16 -19.55 19.73
C ILE D 42 39.48 -19.71 21.21
N ASP D 43 40.69 -20.20 21.52
CA ASP D 43 41.07 -20.40 22.91
C ASP D 43 41.23 -19.06 23.64
N ASN D 44 41.97 -18.13 23.05
CA ASN D 44 42.17 -16.82 23.67
C ASN D 44 40.83 -16.11 23.90
N PHE D 45 39.96 -16.15 22.89
CA PHE D 45 38.65 -15.51 23.05
C PHE D 45 37.91 -16.08 24.24
N LEU D 46 37.88 -17.41 24.34
CA LEU D 46 37.17 -18.03 25.45
C LEU D 46 37.79 -17.68 26.78
N ASN D 47 39.11 -17.49 26.84
CA ASN D 47 39.73 -17.15 28.11
C ASN D 47 39.34 -15.75 28.59
N ARG D 48 39.08 -14.82 27.67
CA ARG D 48 38.62 -13.50 28.09
C ARG D 48 37.20 -13.55 28.63
N TYR D 49 36.29 -14.16 27.87
CA TYR D 49 34.86 -14.01 28.13
C TYR D 49 34.24 -15.16 28.90
N GLU D 50 34.96 -16.28 29.08
CA GLU D 50 34.41 -17.45 29.76
C GLU D 50 33.87 -17.07 31.14
N LYS D 51 34.67 -16.36 31.93
CA LYS D 51 34.24 -16.01 33.28
C LYS D 51 33.05 -15.06 33.25
N ILE D 52 33.20 -13.91 32.58
CA ILE D 52 32.16 -12.89 32.59
C ILE D 52 30.85 -13.43 32.03
N VAL D 53 30.92 -14.38 31.10
CA VAL D 53 29.71 -14.95 30.52
C VAL D 53 28.99 -15.84 31.54
N LYS D 54 29.75 -16.63 32.31
CA LYS D 54 29.14 -17.40 33.38
C LYS D 54 28.50 -16.49 34.43
N LYS D 55 29.05 -15.29 34.61
CA LYS D 55 28.49 -14.37 35.59
C LYS D 55 27.21 -13.71 35.09
N ILE D 56 27.16 -13.36 33.80
CA ILE D 56 25.91 -12.86 33.22
C ILE D 56 24.82 -13.90 33.33
N ARG D 57 25.12 -15.12 32.87
CA ARG D 57 24.15 -16.22 32.92
C ARG D 57 23.59 -16.41 34.32
N GLY D 58 24.35 -16.05 35.35
CA GLY D 58 23.81 -16.10 36.70
C GLY D 58 22.91 -14.91 37.01
N LEU D 59 23.30 -13.72 36.55
CA LEU D 59 22.48 -12.54 36.77
C LEU D 59 21.20 -12.54 35.94
N GLN D 60 21.26 -13.11 34.74
CA GLN D 60 20.12 -13.13 33.82
C GLN D 60 19.09 -14.14 34.29
N MET D 61 17.82 -13.83 34.08
CA MET D 61 16.75 -14.74 34.47
C MET D 61 16.99 -16.13 33.91
N LYS D 62 16.86 -17.13 34.78
CA LYS D 62 17.16 -18.50 34.41
C LYS D 62 16.22 -19.43 35.18
N ALA D 63 16.34 -20.72 34.89
CA ALA D 63 15.35 -21.69 35.37
C ALA D 63 15.34 -21.83 36.89
N GLU D 64 16.50 -21.64 37.53
CA GLU D 64 16.57 -21.88 38.96
C GLU D 64 15.92 -20.78 39.78
N ASP D 65 15.54 -19.66 39.17
CA ASP D 65 14.76 -18.65 39.87
C ASP D 65 13.35 -19.13 40.22
N TYR D 66 12.90 -20.22 39.63
CA TYR D 66 11.54 -20.71 39.79
C TYR D 66 11.54 -22.04 40.54
N ASP D 67 10.68 -22.14 41.54
CA ASP D 67 10.39 -23.42 42.17
C ASP D 67 9.29 -24.11 41.35
N VAL D 68 9.54 -25.36 40.98
CA VAL D 68 8.63 -26.11 40.11
C VAL D 68 7.55 -26.74 41.00
N VAL D 69 6.38 -26.10 41.07
CA VAL D 69 5.33 -26.55 41.98
C VAL D 69 4.84 -27.95 41.60
N LYS D 70 4.42 -28.13 40.35
CA LYS D 70 4.08 -29.46 39.84
C LYS D 70 3.90 -29.38 38.33
N VAL D 71 3.98 -30.55 37.70
CA VAL D 71 3.79 -30.65 36.25
C VAL D 71 2.31 -30.72 35.96
N ILE D 72 1.85 -29.88 35.02
CA ILE D 72 0.46 -29.84 34.63
C ILE D 72 0.21 -30.26 33.20
N GLY D 73 1.23 -30.28 32.34
CA GLY D 73 1.06 -30.62 30.94
C GLY D 73 2.32 -31.25 30.37
N ARG D 74 2.23 -31.60 29.08
CA ARG D 74 3.30 -32.15 28.24
C ARG D 74 2.69 -32.74 26.97
N GLY D 75 3.19 -32.37 25.79
CA GLY D 75 4.29 -31.45 25.63
C GLY D 75 5.15 -31.78 24.41
N ALA D 76 5.49 -33.07 24.28
CA ALA D 76 6.29 -33.60 23.18
CA ALA D 76 6.29 -33.60 23.18
C ALA D 76 7.71 -33.03 23.18
N PHE D 77 7.84 -31.71 23.30
CA PHE D 77 9.15 -31.08 23.41
C PHE D 77 9.56 -30.78 24.84
N GLY D 78 8.66 -30.98 25.79
CA GLY D 78 8.95 -30.71 27.18
CA GLY D 78 8.95 -30.71 27.18
C GLY D 78 7.67 -30.62 27.98
N GLU D 79 7.83 -30.60 29.30
CA GLU D 79 6.64 -30.56 30.13
C GLU D 79 6.12 -29.13 30.28
N VAL D 80 4.92 -29.01 30.83
CA VAL D 80 4.34 -27.73 31.24
C VAL D 80 4.31 -27.72 32.77
N GLN D 81 4.91 -26.69 33.36
CA GLN D 81 5.16 -26.67 34.79
C GLN D 81 4.46 -25.50 35.44
N LEU D 82 3.73 -25.78 36.51
CA LEU D 82 3.26 -24.75 37.44
C LEU D 82 4.44 -24.36 38.32
N VAL D 83 4.80 -23.07 38.29
CA VAL D 83 6.03 -22.61 38.90
C VAL D 83 5.77 -21.41 39.81
N ARG D 84 6.76 -21.11 40.65
CA ARG D 84 6.72 -19.96 41.54
C ARG D 84 8.03 -19.20 41.42
N HIS D 85 7.96 -17.97 40.92
CA HIS D 85 9.11 -17.09 40.88
C HIS D 85 9.48 -16.69 42.31
N LYS D 86 10.67 -17.08 42.74
CA LYS D 86 11.04 -16.99 44.15
C LYS D 86 11.01 -15.57 44.71
N ALA D 87 11.90 -14.71 44.23
CA ALA D 87 12.02 -13.37 44.80
C ALA D 87 10.79 -12.50 44.56
N SER D 88 9.81 -12.96 43.81
CA SER D 88 8.54 -12.25 43.65
C SER D 88 7.34 -13.03 44.17
N GLN D 89 7.45 -14.35 44.33
CA GLN D 89 6.40 -15.23 44.82
C GLN D 89 5.19 -15.30 43.89
N LYS D 90 5.32 -14.80 42.67
CA LYS D 90 4.25 -14.92 41.69
C LYS D 90 4.28 -16.29 41.02
N VAL D 91 3.15 -16.67 40.42
CA VAL D 91 2.92 -18.05 39.99
C VAL D 91 2.57 -18.04 38.51
N TYR D 92 3.33 -18.78 37.71
CA TYR D 92 3.16 -18.81 36.26
C TYR D 92 3.09 -20.25 35.78
N ALA D 93 2.85 -20.39 34.47
CA ALA D 93 2.95 -21.67 33.78
C ALA D 93 4.14 -21.61 32.85
N MET D 94 5.02 -22.61 32.94
CA MET D 94 6.29 -22.59 32.21
C MET D 94 6.34 -23.75 31.23
N LYS D 95 6.49 -23.42 29.95
CA LYS D 95 6.69 -24.42 28.92
C LYS D 95 8.18 -24.58 28.68
N LEU D 96 8.65 -25.83 28.69
CA LEU D 96 10.02 -26.16 28.32
C LEU D 96 10.03 -26.69 26.89
N LEU D 97 10.94 -26.18 26.08
CA LEU D 97 11.09 -26.64 24.70
C LEU D 97 12.52 -27.13 24.53
N SER D 98 12.68 -28.44 24.33
CA SER D 98 13.98 -29.00 24.03
C SER D 98 14.56 -28.35 22.77
N LYS D 99 15.65 -27.59 22.93
CA LYS D 99 16.33 -27.01 21.77
C LYS D 99 16.66 -28.06 20.72
N PHE D 100 16.91 -29.30 21.16
CA PHE D 100 17.32 -30.34 20.22
C PHE D 100 16.17 -30.78 19.32
N GLU D 101 14.99 -30.97 19.90
CA GLU D 101 13.84 -31.34 19.08
C GLU D 101 13.36 -30.16 18.26
N MET D 102 13.34 -28.96 18.86
CA MET D 102 12.85 -27.77 18.16
C MET D 102 13.54 -27.57 16.82
N ILE D 103 14.83 -27.87 16.75
CA ILE D 103 15.61 -27.53 15.56
C ILE D 103 15.67 -28.67 14.55
N LYS D 104 15.34 -29.90 14.96
CA LYS D 104 15.12 -30.96 13.98
C LYS D 104 13.92 -30.64 13.11
N ARG D 105 12.89 -30.05 13.71
CA ARG D 105 11.70 -29.63 12.97
C ARG D 105 12.01 -28.35 12.21
N SER D 106 11.73 -28.36 10.91
CA SER D 106 11.96 -27.22 10.02
C SER D 106 13.43 -26.83 9.95
N ASP D 107 13.91 -26.29 11.08
CA ASP D 107 15.05 -25.39 11.31
C ASP D 107 14.52 -23.96 11.26
N SER D 108 14.15 -23.45 10.08
CA SER D 108 13.49 -22.16 9.83
C SER D 108 13.81 -21.02 10.80
N ALA D 109 14.53 -20.02 10.27
CA ALA D 109 14.89 -18.74 10.88
C ALA D 109 14.32 -18.39 12.26
N PHE D 110 13.05 -17.97 12.29
CA PHE D 110 12.56 -17.13 13.37
C PHE D 110 11.03 -17.08 13.31
N PHE D 111 10.27 -18.07 13.83
CA PHE D 111 10.52 -19.27 14.69
C PHE D 111 9.90 -18.91 16.02
N TRP D 112 10.06 -17.64 16.41
CA TRP D 112 9.30 -17.04 17.50
C TRP D 112 8.71 -15.70 17.09
N GLU D 113 8.69 -15.41 15.78
CA GLU D 113 8.12 -14.15 15.33
C GLU D 113 6.66 -14.02 15.75
N GLU D 114 5.88 -15.09 15.54
CA GLU D 114 4.46 -15.04 15.86
C GLU D 114 4.23 -14.82 17.36
N ARG D 115 5.08 -15.42 18.21
CA ARG D 115 4.88 -15.24 19.64
C ARG D 115 5.17 -13.81 20.08
N ASP D 116 6.13 -13.15 19.42
CA ASP D 116 6.37 -11.73 19.71
C ASP D 116 5.17 -10.88 19.33
N ILE D 117 4.55 -11.20 18.20
CA ILE D 117 3.38 -10.45 17.74
C ILE D 117 2.27 -10.51 18.78
N MET D 118 1.99 -11.72 19.27
CA MET D 118 0.95 -11.86 20.29
C MET D 118 1.36 -11.17 21.59
N ALA D 119 2.61 -11.36 22.01
CA ALA D 119 3.06 -10.82 23.29
C ALA D 119 2.99 -9.30 23.31
N PHE D 120 3.49 -8.65 22.26
CA PHE D 120 3.53 -7.19 22.23
C PHE D 120 2.17 -6.56 21.97
N ALA D 121 1.11 -7.36 21.83
CA ALA D 121 -0.25 -6.84 21.73
C ALA D 121 -1.06 -7.09 22.98
N ASN D 122 -0.58 -7.95 23.89
CA ASN D 122 -1.32 -8.56 24.99
C ASN D 122 -2.83 -8.39 24.88
N SER D 123 -3.45 -9.15 23.99
CA SER D 123 -4.90 -9.21 23.98
C SER D 123 -5.40 -9.95 25.22
N PRO D 124 -6.49 -9.49 25.83
CA PRO D 124 -7.04 -10.21 26.98
C PRO D 124 -7.62 -11.56 26.58
N TRP D 125 -7.54 -11.87 25.28
CA TRP D 125 -8.08 -13.11 24.74
C TRP D 125 -7.03 -14.17 24.49
N VAL D 126 -5.75 -13.83 24.60
CA VAL D 126 -4.66 -14.76 24.35
C VAL D 126 -3.81 -14.86 25.61
N VAL D 127 -3.46 -16.08 25.99
CA VAL D 127 -2.58 -16.34 27.12
C VAL D 127 -1.35 -15.47 26.99
N GLN D 128 -1.08 -14.66 28.01
CA GLN D 128 -0.03 -13.65 27.91
C GLN D 128 1.33 -14.21 28.28
N LEU D 129 2.29 -14.02 27.40
CA LEU D 129 3.70 -14.30 27.71
C LEU D 129 4.24 -13.21 28.62
N PHE D 130 5.10 -13.60 29.56
CA PHE D 130 5.76 -12.66 30.45
C PHE D 130 7.26 -12.64 30.26
N CYS D 131 7.91 -13.80 30.35
CA CYS D 131 9.35 -13.91 30.28
C CYS D 131 9.71 -15.12 29.44
N ALA D 132 10.73 -14.98 28.61
CA ALA D 132 11.24 -16.10 27.82
C ALA D 132 12.76 -16.10 27.89
N PHE D 133 13.34 -17.27 28.14
CA PHE D 133 14.79 -17.38 28.32
C PHE D 133 15.22 -18.80 27.97
N GLN D 134 16.52 -19.01 27.98
CA GLN D 134 17.09 -20.27 27.56
C GLN D 134 18.35 -20.56 28.38
N ASP D 135 18.63 -21.85 28.54
CA ASP D 135 19.98 -22.32 28.79
C ASP D 135 20.47 -23.01 27.51
N ASP D 136 21.32 -24.03 27.64
CA ASP D 136 21.85 -24.69 26.46
C ASP D 136 21.06 -25.92 26.06
N LYS D 137 20.17 -26.43 26.91
CA LYS D 137 19.31 -27.55 26.58
C LYS D 137 17.91 -27.14 26.18
N TYR D 138 17.34 -26.12 26.83
CA TYR D 138 15.92 -25.85 26.77
C TYR D 138 15.65 -24.39 26.43
N LEU D 139 14.57 -24.18 25.69
CA LEU D 139 13.87 -22.90 25.66
C LEU D 139 12.84 -22.89 26.78
N TYR D 140 12.62 -21.71 27.36
CA TYR D 140 11.65 -21.56 28.45
C TYR D 140 10.69 -20.43 28.12
N MET D 141 9.41 -20.66 28.39
CA MET D 141 8.38 -19.64 28.19
C MET D 141 7.50 -19.58 29.43
N VAL D 142 7.40 -18.40 30.02
CA VAL D 142 6.72 -18.19 31.29
C VAL D 142 5.47 -17.37 31.00
N MET D 143 4.32 -18.03 30.99
CA MET D 143 3.03 -17.42 30.67
C MET D 143 2.15 -17.38 31.92
N GLU D 144 1.01 -16.71 31.78
CA GLU D 144 0.08 -16.63 32.89
C GLU D 144 -0.58 -17.98 33.13
N TYR D 145 -0.74 -18.32 34.41
CA TYR D 145 -1.40 -19.55 34.80
C TYR D 145 -2.90 -19.44 34.57
N MET D 146 -3.51 -20.50 34.03
CA MET D 146 -4.94 -20.54 33.73
C MET D 146 -5.57 -21.62 34.60
N PRO D 147 -5.89 -21.30 35.86
CA PRO D 147 -6.21 -22.35 36.83
C PRO D 147 -7.55 -23.05 36.60
N GLY D 148 -8.34 -22.66 35.60
CA GLY D 148 -9.59 -23.34 35.31
C GLY D 148 -9.47 -24.53 34.40
N GLY D 149 -8.31 -24.75 33.80
CA GLY D 149 -8.11 -25.89 32.92
C GLY D 149 -8.62 -25.62 31.51
N ASP D 150 -8.49 -26.65 30.67
CA ASP D 150 -8.95 -26.55 29.28
C ASP D 150 -10.41 -26.97 29.17
N LEU D 151 -10.96 -26.79 27.97
CA LEU D 151 -12.35 -27.13 27.73
C LEU D 151 -12.57 -28.61 27.47
N VAL D 152 -11.52 -29.38 27.22
CA VAL D 152 -11.63 -30.84 27.32
C VAL D 152 -12.11 -31.21 28.71
N ASN D 153 -11.54 -30.58 29.73
CA ASN D 153 -11.84 -30.91 31.12
C ASN D 153 -13.27 -30.49 31.47
N LEU D 154 -13.70 -29.31 31.00
CA LEU D 154 -15.06 -28.86 31.28
C LEU D 154 -16.08 -29.78 30.63
N MET D 155 -15.91 -30.05 29.34
CA MET D 155 -16.90 -30.85 28.60
C MET D 155 -17.02 -32.27 29.17
N SER D 156 -15.93 -32.82 29.71
CA SER D 156 -15.99 -34.15 30.29
C SER D 156 -16.58 -34.15 31.69
N ASN D 157 -16.65 -33.00 32.34
CA ASN D 157 -17.19 -32.88 33.68
C ASN D 157 -18.59 -32.29 33.71
N TYR D 158 -19.16 -31.95 32.55
CA TYR D 158 -20.48 -31.32 32.51
C TYR D 158 -21.20 -31.73 31.23
N ASP D 159 -22.51 -31.51 31.24
CA ASP D 159 -23.30 -31.41 30.03
C ASP D 159 -23.55 -29.94 29.76
N VAL D 160 -23.23 -29.50 28.55
CA VAL D 160 -23.19 -28.08 28.22
C VAL D 160 -24.55 -27.69 27.62
N PRO D 161 -25.38 -26.93 28.33
CA PRO D 161 -26.57 -26.37 27.70
C PRO D 161 -26.20 -25.28 26.72
N GLU D 162 -27.15 -24.94 25.84
CA GLU D 162 -26.86 -23.90 24.86
C GLU D 162 -26.54 -22.57 25.52
N LYS D 163 -27.06 -22.35 26.73
CA LYS D 163 -26.74 -21.12 27.46
C LYS D 163 -25.24 -20.99 27.69
N TRP D 164 -24.57 -22.11 28.00
CA TRP D 164 -23.12 -22.07 28.17
C TRP D 164 -22.40 -22.07 26.84
N ALA D 165 -22.85 -22.89 25.89
CA ALA D 165 -22.21 -22.95 24.58
C ALA D 165 -22.23 -21.59 23.90
N LYS D 166 -23.32 -20.85 24.04
CA LYS D 166 -23.35 -19.48 23.53
C LYS D 166 -22.20 -18.67 24.09
N PHE D 167 -21.94 -18.81 25.39
CA PHE D 167 -20.88 -18.04 26.04
C PHE D 167 -19.49 -18.46 25.55
N TYR D 168 -19.19 -19.75 25.66
CA TYR D 168 -17.84 -20.22 25.32
C TYR D 168 -17.56 -20.07 23.82
N THR D 169 -18.55 -20.33 22.97
CA THR D 169 -18.37 -20.08 21.54
C THR D 169 -18.09 -18.61 21.28
N ALA D 170 -18.83 -17.72 21.94
CA ALA D 170 -18.68 -16.29 21.70
C ALA D 170 -17.29 -15.81 22.09
N GLU D 171 -16.75 -16.32 23.18
CA GLU D 171 -15.42 -15.90 23.59
C GLU D 171 -14.34 -16.48 22.68
N VAL D 172 -14.55 -17.69 22.16
CA VAL D 172 -13.66 -18.22 21.12
C VAL D 172 -13.68 -17.30 19.90
N VAL D 173 -14.86 -16.84 19.51
CA VAL D 173 -14.98 -16.01 18.32
C VAL D 173 -14.24 -14.68 18.51
N LEU D 174 -14.42 -14.04 19.67
CA LEU D 174 -13.71 -12.78 19.92
C LEU D 174 -12.22 -13.00 20.04
N ALA D 175 -11.79 -14.17 20.52
CA ALA D 175 -10.37 -14.46 20.60
C ALA D 175 -9.76 -14.62 19.22
N LEU D 176 -10.44 -15.36 18.33
CA LEU D 176 -9.95 -15.51 16.98
C LEU D 176 -9.95 -14.18 16.23
N ASP D 177 -10.99 -13.37 16.43
CA ASP D 177 -11.02 -12.05 15.82
C ASP D 177 -9.82 -11.23 16.25
N ALA D 178 -9.41 -11.35 17.52
CA ALA D 178 -8.20 -10.69 17.99
C ALA D 178 -6.97 -11.25 17.28
N ILE D 179 -6.87 -12.58 17.22
CA ILE D 179 -5.70 -13.21 16.62
C ILE D 179 -5.60 -12.88 15.13
N HIS D 180 -6.74 -12.93 14.42
CA HIS D 180 -6.73 -12.59 13.00
C HIS D 180 -6.36 -11.12 12.79
N SER D 181 -6.84 -10.24 13.68
CA SER D 181 -6.53 -8.82 13.55
C SER D 181 -5.06 -8.52 13.84
N MET D 182 -4.36 -9.43 14.54
CA MET D 182 -2.93 -9.26 14.77
C MET D 182 -2.10 -9.64 13.55
N GLY D 183 -2.71 -10.19 12.51
CA GLY D 183 -2.00 -10.67 11.35
C GLY D 183 -1.73 -12.15 11.32
N LEU D 184 -2.36 -12.92 12.21
CA LEU D 184 -2.09 -14.34 12.34
C LEU D 184 -3.33 -15.17 12.02
N ILE D 185 -3.10 -16.41 11.61
CA ILE D 185 -4.12 -17.44 11.70
C ILE D 185 -3.59 -18.50 12.65
N HIS D 186 -4.52 -19.16 13.35
CA HIS D 186 -4.15 -19.96 14.51
C HIS D 186 -3.83 -21.41 14.15
N ARG D 187 -4.67 -22.03 13.32
CA ARG D 187 -4.46 -23.32 12.66
C ARG D 187 -4.64 -24.53 13.59
N ASP D 188 -4.83 -24.35 14.90
CA ASP D 188 -5.01 -25.47 15.82
C ASP D 188 -6.06 -25.13 16.89
N VAL D 189 -7.22 -24.65 16.44
CA VAL D 189 -8.29 -24.29 17.36
C VAL D 189 -9.01 -25.57 17.78
N LYS D 190 -8.77 -26.00 19.02
CA LYS D 190 -9.41 -27.18 19.58
C LYS D 190 -9.56 -26.94 21.07
N PRO D 191 -10.37 -27.75 21.76
CA PRO D 191 -10.60 -27.49 23.19
C PRO D 191 -9.35 -27.53 24.05
N ASP D 192 -8.30 -28.21 23.61
CA ASP D 192 -7.06 -28.24 24.39
C ASP D 192 -6.42 -26.86 24.47
N ASN D 193 -6.59 -26.04 23.44
CA ASN D 193 -6.02 -24.70 23.40
C ASN D 193 -6.94 -23.64 24.00
N MET D 194 -8.07 -24.04 24.58
CA MET D 194 -9.04 -23.13 25.16
C MET D 194 -8.96 -23.25 26.68
N LEU D 195 -8.28 -22.30 27.32
CA LEU D 195 -8.03 -22.33 28.75
C LEU D 195 -8.89 -21.32 29.49
N LEU D 196 -9.20 -21.63 30.75
CA LEU D 196 -10.07 -20.81 31.58
C LEU D 196 -9.26 -20.13 32.68
N ASP D 197 -9.54 -18.85 32.91
CA ASP D 197 -8.78 -18.07 33.88
C ASP D 197 -9.36 -18.27 35.27
N LYS D 198 -8.90 -17.46 36.23
CA LYS D 198 -9.39 -17.54 37.60
C LYS D 198 -10.91 -17.41 37.67
N HIS D 199 -11.51 -16.65 36.76
CA HIS D 199 -12.93 -16.35 36.82
C HIS D 199 -13.78 -17.26 35.95
N GLY D 200 -13.17 -18.10 35.12
CA GLY D 200 -13.92 -18.94 34.22
C GLY D 200 -14.10 -18.37 32.82
N HIS D 201 -13.28 -17.40 32.43
CA HIS D 201 -13.35 -16.77 31.13
C HIS D 201 -12.26 -17.33 30.22
N LEU D 202 -12.57 -17.40 28.94
CA LEU D 202 -11.76 -18.15 27.97
C LEU D 202 -10.67 -17.28 27.37
N LYS D 203 -9.46 -17.83 27.32
CA LYS D 203 -8.35 -17.32 26.52
C LYS D 203 -7.87 -18.46 25.62
N LEU D 204 -6.96 -18.15 24.71
CA LEU D 204 -6.58 -19.09 23.66
C LEU D 204 -5.08 -19.41 23.73
N ALA D 205 -4.77 -20.70 23.75
CA ALA D 205 -3.63 -21.25 22.99
C ALA D 205 -2.31 -20.61 23.48
N ASP D 206 -1.24 -20.47 22.67
CA ASP D 206 -0.93 -21.08 21.37
C ASP D 206 0.19 -22.10 21.52
N PHE D 207 0.00 -23.27 20.92
CA PHE D 207 0.94 -24.38 21.08
C PHE D 207 1.96 -24.44 19.95
N GLY D 208 2.39 -23.28 19.45
CA GLY D 208 3.37 -23.26 18.38
C GLY D 208 2.83 -23.48 16.99
N THR D 209 1.52 -23.28 16.80
CA THR D 209 0.92 -23.40 15.49
C THR D 209 0.57 -22.07 14.84
N CYS D 210 0.51 -20.98 15.62
CA CYS D 210 0.15 -19.68 15.05
C CYS D 210 1.13 -19.26 13.98
N MET D 211 0.61 -18.80 12.85
CA MET D 211 1.40 -18.50 11.67
C MET D 211 1.00 -17.13 11.14
N LYS D 212 1.99 -16.39 10.66
CA LYS D 212 1.78 -15.01 10.25
C LYS D 212 1.26 -14.94 8.82
N MET D 213 0.27 -14.06 8.61
CA MET D 213 -0.39 -13.95 7.32
C MET D 213 0.43 -13.14 6.33
N ASP D 214 0.38 -13.56 5.06
CA ASP D 214 0.71 -12.72 3.92
C ASP D 214 -0.07 -11.41 3.98
N GLU D 215 0.30 -10.45 3.12
CA GLU D 215 -0.62 -9.36 2.87
C GLU D 215 -1.79 -9.79 1.99
N THR D 216 -1.72 -11.00 1.40
CA THR D 216 -2.92 -11.60 0.84
C THR D 216 -3.93 -11.94 1.92
N GLY D 217 -3.49 -12.08 3.16
CA GLY D 217 -4.29 -12.63 4.22
C GLY D 217 -4.15 -14.12 4.42
N MET D 218 -3.20 -14.76 3.76
CA MET D 218 -3.13 -16.22 3.67
C MET D 218 -1.74 -16.69 4.07
N VAL D 219 -1.58 -18.01 4.14
CA VAL D 219 -0.32 -18.65 4.45
C VAL D 219 -0.12 -19.81 3.48
N HIS D 220 1.12 -20.05 3.10
CA HIS D 220 1.49 -21.27 2.38
C HIS D 220 2.15 -22.22 3.37
N CYS D 221 1.62 -23.44 3.44
CA CYS D 221 2.20 -24.47 4.30
C CYS D 221 2.03 -25.81 3.61
N ASP D 222 3.08 -26.64 3.71
CA ASP D 222 3.14 -27.94 3.05
C ASP D 222 2.67 -29.07 3.94
N THR D 223 2.37 -28.81 5.21
CA THR D 223 2.30 -29.86 6.22
C THR D 223 1.12 -29.58 7.15
N ALA D 224 0.13 -30.46 7.12
CA ALA D 224 -1.07 -30.29 7.94
C ALA D 224 -0.70 -30.28 9.42
N VAL D 225 -1.35 -29.40 10.18
CA VAL D 225 -1.15 -29.31 11.62
C VAL D 225 -2.50 -29.27 12.31
N GLY D 226 -2.52 -29.76 13.55
CA GLY D 226 -3.75 -29.85 14.33
C GLY D 226 -4.10 -31.28 14.67
N THR D 227 -4.99 -31.47 15.64
CA THR D 227 -5.45 -32.83 15.87
C THR D 227 -6.50 -33.18 14.81
N PRO D 228 -6.49 -34.41 14.30
CA PRO D 228 -7.27 -34.72 13.09
C PRO D 228 -8.74 -34.35 13.15
N ASP D 229 -9.39 -34.47 14.31
CA ASP D 229 -10.82 -34.18 14.38
C ASP D 229 -11.14 -32.73 14.04
N TYR D 230 -10.26 -31.80 14.39
CA TYR D 230 -10.53 -30.37 14.26
C TYR D 230 -9.91 -29.74 13.01
N ILE D 231 -9.28 -30.53 12.15
CA ILE D 231 -8.67 -30.01 10.93
C ILE D 231 -9.75 -29.83 9.87
N SER D 232 -9.63 -28.75 9.08
CA SER D 232 -10.55 -28.39 8.02
C SER D 232 -10.19 -29.08 6.72
N PRO D 233 -11.13 -29.18 5.79
CA PRO D 233 -10.81 -29.82 4.49
C PRO D 233 -9.67 -29.15 3.75
N GLU D 234 -9.62 -27.82 3.70
CA GLU D 234 -8.61 -27.16 2.89
C GLU D 234 -7.20 -27.40 3.42
N VAL D 235 -7.06 -27.66 4.73
CA VAL D 235 -5.73 -27.95 5.27
C VAL D 235 -5.32 -29.37 4.93
N LEU D 236 -6.27 -30.32 4.93
CA LEU D 236 -5.94 -31.69 4.56
C LEU D 236 -5.58 -31.79 3.08
N LYS D 237 -6.11 -30.91 2.24
CA LYS D 237 -5.86 -30.92 0.81
C LYS D 237 -4.79 -29.92 0.37
N SER D 238 -4.14 -29.24 1.31
CA SER D 238 -3.06 -28.31 1.01
C SER D 238 -1.74 -28.93 1.49
N GLN D 239 -1.26 -29.94 0.74
CA GLN D 239 -0.19 -30.80 1.21
C GLN D 239 1.08 -30.80 0.37
N GLY D 240 1.01 -30.38 -0.88
CA GLY D 240 2.23 -30.35 -1.68
C GLY D 240 2.40 -29.05 -2.42
N GLY D 241 1.53 -28.10 -2.13
CA GLY D 241 1.34 -26.95 -2.97
C GLY D 241 -0.11 -26.83 -3.39
N ASP D 242 -0.40 -25.72 -4.09
CA ASP D 242 -1.74 -25.14 -4.03
C ASP D 242 -2.14 -25.01 -2.56
N GLY D 243 -1.12 -24.92 -1.70
CA GLY D 243 -1.23 -25.10 -0.27
C GLY D 243 -1.46 -23.76 0.38
N TYR D 244 -2.57 -23.15 -0.01
CA TYR D 244 -2.85 -21.74 0.23
C TYR D 244 -4.18 -21.68 0.96
N TYR D 245 -4.14 -21.35 2.24
CA TYR D 245 -5.37 -21.22 3.02
C TYR D 245 -5.27 -20.01 3.93
N GLY D 246 -6.43 -19.53 4.37
CA GLY D 246 -6.51 -18.33 5.16
C GLY D 246 -7.24 -18.49 6.47
N ARG D 247 -7.71 -17.38 7.05
CA ARG D 247 -8.28 -17.41 8.39
C ARG D 247 -9.59 -18.17 8.47
N GLU D 248 -10.16 -18.57 7.32
CA GLU D 248 -11.39 -19.36 7.37
C GLU D 248 -11.16 -20.77 7.89
N CYS D 249 -9.91 -21.22 7.96
CA CYS D 249 -9.64 -22.54 8.54
C CYS D 249 -9.85 -22.52 10.05
N ASP D 250 -9.71 -21.36 10.68
CA ASP D 250 -10.01 -21.27 12.11
C ASP D 250 -11.51 -21.35 12.38
N TRP D 251 -12.34 -20.85 11.44
CA TRP D 251 -13.78 -20.84 11.67
C TRP D 251 -14.39 -22.23 11.52
N TRP D 252 -13.80 -23.08 10.68
CA TRP D 252 -14.20 -24.48 10.65
C TRP D 252 -14.10 -25.10 12.04
N SER D 253 -13.01 -24.83 12.75
CA SER D 253 -12.79 -25.41 14.07
C SER D 253 -13.85 -24.96 15.08
N VAL D 254 -14.34 -23.73 14.96
CA VAL D 254 -15.40 -23.27 15.84
C VAL D 254 -16.65 -24.10 15.65
N GLY D 255 -16.99 -24.40 14.39
CA GLY D 255 -18.13 -25.27 14.13
C GLY D 255 -17.96 -26.66 14.71
N VAL D 256 -16.77 -27.23 14.56
CA VAL D 256 -16.49 -28.54 15.19
C VAL D 256 -16.61 -28.43 16.70
N PHE D 257 -16.06 -27.35 17.27
CA PHE D 257 -16.12 -27.15 18.72
C PHE D 257 -17.56 -27.14 19.22
N LEU D 258 -18.42 -26.39 18.54
CA LEU D 258 -19.81 -26.28 18.97
C LEU D 258 -20.54 -27.62 18.87
N PHE D 259 -20.20 -28.44 17.87
CA PHE D 259 -20.81 -29.77 17.77
C PHE D 259 -20.35 -30.66 18.92
N GLU D 260 -19.03 -30.73 19.15
CA GLU D 260 -18.53 -31.53 20.26
C GLU D 260 -19.12 -31.08 21.59
N MET D 261 -19.34 -29.77 21.75
CA MET D 261 -19.83 -29.26 23.01
C MET D 261 -21.27 -29.67 23.26
N LEU D 262 -22.14 -29.56 22.24
CA LEU D 262 -23.55 -29.86 22.41
C LEU D 262 -23.89 -31.33 22.17
N VAL D 263 -23.07 -32.07 21.43
CA VAL D 263 -23.39 -33.45 21.09
C VAL D 263 -22.61 -34.41 21.98
N GLY D 264 -21.43 -33.98 22.45
CA GLY D 264 -20.61 -34.85 23.24
C GLY D 264 -19.77 -35.82 22.45
N ASP D 265 -19.73 -35.68 21.13
CA ASP D 265 -18.82 -36.40 20.26
C ASP D 265 -18.42 -35.47 19.12
N THR D 266 -17.24 -35.72 18.55
CA THR D 266 -16.79 -34.87 17.46
C THR D 266 -17.58 -35.17 16.19
N PRO D 267 -17.82 -34.14 15.36
CA PRO D 267 -18.69 -34.34 14.17
C PRO D 267 -18.19 -35.40 13.21
N PHE D 268 -16.89 -35.61 13.09
CA PHE D 268 -16.34 -36.53 12.09
C PHE D 268 -15.51 -37.63 12.75
N TYR D 269 -15.95 -38.08 13.93
CA TYR D 269 -15.19 -39.10 14.65
C TYR D 269 -15.22 -40.42 13.92
N ALA D 270 -14.11 -41.14 13.97
CA ALA D 270 -14.01 -42.52 13.50
C ALA D 270 -12.80 -43.15 14.19
N ASP D 271 -12.81 -44.48 14.27
CA ASP D 271 -11.77 -45.18 15.01
C ASP D 271 -10.44 -45.26 14.28
N SER D 272 -10.41 -44.96 12.98
CA SER D 272 -9.16 -44.89 12.23
C SER D 272 -8.85 -43.45 11.86
N LEU D 273 -7.58 -43.20 11.54
CA LEU D 273 -7.19 -41.86 11.12
C LEU D 273 -7.77 -41.55 9.73
N VAL D 274 -7.56 -42.45 8.78
CA VAL D 274 -8.12 -42.25 7.44
C VAL D 274 -9.64 -42.23 7.50
N GLY D 275 -10.23 -42.86 8.52
CA GLY D 275 -11.66 -42.75 8.69
C GLY D 275 -12.11 -41.34 9.03
N THR D 276 -11.37 -40.67 9.93
CA THR D 276 -11.66 -39.27 10.22
C THR D 276 -11.36 -38.39 9.03
N TYR D 277 -10.22 -38.62 8.37
CA TYR D 277 -9.87 -37.93 7.14
C TYR D 277 -10.99 -38.05 6.10
N SER D 278 -11.43 -39.28 5.84
CA SER D 278 -12.42 -39.52 4.81
C SER D 278 -13.75 -38.83 5.11
N LYS D 279 -14.11 -38.70 6.39
CA LYS D 279 -15.35 -38.02 6.73
C LYS D 279 -15.24 -36.52 6.58
N ILE D 280 -14.10 -35.94 6.96
CA ILE D 280 -13.92 -34.49 6.83
C ILE D 280 -14.01 -34.08 5.37
N MET D 281 -13.31 -34.80 4.48
CA MET D 281 -13.41 -34.54 3.05
C MET D 281 -14.85 -34.63 2.58
N ASP D 282 -15.55 -35.69 2.99
CA ASP D 282 -16.92 -35.99 2.58
C ASP D 282 -17.95 -35.38 3.52
N HIS D 283 -17.72 -34.14 3.97
CA HIS D 283 -18.49 -33.59 5.07
C HIS D 283 -19.88 -33.10 4.66
N LYS D 284 -20.12 -32.84 3.37
CA LYS D 284 -21.48 -32.57 2.95
C LYS D 284 -22.37 -33.77 3.21
N ASN D 285 -21.81 -34.97 3.11
CA ASN D 285 -22.55 -36.21 3.31
C ASN D 285 -22.33 -36.85 4.67
N SER D 286 -21.23 -36.54 5.34
CA SER D 286 -20.91 -37.22 6.60
C SER D 286 -21.40 -36.47 7.83
N LEU D 287 -21.56 -35.15 7.74
CA LEU D 287 -22.06 -34.40 8.89
C LEU D 287 -23.50 -34.78 9.16
N CYS D 288 -23.80 -35.01 10.44
CA CYS D 288 -25.17 -35.33 10.85
C CYS D 288 -25.30 -35.10 12.35
N PHE D 289 -26.50 -34.73 12.77
CA PHE D 289 -26.85 -34.59 14.17
C PHE D 289 -27.75 -35.74 14.58
N PRO D 290 -27.40 -36.49 15.63
CA PRO D 290 -28.36 -37.48 16.16
C PRO D 290 -29.66 -36.81 16.58
N GLU D 291 -30.77 -37.49 16.30
CA GLU D 291 -32.08 -36.92 16.63
C GLU D 291 -32.32 -36.92 18.14
N ASP D 292 -31.74 -37.88 18.86
CA ASP D 292 -31.82 -37.88 20.32
C ASP D 292 -31.02 -36.74 20.94
N ALA D 293 -30.04 -36.20 20.22
CA ALA D 293 -29.34 -35.00 20.66
C ALA D 293 -30.17 -33.79 20.23
N GLU D 294 -30.99 -33.28 21.15
CA GLU D 294 -31.91 -32.19 20.85
C GLU D 294 -31.14 -30.88 20.82
N ILE D 295 -30.89 -30.38 19.61
CA ILE D 295 -30.19 -29.13 19.38
C ILE D 295 -31.19 -28.14 18.80
N SER D 296 -31.13 -26.89 19.27
CA SER D 296 -31.95 -25.87 18.64
C SER D 296 -31.60 -25.74 17.16
N LYS D 297 -32.58 -25.32 16.36
CA LYS D 297 -32.31 -25.21 14.94
C LYS D 297 -31.42 -24.01 14.63
N HIS D 298 -31.26 -23.07 15.56
CA HIS D 298 -30.27 -22.02 15.40
C HIS D 298 -28.86 -22.56 15.61
N ALA D 299 -28.67 -23.36 16.66
CA ALA D 299 -27.36 -23.96 16.91
C ALA D 299 -26.97 -24.89 15.78
N LYS D 300 -27.89 -25.75 15.35
CA LYS D 300 -27.65 -26.60 14.18
C LYS D 300 -27.32 -25.76 12.96
N ASN D 301 -27.99 -24.63 12.79
CA ASN D 301 -27.75 -23.77 11.63
C ASN D 301 -26.34 -23.18 11.67
N LEU D 302 -25.90 -22.71 12.84
CA LEU D 302 -24.57 -22.14 12.97
C LEU D 302 -23.50 -23.20 12.77
N ILE D 303 -23.71 -24.41 13.30
CA ILE D 303 -22.75 -25.48 13.14
C ILE D 303 -22.56 -25.82 11.66
N CYS D 304 -23.66 -25.87 10.90
CA CYS D 304 -23.57 -26.15 9.48
C CYS D 304 -23.01 -24.96 8.71
N ALA D 305 -23.24 -23.74 9.21
CA ALA D 305 -22.69 -22.57 8.53
C ALA D 305 -21.17 -22.58 8.56
N PHE D 306 -20.57 -23.08 9.65
CA PHE D 306 -19.12 -23.16 9.76
C PHE D 306 -18.56 -24.37 9.03
N LEU D 307 -19.28 -25.48 9.02
CA LEU D 307 -18.78 -26.72 8.44
C LEU D 307 -19.14 -26.85 6.96
N THR D 308 -18.66 -25.88 6.19
CA THR D 308 -18.87 -25.84 4.75
C THR D 308 -17.52 -25.78 4.05
N ASP D 309 -17.53 -26.07 2.75
CA ASP D 309 -16.47 -25.60 1.88
C ASP D 309 -16.20 -24.14 2.17
N ARG D 310 -14.91 -23.80 2.31
CA ARG D 310 -14.49 -22.45 2.64
C ARG D 310 -15.15 -21.39 1.77
N GLU D 311 -15.48 -21.74 0.52
CA GLU D 311 -15.97 -20.76 -0.45
C GLU D 311 -17.22 -20.04 0.03
N VAL D 312 -17.98 -20.63 0.95
CA VAL D 312 -19.20 -20.04 1.46
C VAL D 312 -19.30 -20.26 2.96
N ARG D 313 -18.15 -20.40 3.62
CA ARG D 313 -18.14 -20.64 5.06
C ARG D 313 -18.41 -19.33 5.81
N LEU D 314 -19.07 -19.46 6.95
CA LEU D 314 -19.34 -18.30 7.78
C LEU D 314 -18.03 -17.69 8.26
N GLY D 315 -18.02 -16.35 8.36
CA GLY D 315 -16.81 -15.65 8.71
C GLY D 315 -15.88 -15.37 7.56
N ARG D 316 -16.16 -15.90 6.36
CA ARG D 316 -15.43 -15.44 5.18
C ARG D 316 -15.72 -13.98 4.89
N ASN D 317 -16.86 -13.46 5.37
CA ASN D 317 -17.28 -12.09 5.16
C ASN D 317 -16.82 -11.15 6.26
N GLY D 318 -15.99 -11.62 7.18
CA GLY D 318 -15.69 -10.85 8.36
C GLY D 318 -16.53 -11.28 9.55
N VAL D 319 -16.06 -10.93 10.74
CA VAL D 319 -16.62 -11.49 11.97
C VAL D 319 -17.99 -10.91 12.30
N GLU D 320 -18.37 -9.78 11.71
CA GLU D 320 -19.63 -9.14 12.07
C GLU D 320 -20.82 -10.04 11.78
N GLU D 321 -20.78 -10.79 10.67
CA GLU D 321 -21.93 -11.64 10.34
C GLU D 321 -21.94 -12.93 11.14
N ILE D 322 -20.84 -13.29 11.81
CA ILE D 322 -20.92 -14.29 12.87
C ILE D 322 -21.67 -13.73 14.07
N LYS D 323 -21.34 -12.49 14.45
CA LYS D 323 -21.93 -11.88 15.64
C LYS D 323 -23.44 -11.74 15.53
N GLN D 324 -23.98 -11.68 14.31
CA GLN D 324 -25.41 -11.44 14.11
C GLN D 324 -26.19 -12.71 13.88
N HIS D 325 -25.60 -13.88 14.12
CA HIS D 325 -26.33 -15.13 13.95
C HIS D 325 -27.32 -15.31 15.10
N PRO D 326 -28.56 -15.73 14.80
CA PRO D 326 -29.58 -15.84 15.86
C PRO D 326 -29.14 -16.63 17.09
N PHE D 327 -28.24 -17.60 16.91
CA PHE D 327 -27.81 -18.44 18.03
C PHE D 327 -27.26 -17.63 19.19
N PHE D 328 -26.63 -16.48 18.90
CA PHE D 328 -25.99 -15.67 19.93
C PHE D 328 -26.93 -14.69 20.62
N LYS D 329 -28.20 -14.61 20.21
CA LYS D 329 -29.14 -13.72 20.86
C LYS D 329 -29.45 -14.26 22.25
N ASN D 330 -29.21 -13.44 23.28
CA ASN D 330 -29.35 -13.89 24.66
C ASN D 330 -29.59 -12.68 25.55
N ASP D 331 -29.76 -12.94 26.85
CA ASP D 331 -30.03 -11.90 27.83
C ASP D 331 -28.89 -11.66 28.82
N GLN D 332 -27.95 -12.59 28.95
CA GLN D 332 -26.94 -12.47 29.99
C GLN D 332 -25.80 -11.53 29.60
N TRP D 333 -25.51 -11.41 28.31
CA TRP D 333 -24.35 -10.64 27.86
C TRP D 333 -24.60 -10.14 26.45
N ASN D 334 -23.82 -9.12 26.06
CA ASN D 334 -23.67 -8.74 24.67
C ASN D 334 -22.19 -8.60 24.35
N TRP D 335 -21.89 -8.48 23.06
CA TRP D 335 -20.56 -8.83 22.55
C TRP D 335 -19.47 -7.92 23.12
N ASP D 336 -19.71 -6.61 23.14
CA ASP D 336 -18.64 -5.70 23.53
C ASP D 336 -18.38 -5.66 25.03
N ASN D 337 -19.10 -6.46 25.83
CA ASN D 337 -18.84 -6.50 27.26
C ASN D 337 -18.81 -7.91 27.84
N ILE D 338 -18.82 -8.96 27.01
CA ILE D 338 -19.04 -10.30 27.53
C ILE D 338 -17.97 -10.69 28.54
N ARG D 339 -16.75 -10.16 28.38
CA ARG D 339 -15.66 -10.58 29.25
C ARG D 339 -15.71 -9.94 30.64
N GLU D 340 -16.74 -9.15 30.93
CA GLU D 340 -16.98 -8.66 32.28
C GLU D 340 -18.37 -9.07 32.78
N THR D 341 -18.91 -10.16 32.23
CA THR D 341 -20.14 -10.77 32.72
C THR D 341 -19.81 -12.08 33.43
N ALA D 342 -20.82 -12.69 34.01
CA ALA D 342 -20.63 -13.89 34.82
C ALA D 342 -20.30 -15.08 33.95
N ALA D 343 -19.10 -15.64 34.15
CA ALA D 343 -18.79 -16.92 33.54
C ALA D 343 -19.75 -17.98 34.08
N PRO D 344 -20.16 -18.93 33.24
CA PRO D 344 -21.12 -19.94 33.72
C PRO D 344 -20.49 -21.00 34.62
N VAL D 345 -19.17 -21.12 34.63
CA VAL D 345 -18.47 -22.09 35.48
C VAL D 345 -17.34 -21.34 36.17
N VAL D 346 -17.51 -21.01 37.44
CA VAL D 346 -16.51 -20.30 38.24
C VAL D 346 -15.70 -21.33 39.00
N PRO D 347 -14.37 -21.36 38.88
CA PRO D 347 -13.57 -22.38 39.57
C PRO D 347 -13.43 -22.09 41.05
N GLU D 348 -13.23 -23.15 41.82
CA GLU D 348 -13.08 -23.09 43.27
C GLU D 348 -11.59 -23.17 43.59
N LEU D 349 -10.97 -22.02 43.83
CA LEU D 349 -9.50 -21.92 43.88
C LEU D 349 -9.06 -21.59 45.30
N SER D 350 -8.76 -22.64 46.07
CA SER D 350 -8.38 -22.49 47.47
C SER D 350 -7.06 -21.76 47.62
N SER D 351 -6.11 -21.99 46.71
CA SER D 351 -4.79 -21.39 46.79
C SER D 351 -4.34 -20.99 45.40
N ASP D 352 -3.31 -20.16 45.34
CA ASP D 352 -2.81 -19.75 44.03
C ASP D 352 -2.03 -20.84 43.33
N ILE D 353 -2.08 -22.07 43.82
CA ILE D 353 -1.38 -23.19 43.20
C ILE D 353 -2.32 -24.38 43.10
N ASP D 354 -3.62 -24.15 43.33
CA ASP D 354 -4.61 -25.18 43.09
C ASP D 354 -4.57 -25.58 41.62
N SER D 355 -4.21 -26.83 41.35
CA SER D 355 -4.15 -27.36 40.00
C SER D 355 -5.16 -28.46 39.76
N SER D 356 -6.25 -28.46 40.54
CA SER D 356 -7.27 -29.51 40.44
C SER D 356 -7.75 -29.70 39.01
N ASN D 357 -7.87 -28.61 38.25
CA ASN D 357 -8.44 -28.65 36.91
C ASN D 357 -7.44 -29.12 35.85
N PHE D 358 -6.35 -29.76 36.25
CA PHE D 358 -5.45 -30.44 35.33
C PHE D 358 -5.25 -31.86 35.81
N ASP D 359 -5.35 -32.82 34.90
CA ASP D 359 -5.04 -34.20 35.25
C ASP D 359 -3.58 -34.33 35.63
N ASP D 360 -3.26 -35.41 36.33
CA ASP D 360 -1.88 -35.64 36.75
C ASP D 360 -1.11 -36.37 35.66
N ILE D 361 0.21 -36.28 35.74
CA ILE D 361 1.11 -36.73 34.68
C ILE D 361 2.33 -37.36 35.34
N GLU D 362 2.77 -38.50 34.81
CA GLU D 362 3.80 -39.30 35.45
C GLU D 362 5.19 -38.92 34.95
N ASP D 363 6.19 -39.26 35.77
CA ASP D 363 7.59 -39.01 35.44
C ASP D 363 8.24 -40.26 34.85
N VAL D 368 15.41 -35.76 27.33
CA VAL D 368 16.65 -36.06 28.03
C VAL D 368 17.85 -35.87 27.11
N GLU D 369 17.64 -35.25 25.96
CA GLU D 369 18.48 -35.45 24.78
C GLU D 369 19.05 -34.14 24.26
N THR D 370 20.38 -34.03 24.26
CA THR D 370 21.09 -32.84 23.83
C THR D 370 21.66 -32.99 22.42
N PHE D 371 22.33 -31.93 21.96
CA PHE D 371 23.10 -31.99 20.72
C PHE D 371 24.31 -32.91 20.90
N PRO D 372 24.92 -33.34 19.80
CA PRO D 372 26.18 -34.06 19.90
C PRO D 372 27.35 -33.10 20.06
N ILE D 373 28.37 -33.56 20.79
CA ILE D 373 29.60 -32.78 20.89
C ILE D 373 30.20 -32.66 19.48
N PRO D 374 30.56 -31.47 19.03
CA PRO D 374 31.07 -31.30 17.67
C PRO D 374 32.55 -31.60 17.55
N LYS D 375 32.96 -31.88 16.30
CA LYS D 375 34.36 -31.94 15.93
C LYS D 375 34.83 -30.66 15.26
N ALA D 376 33.90 -29.89 14.70
CA ALA D 376 34.17 -28.56 14.17
C ALA D 376 33.03 -27.64 14.61
N PHE D 377 33.21 -26.35 14.36
CA PHE D 377 32.13 -25.41 14.65
C PHE D 377 30.93 -25.73 13.78
N VAL D 378 29.76 -25.88 14.40
CA VAL D 378 28.54 -26.20 13.68
C VAL D 378 27.42 -25.26 14.10
N GLY D 379 27.63 -24.51 15.18
CA GLY D 379 26.72 -23.47 15.59
C GLY D 379 25.31 -23.91 15.95
N ASN D 380 25.20 -24.94 16.81
CA ASN D 380 23.89 -25.44 17.20
C ASN D 380 23.05 -24.38 17.90
N GLN D 381 23.70 -23.38 18.50
CA GLN D 381 23.00 -22.39 19.30
C GLN D 381 22.65 -21.13 18.53
N LEU D 382 23.22 -20.95 17.34
CA LEU D 382 22.91 -19.77 16.54
C LEU D 382 21.42 -19.58 16.27
N PRO D 383 20.60 -20.60 16.03
CA PRO D 383 19.18 -20.36 15.74
C PRO D 383 18.39 -19.72 16.87
N PHE D 384 18.89 -19.78 18.11
CA PHE D 384 18.13 -19.29 19.26
C PHE D 384 18.56 -17.90 19.71
N ILE D 385 19.34 -17.18 18.91
CA ILE D 385 19.77 -15.84 19.25
C ILE D 385 18.61 -14.87 19.07
N GLY D 386 18.27 -14.14 20.12
CA GLY D 386 17.13 -13.25 20.12
C GLY D 386 15.86 -13.85 20.72
N PHE D 387 15.90 -15.12 21.14
CA PHE D 387 14.72 -15.74 21.73
C PHE D 387 14.37 -15.17 23.10
N THR D 388 15.33 -14.55 23.78
CA THR D 388 15.10 -14.09 25.15
C THR D 388 14.24 -12.83 25.17
N TYR D 389 13.29 -12.80 26.12
CA TYR D 389 12.25 -11.79 26.13
C TYR D 389 11.92 -11.39 27.57
N TYR D 390 12.02 -10.10 27.87
CA TYR D 390 11.61 -9.56 29.17
C TYR D 390 10.50 -8.54 28.96
N ARG D 391 10.27 -7.69 29.96
CA ARG D 391 9.30 -6.59 29.85
C ARG D 391 9.79 -5.37 30.62
#